data_1WZ8
#
_entry.id   1WZ8
#
_cell.length_a   76.485
_cell.length_b   127.065
_cell.length_c   146.393
_cell.angle_alpha   90.00
_cell.angle_beta   90.00
_cell.angle_gamma   90.00
#
_symmetry.space_group_name_H-M   'P 21 21 21'
#
loop_
_entity.id
_entity.type
_entity.pdbx_description
1 polymer 'enoyl-CoA hydratase'
2 non-polymer (4S)-2-METHYL-2,4-PENTANEDIOL
3 water water
#
_entity_poly.entity_id   1
_entity_poly.type   'polypeptide(L)'
_entity_poly.pdbx_seq_one_letter_code
;MLASLEARYPGLAFAWPRPGVLEITFRGEKLNAMPPALHRGLARVWRDLEAVEGVRAVLLRGEGGVFSAGGSFGLIEEMR
ASHEALLRVFWEARDLVLGPLNFPRPVVAAVEKVAVGAGLALALAADIAVVGKGTRLLDGHLRLGVAAGDHAVLLWPLLV
GMAKAKYHLLLNEPLTGEEAERLGLVALAVEDEKVYEKALEVAERLAQGPKEALHHTKHALNHWYRSFLPHFELSLALEF
LGFSGKELEEGLKALKEKRPPEFP
;
_entity_poly.pdbx_strand_id   A,B,C,D,E,F
#
loop_
_chem_comp.id
_chem_comp.type
_chem_comp.name
_chem_comp.formula
MPD non-polymer (4S)-2-METHYL-2,4-PENTANEDIOL 'C6 H14 O2'
#
# COMPACT_ATOMS: atom_id res chain seq x y z
N LEU A 2 35.93 -7.73 -13.89
CA LEU A 2 37.23 -7.89 -14.59
C LEU A 2 37.48 -9.37 -14.92
N ALA A 3 38.72 -9.80 -14.83
CA ALA A 3 39.08 -11.19 -15.13
C ALA A 3 38.16 -12.21 -14.47
N SER A 4 37.90 -12.03 -13.18
CA SER A 4 37.03 -12.95 -12.45
C SER A 4 35.59 -12.93 -12.97
N LEU A 5 35.13 -11.76 -13.39
CA LEU A 5 33.77 -11.63 -13.92
C LEU A 5 33.71 -12.22 -15.32
N GLU A 6 34.65 -11.81 -16.17
CA GLU A 6 34.72 -12.32 -17.53
C GLU A 6 34.79 -13.84 -17.50
N ALA A 7 35.57 -14.37 -16.57
CA ALA A 7 35.74 -15.81 -16.41
C ALA A 7 34.47 -16.54 -16.01
N ARG A 8 33.60 -15.86 -15.26
CA ARG A 8 32.35 -16.45 -14.79
C ARG A 8 31.10 -16.18 -15.60
N TYR A 9 31.12 -15.18 -16.46
CA TYR A 9 29.94 -14.85 -17.25
C TYR A 9 30.12 -14.90 -18.76
N PRO A 10 30.07 -16.10 -19.34
CA PRO A 10 30.22 -16.22 -20.79
C PRO A 10 29.05 -15.51 -21.45
N GLY A 11 29.33 -14.70 -22.46
CA GLY A 11 28.27 -13.96 -23.13
C GLY A 11 28.33 -12.50 -22.72
N LEU A 12 28.99 -12.22 -21.60
CA LEU A 12 29.13 -10.85 -21.12
C LEU A 12 30.57 -10.39 -21.24
N ALA A 13 30.76 -9.14 -21.65
CA ALA A 13 32.08 -8.54 -21.79
C ALA A 13 32.09 -7.33 -20.88
N PHE A 14 33.21 -7.09 -20.20
CA PHE A 14 33.31 -5.97 -19.29
C PHE A 14 34.46 -5.03 -19.66
N ALA A 15 34.20 -3.73 -19.56
CA ALA A 15 35.21 -2.73 -19.89
C ALA A 15 34.94 -1.42 -19.16
N TRP A 16 35.95 -0.55 -19.11
CA TRP A 16 35.83 0.75 -18.47
C TRP A 16 36.04 1.83 -19.54
N PRO A 17 35.01 2.10 -20.37
CA PRO A 17 35.13 3.12 -21.41
C PRO A 17 35.46 4.51 -20.88
N ARG A 18 35.01 4.79 -19.65
CA ARG A 18 35.27 6.07 -19.00
C ARG A 18 35.49 5.80 -17.52
N PRO A 19 36.20 6.70 -16.83
CA PRO A 19 36.47 6.52 -15.40
C PRO A 19 35.20 6.25 -14.58
N GLY A 20 35.19 5.13 -13.87
CA GLY A 20 34.06 4.78 -13.03
C GLY A 20 32.86 4.19 -13.75
N VAL A 21 32.93 4.11 -15.07
CA VAL A 21 31.83 3.56 -15.84
C VAL A 21 32.10 2.12 -16.25
N LEU A 22 31.41 1.18 -15.62
CA LEU A 22 31.60 -0.22 -15.95
C LEU A 22 30.62 -0.54 -17.08
N GLU A 23 31.17 -0.84 -18.25
CA GLU A 23 30.33 -1.14 -19.39
C GLU A 23 30.18 -2.64 -19.56
N ILE A 24 28.94 -3.10 -19.61
CA ILE A 24 28.65 -4.52 -19.78
C ILE A 24 28.03 -4.72 -21.15
N THR A 25 28.74 -5.41 -22.04
CA THR A 25 28.27 -5.69 -23.38
C THR A 25 27.83 -7.15 -23.42
N PHE A 26 26.60 -7.41 -23.84
CA PHE A 26 26.14 -8.79 -23.90
C PHE A 26 25.95 -9.25 -25.34
N ARG A 27 26.23 -10.52 -25.56
CA ARG A 27 26.14 -11.11 -26.88
C ARG A 27 25.23 -12.34 -26.86
N GLY A 28 24.17 -12.30 -27.66
CA GLY A 28 23.26 -13.42 -27.74
C GLY A 28 23.27 -13.98 -29.15
N GLU A 29 22.12 -14.47 -29.62
CA GLU A 29 22.02 -15.00 -30.98
C GLU A 29 21.68 -13.80 -31.87
N LYS A 30 20.97 -14.01 -32.97
CA LYS A 30 20.62 -12.88 -33.82
C LYS A 30 19.84 -11.86 -33.01
N LEU A 31 20.15 -10.58 -33.20
CA LEU A 31 19.47 -9.52 -32.47
C LEU A 31 19.63 -9.76 -30.98
N ASN A 32 20.69 -10.46 -30.63
CA ASN A 32 21.00 -10.81 -29.25
C ASN A 32 19.85 -11.50 -28.53
N ALA A 33 19.17 -12.40 -29.23
CA ALA A 33 18.09 -13.17 -28.59
C ALA A 33 18.84 -13.87 -27.48
N MET A 34 18.23 -13.98 -26.31
CA MET A 34 18.90 -14.57 -25.17
C MET A 34 18.76 -16.07 -24.95
N PRO A 35 19.87 -16.81 -25.08
CA PRO A 35 19.81 -18.26 -24.85
C PRO A 35 19.72 -18.42 -23.33
N PRO A 36 19.40 -19.62 -22.84
CA PRO A 36 19.29 -19.85 -21.39
C PRO A 36 20.45 -19.27 -20.58
N ALA A 37 21.68 -19.54 -21.01
CA ALA A 37 22.86 -19.06 -20.29
C ALA A 37 22.96 -17.55 -20.18
N LEU A 38 22.64 -16.85 -21.25
CA LEU A 38 22.72 -15.39 -21.24
C LEU A 38 21.64 -14.77 -20.36
N HIS A 39 20.43 -15.32 -20.44
CA HIS A 39 19.34 -14.79 -19.62
C HIS A 39 19.71 -14.91 -18.13
N ARG A 40 20.21 -16.07 -17.74
CA ARG A 40 20.60 -16.26 -16.34
C ARG A 40 21.78 -15.35 -15.97
N GLY A 41 22.71 -15.17 -16.92
CA GLY A 41 23.86 -14.33 -16.68
C GLY A 41 23.47 -12.88 -16.44
N LEU A 42 22.60 -12.36 -17.29
CA LEU A 42 22.15 -10.98 -17.17
C LEU A 42 21.34 -10.77 -15.89
N ALA A 43 20.70 -11.84 -15.42
CA ALA A 43 19.88 -11.75 -14.21
C ALA A 43 20.69 -11.86 -12.93
N ARG A 44 21.76 -12.64 -12.96
CA ARG A 44 22.56 -12.87 -11.77
C ARG A 44 23.82 -12.02 -11.62
N VAL A 45 24.32 -11.45 -12.70
CA VAL A 45 25.55 -10.65 -12.64
C VAL A 45 25.49 -9.51 -11.63
N TRP A 46 24.29 -8.95 -11.42
CA TRP A 46 24.12 -7.84 -10.49
C TRP A 46 24.59 -8.13 -9.07
N ARG A 47 24.42 -9.37 -8.61
CA ARG A 47 24.84 -9.74 -7.27
C ARG A 47 26.35 -9.62 -7.12
N ASP A 48 27.08 -10.12 -8.11
CA ASP A 48 28.54 -10.06 -8.07
C ASP A 48 29.09 -8.66 -8.35
N LEU A 49 28.32 -7.84 -9.06
CA LEU A 49 28.77 -6.49 -9.37
C LEU A 49 28.92 -5.65 -8.11
N GLU A 50 28.14 -5.98 -7.09
CA GLU A 50 28.19 -5.25 -5.83
C GLU A 50 29.58 -5.36 -5.20
N ALA A 51 30.31 -6.42 -5.58
CA ALA A 51 31.64 -6.65 -5.04
C ALA A 51 32.72 -5.83 -5.75
N VAL A 52 32.48 -5.50 -7.02
CA VAL A 52 33.46 -4.73 -7.79
C VAL A 52 33.62 -3.32 -7.26
N GLU A 53 34.85 -2.99 -6.86
CA GLU A 53 35.15 -1.66 -6.35
C GLU A 53 35.41 -0.68 -7.48
N GLY A 54 34.98 0.56 -7.29
CA GLY A 54 35.21 1.57 -8.31
C GLY A 54 34.06 1.81 -9.27
N VAL A 55 33.00 1.00 -9.20
CA VAL A 55 31.87 1.20 -10.11
C VAL A 55 31.05 2.38 -9.62
N ARG A 56 30.91 3.40 -10.48
CA ARG A 56 30.12 4.57 -10.13
C ARG A 56 28.86 4.63 -11.01
N ALA A 57 28.90 3.89 -12.12
CA ALA A 57 27.77 3.80 -13.03
C ALA A 57 27.95 2.60 -13.95
N VAL A 58 26.85 1.95 -14.30
CA VAL A 58 26.89 0.79 -15.19
C VAL A 58 26.24 1.16 -16.52
N LEU A 59 26.88 0.76 -17.61
CA LEU A 59 26.37 1.03 -18.94
C LEU A 59 26.11 -0.30 -19.63
N LEU A 60 24.87 -0.50 -20.07
CA LEU A 60 24.49 -1.74 -20.74
C LEU A 60 24.37 -1.54 -22.23
N ARG A 61 24.93 -2.48 -22.99
CA ARG A 61 24.87 -2.40 -24.44
C ARG A 61 24.92 -3.80 -25.03
N GLY A 62 24.19 -4.00 -26.11
CA GLY A 62 24.18 -5.30 -26.76
C GLY A 62 25.25 -5.28 -27.83
N GLU A 63 25.84 -6.42 -28.12
CA GLU A 63 26.89 -6.48 -29.13
C GLU A 63 26.27 -6.38 -30.52
N GLY A 64 27.06 -5.93 -31.49
CA GLY A 64 26.59 -5.82 -32.85
C GLY A 64 25.66 -4.66 -33.15
N GLY A 65 25.66 -3.65 -32.30
CA GLY A 65 24.82 -2.48 -32.51
C GLY A 65 23.33 -2.72 -32.34
N VAL A 66 22.97 -3.69 -31.49
CA VAL A 66 21.56 -3.99 -31.24
C VAL A 66 21.44 -4.41 -29.79
N PHE A 67 20.37 -3.99 -29.13
CA PHE A 67 20.19 -4.36 -27.73
C PHE A 67 19.76 -5.82 -27.62
N SER A 68 18.45 -6.08 -27.62
CA SER A 68 18.00 -7.47 -27.53
C SER A 68 16.55 -7.71 -27.93
N ALA A 69 16.34 -8.78 -28.69
CA ALA A 69 15.00 -9.17 -29.14
C ALA A 69 14.29 -9.98 -28.06
N GLY A 70 14.98 -10.21 -26.94
CA GLY A 70 14.39 -10.97 -25.85
C GLY A 70 14.80 -12.42 -25.80
N GLY A 71 14.04 -13.24 -25.06
CA GLY A 71 14.35 -14.64 -24.94
C GLY A 71 14.34 -15.37 -26.27
N SER A 72 15.29 -16.28 -26.46
CA SER A 72 15.39 -17.03 -27.71
C SER A 72 14.38 -18.18 -27.73
N PHE A 73 14.15 -18.75 -28.91
CA PHE A 73 13.23 -19.86 -29.05
C PHE A 73 13.70 -21.01 -28.17
N GLY A 74 15.01 -21.21 -28.09
CA GLY A 74 15.56 -22.27 -27.28
C GLY A 74 15.17 -22.15 -25.83
N LEU A 75 15.29 -20.93 -25.30
CA LEU A 75 14.94 -20.66 -23.91
C LEU A 75 13.46 -20.93 -23.65
N ILE A 76 12.61 -20.45 -24.55
CA ILE A 76 11.18 -20.64 -24.41
C ILE A 76 10.81 -22.12 -24.44
N GLU A 77 11.46 -22.87 -25.33
CA GLU A 77 11.20 -24.30 -25.44
C GLU A 77 11.64 -25.04 -24.19
N GLU A 78 12.76 -24.61 -23.61
CA GLU A 78 13.28 -25.23 -22.40
C GLU A 78 12.27 -25.08 -21.27
N MET A 79 11.74 -23.87 -21.14
CA MET A 79 10.76 -23.55 -20.10
C MET A 79 9.52 -24.43 -20.27
N ARG A 80 9.06 -24.52 -21.52
CA ARG A 80 7.87 -25.29 -21.86
C ARG A 80 7.98 -26.80 -21.63
N ALA A 81 9.21 -27.32 -21.68
CA ALA A 81 9.42 -28.75 -21.55
C ALA A 81 9.75 -29.29 -20.15
N SER A 82 9.99 -28.40 -19.20
CA SER A 82 10.35 -28.85 -17.85
C SER A 82 9.86 -27.92 -16.74
N HIS A 83 9.25 -28.49 -15.70
CA HIS A 83 8.79 -27.71 -14.57
C HIS A 83 9.99 -27.07 -13.89
N GLU A 84 11.07 -27.84 -13.78
CA GLU A 84 12.29 -27.36 -13.15
C GLU A 84 12.83 -26.15 -13.91
N ALA A 85 12.85 -26.24 -15.23
CA ALA A 85 13.35 -25.15 -16.06
C ALA A 85 12.45 -23.93 -15.93
N LEU A 86 11.14 -24.16 -15.97
CA LEU A 86 10.18 -23.08 -15.87
C LEU A 86 10.38 -22.25 -14.60
N LEU A 87 10.49 -22.92 -13.46
CA LEU A 87 10.67 -22.18 -12.21
C LEU A 87 12.04 -21.56 -12.04
N ARG A 88 13.07 -22.16 -12.64
CA ARG A 88 14.36 -21.55 -12.50
C ARG A 88 14.38 -20.25 -13.27
N VAL A 89 13.76 -20.25 -14.45
CA VAL A 89 13.66 -19.03 -15.25
C VAL A 89 12.73 -18.02 -14.57
N PHE A 90 11.75 -18.51 -13.81
CA PHE A 90 10.83 -17.61 -13.10
C PHE A 90 11.65 -16.67 -12.23
N TRP A 91 12.53 -17.22 -11.41
CA TRP A 91 13.35 -16.39 -10.53
C TRP A 91 14.37 -15.57 -11.30
N GLU A 92 14.83 -16.06 -12.44
CA GLU A 92 15.77 -15.31 -13.27
C GLU A 92 15.09 -14.07 -13.83
N ALA A 93 13.86 -14.25 -14.32
CA ALA A 93 13.08 -13.14 -14.90
C ALA A 93 12.86 -12.08 -13.83
N ARG A 94 12.55 -12.53 -12.62
CA ARG A 94 12.31 -11.60 -11.52
C ARG A 94 13.58 -10.80 -11.24
N ASP A 95 14.73 -11.48 -11.26
CA ASP A 95 16.00 -10.81 -11.00
C ASP A 95 16.50 -9.94 -12.14
N LEU A 96 16.08 -10.24 -13.36
CA LEU A 96 16.50 -9.45 -14.51
C LEU A 96 16.02 -8.02 -14.34
N VAL A 97 14.91 -7.86 -13.63
CA VAL A 97 14.34 -6.53 -13.37
C VAL A 97 14.79 -5.97 -12.02
N LEU A 98 14.71 -6.79 -10.97
CA LEU A 98 15.10 -6.33 -9.64
C LEU A 98 16.60 -6.14 -9.51
N GLY A 99 17.37 -6.92 -10.28
CA GLY A 99 18.81 -6.80 -10.21
C GLY A 99 19.25 -5.37 -10.42
N PRO A 100 18.89 -4.76 -11.56
CA PRO A 100 19.25 -3.38 -11.83
C PRO A 100 18.62 -2.41 -10.81
N LEU A 101 17.37 -2.66 -10.46
CA LEU A 101 16.67 -1.80 -9.51
C LEU A 101 17.33 -1.77 -8.14
N ASN A 102 17.81 -2.91 -7.69
CA ASN A 102 18.44 -2.97 -6.38
C ASN A 102 19.96 -2.79 -6.39
N PHE A 103 20.55 -2.63 -7.57
CA PHE A 103 21.98 -2.39 -7.66
C PHE A 103 22.16 -0.97 -7.12
N PRO A 104 23.17 -0.72 -6.29
CA PRO A 104 23.37 0.62 -5.73
C PRO A 104 23.75 1.76 -6.67
N ARG A 105 24.45 1.46 -7.77
CA ARG A 105 24.87 2.50 -8.70
C ARG A 105 23.89 2.69 -9.85
N PRO A 106 23.85 3.90 -10.43
CA PRO A 106 22.96 4.19 -11.56
C PRO A 106 23.31 3.29 -12.73
N VAL A 107 22.28 2.82 -13.44
CA VAL A 107 22.46 1.96 -14.60
C VAL A 107 21.87 2.66 -15.82
N VAL A 108 22.66 2.72 -16.89
CA VAL A 108 22.23 3.35 -18.13
C VAL A 108 22.19 2.28 -19.22
N ALA A 109 21.18 2.33 -20.07
CA ALA A 109 21.05 1.38 -21.16
C ALA A 109 21.13 2.09 -22.51
N ALA A 110 22.01 1.61 -23.38
CA ALA A 110 22.15 2.17 -24.72
C ALA A 110 21.29 1.25 -25.58
N VAL A 111 20.01 1.59 -25.70
CA VAL A 111 19.07 0.77 -26.44
C VAL A 111 19.10 1.03 -27.95
N GLU A 112 19.87 0.20 -28.65
CA GLU A 112 20.04 0.32 -30.09
C GLU A 112 19.13 -0.60 -30.89
N LYS A 113 18.46 -0.02 -31.88
CA LYS A 113 17.59 -0.75 -32.82
C LYS A 113 16.41 -1.55 -32.31
N VAL A 114 16.62 -2.46 -31.37
CA VAL A 114 15.54 -3.29 -30.88
C VAL A 114 15.61 -3.64 -29.39
N ALA A 115 14.43 -3.65 -28.76
CA ALA A 115 14.29 -4.01 -27.35
C ALA A 115 12.90 -4.61 -27.26
N VAL A 116 12.85 -5.93 -27.17
CA VAL A 116 11.60 -6.67 -27.09
C VAL A 116 11.64 -7.70 -25.95
N GLY A 117 10.50 -7.97 -25.35
CA GLY A 117 10.42 -8.94 -24.27
C GLY A 117 11.44 -8.70 -23.17
N ALA A 118 12.25 -9.71 -22.86
CA ALA A 118 13.26 -9.59 -21.83
C ALA A 118 14.21 -8.45 -22.16
N GLY A 119 14.37 -8.17 -23.45
CA GLY A 119 15.24 -7.08 -23.86
C GLY A 119 14.71 -5.75 -23.38
N LEU A 120 13.40 -5.55 -23.54
CA LEU A 120 12.77 -4.32 -23.09
C LEU A 120 12.75 -4.29 -21.56
N ALA A 121 12.61 -5.46 -20.94
CA ALA A 121 12.59 -5.54 -19.48
C ALA A 121 13.88 -4.99 -18.91
N LEU A 122 15.01 -5.40 -19.48
CA LEU A 122 16.31 -4.96 -19.03
C LEU A 122 16.49 -3.48 -19.30
N ALA A 123 16.07 -3.04 -20.49
CA ALA A 123 16.19 -1.64 -20.89
C ALA A 123 15.42 -0.71 -19.95
N LEU A 124 14.20 -1.10 -19.61
CA LEU A 124 13.38 -0.28 -18.72
C LEU A 124 13.71 -0.41 -17.24
N ALA A 125 14.42 -1.48 -16.86
CA ALA A 125 14.80 -1.64 -15.46
C ALA A 125 15.95 -0.68 -15.16
N ALA A 126 16.70 -0.33 -16.20
CA ALA A 126 17.81 0.59 -16.04
C ALA A 126 17.23 1.91 -15.56
N ASP A 127 18.06 2.71 -14.92
CA ASP A 127 17.61 4.00 -14.40
C ASP A 127 17.39 4.99 -15.52
N ILE A 128 18.26 4.95 -16.52
CA ILE A 128 18.13 5.85 -17.66
C ILE A 128 18.36 5.06 -18.94
N ALA A 129 17.42 5.17 -19.86
CA ALA A 129 17.55 4.47 -21.13
C ALA A 129 17.63 5.52 -22.22
N VAL A 130 18.59 5.35 -23.12
CA VAL A 130 18.74 6.26 -24.25
C VAL A 130 18.39 5.41 -25.45
N VAL A 131 17.38 5.84 -26.21
CA VAL A 131 16.99 5.09 -27.39
C VAL A 131 17.18 5.92 -28.65
N GLY A 132 17.10 5.25 -29.79
CA GLY A 132 17.22 5.95 -31.06
C GLY A 132 15.82 6.34 -31.47
N LYS A 133 15.68 7.40 -32.25
CA LYS A 133 14.36 7.83 -32.70
C LYS A 133 13.65 6.67 -33.43
N GLY A 134 14.43 5.84 -34.12
CA GLY A 134 13.86 4.73 -34.85
C GLY A 134 13.91 3.37 -34.17
N THR A 135 14.37 3.34 -32.92
CA THR A 135 14.45 2.07 -32.19
C THR A 135 13.03 1.48 -32.07
N ARG A 136 12.94 0.16 -32.11
CA ARG A 136 11.65 -0.52 -31.98
C ARG A 136 11.52 -1.08 -30.57
N LEU A 137 10.51 -0.63 -29.82
CA LEU A 137 10.30 -1.11 -28.46
C LEU A 137 8.96 -1.83 -28.40
N LEU A 138 8.99 -3.10 -27.99
CA LEU A 138 7.77 -3.89 -27.95
C LEU A 138 7.79 -4.94 -26.84
N ASP A 139 6.72 -5.00 -26.07
CA ASP A 139 6.62 -6.00 -25.02
C ASP A 139 6.60 -7.35 -25.76
N GLY A 140 5.66 -7.49 -26.68
CA GLY A 140 5.55 -8.68 -27.51
C GLY A 140 4.99 -9.98 -26.97
N HIS A 141 4.66 -10.03 -25.68
CA HIS A 141 4.16 -11.28 -25.08
C HIS A 141 2.79 -11.73 -25.62
N LEU A 142 1.85 -10.80 -25.80
CA LEU A 142 0.53 -11.16 -26.31
C LEU A 142 0.61 -11.81 -27.69
N ARG A 143 1.62 -11.42 -28.46
CA ARG A 143 1.84 -11.97 -29.78
C ARG A 143 2.30 -13.42 -29.64
N LEU A 144 3.08 -13.68 -28.60
CA LEU A 144 3.60 -15.02 -28.33
C LEU A 144 2.52 -15.92 -27.74
N GLY A 145 1.50 -15.31 -27.13
CA GLY A 145 0.42 -16.08 -26.56
C GLY A 145 0.41 -16.19 -25.04
N VAL A 146 1.21 -15.37 -24.36
CA VAL A 146 1.27 -15.39 -22.91
C VAL A 146 1.12 -13.97 -22.36
N ALA A 147 0.80 -13.87 -21.07
CA ALA A 147 0.63 -12.58 -20.43
C ALA A 147 1.93 -11.78 -20.39
N ALA A 148 1.79 -10.46 -20.35
CA ALA A 148 2.97 -9.59 -20.29
C ALA A 148 3.44 -9.55 -18.84
N GLY A 149 4.16 -10.59 -18.42
CA GLY A 149 4.59 -10.64 -17.04
C GLY A 149 6.07 -10.52 -16.71
N ASP A 150 6.91 -10.17 -17.67
CA ASP A 150 8.33 -10.08 -17.35
C ASP A 150 8.87 -8.71 -16.95
N HIS A 151 8.00 -7.71 -16.86
CA HIS A 151 8.42 -6.37 -16.44
C HIS A 151 7.31 -5.33 -16.55
N ALA A 152 6.48 -5.47 -17.58
CA ALA A 152 5.43 -4.50 -17.86
C ALA A 152 4.53 -4.09 -16.70
N VAL A 153 4.05 -5.06 -15.93
CA VAL A 153 3.18 -4.70 -14.84
C VAL A 153 3.89 -3.98 -13.71
N LEU A 154 5.22 -4.14 -13.62
CA LEU A 154 5.96 -3.44 -12.58
C LEU A 154 6.34 -2.02 -13.02
N LEU A 155 6.80 -1.91 -14.26
CA LEU A 155 7.29 -0.64 -14.78
C LEU A 155 6.39 0.30 -15.57
N TRP A 156 5.62 -0.21 -16.53
CA TRP A 156 4.81 0.67 -17.38
C TRP A 156 3.82 1.67 -16.76
N PRO A 157 3.00 1.24 -15.79
CA PRO A 157 2.07 2.23 -15.22
C PRO A 157 2.72 3.52 -14.72
N LEU A 158 3.85 3.38 -14.04
CA LEU A 158 4.55 4.54 -13.50
C LEU A 158 5.44 5.25 -14.52
N LEU A 159 5.45 4.73 -15.74
CA LEU A 159 6.26 5.34 -16.79
C LEU A 159 5.38 6.12 -17.77
N VAL A 160 4.35 5.46 -18.30
CA VAL A 160 3.47 6.09 -19.28
C VAL A 160 2.00 6.21 -18.90
N GLY A 161 1.62 5.72 -17.73
CA GLY A 161 0.22 5.80 -17.35
C GLY A 161 -0.52 4.57 -17.84
N MET A 162 -1.67 4.29 -17.24
CA MET A 162 -2.45 3.11 -17.58
C MET A 162 -3.06 3.04 -18.98
N ALA A 163 -3.48 4.17 -19.53
CA ALA A 163 -4.08 4.16 -20.87
C ALA A 163 -3.07 3.69 -21.92
N LYS A 164 -1.92 4.34 -21.95
CA LYS A 164 -0.90 3.98 -22.92
C LYS A 164 -0.34 2.59 -22.65
N ALA A 165 -0.26 2.19 -21.39
CA ALA A 165 0.24 0.87 -21.05
C ALA A 165 -0.71 -0.20 -21.58
N LYS A 166 -2.00 -0.06 -21.28
CA LYS A 166 -2.96 -1.05 -21.75
C LYS A 166 -3.02 -1.13 -23.27
N TYR A 167 -2.94 0.03 -23.92
CA TYR A 167 -3.00 0.07 -25.37
C TYR A 167 -1.83 -0.67 -26.04
N HIS A 168 -0.61 -0.37 -25.60
CA HIS A 168 0.56 -1.01 -26.20
C HIS A 168 0.80 -2.46 -25.76
N LEU A 169 0.43 -2.78 -24.53
CA LEU A 169 0.64 -4.13 -24.01
C LEU A 169 -0.44 -5.12 -24.45
N LEU A 170 -1.69 -4.70 -24.48
CA LEU A 170 -2.78 -5.60 -24.87
C LEU A 170 -2.88 -5.82 -26.38
N LEU A 171 -2.52 -4.80 -27.15
CA LEU A 171 -2.61 -4.90 -28.62
C LEU A 171 -1.30 -5.28 -29.28
N ASN A 172 -0.23 -5.33 -28.49
CA ASN A 172 1.08 -5.68 -29.02
C ASN A 172 1.50 -4.62 -30.04
N GLU A 173 1.14 -3.38 -29.77
CA GLU A 173 1.50 -2.26 -30.66
C GLU A 173 2.89 -1.75 -30.36
N PRO A 174 3.79 -1.81 -31.34
CA PRO A 174 5.16 -1.33 -31.12
C PRO A 174 5.23 0.18 -30.96
N LEU A 175 6.33 0.64 -30.37
CA LEU A 175 6.58 2.06 -30.18
C LEU A 175 7.93 2.36 -30.80
N THR A 176 8.07 3.53 -31.40
CA THR A 176 9.35 3.92 -31.95
C THR A 176 10.04 4.60 -30.76
N GLY A 177 11.36 4.71 -30.79
CA GLY A 177 12.05 5.36 -29.68
C GLY A 177 11.52 6.77 -29.47
N GLU A 178 11.25 7.46 -30.58
CA GLU A 178 10.75 8.82 -30.53
C GLU A 178 9.41 8.89 -29.81
N GLU A 179 8.50 7.98 -30.16
CA GLU A 179 7.20 7.95 -29.51
C GLU A 179 7.36 7.57 -28.04
N ALA A 180 8.25 6.62 -27.77
CA ALA A 180 8.46 6.19 -26.38
C ALA A 180 8.92 7.34 -25.48
N GLU A 181 9.79 8.21 -25.98
CA GLU A 181 10.25 9.34 -25.17
C GLU A 181 9.12 10.33 -24.93
N ARG A 182 8.30 10.55 -25.96
CA ARG A 182 7.17 11.47 -25.88
C ARG A 182 6.17 10.99 -24.82
N LEU A 183 6.00 9.69 -24.72
CA LEU A 183 5.08 9.10 -23.74
C LEU A 183 5.68 9.08 -22.33
N GLY A 184 7.00 9.14 -22.24
CA GLY A 184 7.66 9.11 -20.94
C GLY A 184 8.18 7.73 -20.56
N LEU A 185 8.19 6.81 -21.52
CA LEU A 185 8.67 5.46 -21.25
C LEU A 185 10.19 5.46 -21.05
N VAL A 186 10.88 6.32 -21.80
CA VAL A 186 12.33 6.44 -21.70
C VAL A 186 12.71 7.91 -21.61
N ALA A 187 13.91 8.19 -21.12
CA ALA A 187 14.37 9.56 -20.93
C ALA A 187 14.76 10.33 -22.18
N LEU A 188 15.51 9.71 -23.07
CA LEU A 188 15.98 10.38 -24.26
C LEU A 188 15.87 9.55 -25.52
N ALA A 189 15.62 10.24 -26.63
CA ALA A 189 15.53 9.59 -27.94
C ALA A 189 16.41 10.47 -28.83
N VAL A 190 17.51 9.91 -29.31
CA VAL A 190 18.44 10.65 -30.17
C VAL A 190 18.56 9.99 -31.54
N GLU A 191 19.36 10.59 -32.43
CA GLU A 191 19.54 10.00 -33.75
C GLU A 191 20.10 8.61 -33.52
N ASP A 192 19.56 7.63 -34.24
CA ASP A 192 19.98 6.25 -34.08
C ASP A 192 21.49 6.04 -33.95
N GLU A 193 22.26 6.76 -34.76
CA GLU A 193 23.70 6.65 -34.72
C GLU A 193 24.37 7.20 -33.46
N LYS A 194 23.65 8.07 -32.75
CA LYS A 194 24.17 8.71 -31.54
C LYS A 194 23.81 8.01 -30.23
N VAL A 195 23.07 6.91 -30.31
CA VAL A 195 22.63 6.22 -29.10
C VAL A 195 23.76 5.87 -28.12
N TYR A 196 24.71 5.05 -28.56
CA TYR A 196 25.81 4.68 -27.67
C TYR A 196 26.56 5.92 -27.17
N GLU A 197 26.87 6.84 -28.07
CA GLU A 197 27.59 8.05 -27.70
C GLU A 197 26.90 8.84 -26.59
N LYS A 198 25.59 9.05 -26.72
CA LYS A 198 24.82 9.79 -25.72
C LYS A 198 24.70 8.99 -24.43
N ALA A 199 24.49 7.68 -24.56
CA ALA A 199 24.36 6.83 -23.38
C ALA A 199 25.65 6.88 -22.56
N LEU A 200 26.78 6.83 -23.25
CA LEU A 200 28.08 6.89 -22.57
C LEU A 200 28.25 8.24 -21.88
N GLU A 201 27.83 9.30 -22.55
CA GLU A 201 27.92 10.64 -21.99
C GLU A 201 27.11 10.72 -20.69
N VAL A 202 25.93 10.13 -20.71
CA VAL A 202 25.06 10.11 -19.54
C VAL A 202 25.74 9.33 -18.42
N ALA A 203 26.25 8.15 -18.76
CA ALA A 203 26.92 7.31 -17.77
C ALA A 203 28.11 8.03 -17.17
N GLU A 204 28.91 8.69 -18.01
CA GLU A 204 30.08 9.41 -17.51
C GLU A 204 29.64 10.49 -16.53
N ARG A 205 28.60 11.25 -16.89
CA ARG A 205 28.09 12.32 -16.03
C ARG A 205 27.67 11.77 -14.68
N LEU A 206 27.03 10.60 -14.69
CA LEU A 206 26.59 9.96 -13.45
C LEU A 206 27.81 9.55 -12.62
N ALA A 207 28.84 9.07 -13.29
CA ALA A 207 30.07 8.65 -12.59
C ALA A 207 30.76 9.86 -11.98
N GLN A 208 30.46 11.05 -12.48
CA GLN A 208 31.06 12.27 -11.96
C GLN A 208 30.21 12.86 -10.85
N GLY A 209 29.05 12.28 -10.62
CA GLY A 209 28.17 12.78 -9.58
C GLY A 209 28.53 12.23 -8.21
N PRO A 210 27.81 12.64 -7.16
CA PRO A 210 28.05 12.19 -5.79
C PRO A 210 27.56 10.75 -5.57
N LYS A 211 28.51 9.85 -5.39
CA LYS A 211 28.26 8.42 -5.22
C LYS A 211 27.18 8.05 -4.20
N GLU A 212 27.36 8.50 -2.96
CA GLU A 212 26.40 8.19 -1.91
C GLU A 212 25.03 8.82 -2.17
N ALA A 213 25.03 10.09 -2.55
CA ALA A 213 23.78 10.79 -2.81
C ALA A 213 23.01 10.12 -3.96
N LEU A 214 23.71 9.68 -4.99
CA LEU A 214 23.06 9.02 -6.11
C LEU A 214 22.46 7.68 -5.67
N HIS A 215 23.22 6.93 -4.88
CA HIS A 215 22.75 5.64 -4.39
C HIS A 215 21.46 5.83 -3.59
N HIS A 216 21.49 6.78 -2.66
CA HIS A 216 20.33 7.05 -1.82
C HIS A 216 19.12 7.57 -2.59
N THR A 217 19.35 8.41 -3.60
CA THR A 217 18.25 8.94 -4.38
C THR A 217 17.63 7.83 -5.22
N LYS A 218 18.46 7.01 -5.85
CA LYS A 218 17.98 5.91 -6.65
C LYS A 218 17.19 4.95 -5.77
N HIS A 219 17.77 4.62 -4.63
CA HIS A 219 17.14 3.70 -3.70
C HIS A 219 15.76 4.18 -3.26
N ALA A 220 15.68 5.44 -2.85
CA ALA A 220 14.43 6.02 -2.38
C ALA A 220 13.37 6.04 -3.49
N LEU A 221 13.78 6.45 -4.70
CA LEU A 221 12.83 6.48 -5.80
C LEU A 221 12.34 5.07 -6.14
N ASN A 222 13.24 4.10 -6.11
CA ASN A 222 12.86 2.73 -6.46
C ASN A 222 11.86 2.08 -5.52
N HIS A 223 11.65 2.67 -4.34
CA HIS A 223 10.65 2.13 -3.42
C HIS A 223 9.27 2.27 -4.06
N TRP A 224 9.15 3.15 -5.05
CA TRP A 224 7.87 3.29 -5.72
C TRP A 224 7.58 1.99 -6.46
N TYR A 225 8.60 1.43 -7.09
CA TYR A 225 8.43 0.17 -7.80
C TYR A 225 8.30 -0.99 -6.80
N ARG A 226 9.12 -0.97 -5.77
CA ARG A 226 9.09 -2.04 -4.78
C ARG A 226 7.73 -2.22 -4.12
N SER A 227 6.99 -1.12 -3.97
CA SER A 227 5.66 -1.19 -3.36
C SER A 227 4.68 -2.00 -4.21
N PHE A 228 5.03 -2.22 -5.47
CA PHE A 228 4.17 -2.97 -6.39
C PHE A 228 4.79 -4.28 -6.85
N LEU A 229 5.73 -4.80 -6.06
CA LEU A 229 6.38 -6.05 -6.40
C LEU A 229 5.37 -7.20 -6.48
N PRO A 230 4.41 -7.26 -5.53
CA PRO A 230 3.45 -8.35 -5.62
C PRO A 230 2.70 -8.30 -6.96
N HIS A 231 2.35 -7.09 -7.38
CA HIS A 231 1.65 -6.89 -8.64
C HIS A 231 2.48 -7.46 -9.79
N PHE A 232 3.77 -7.18 -9.75
CA PHE A 232 4.70 -7.66 -10.77
C PHE A 232 4.84 -9.18 -10.75
N GLU A 233 5.16 -9.72 -9.59
CA GLU A 233 5.34 -11.17 -9.47
C GLU A 233 4.08 -11.95 -9.82
N LEU A 234 2.91 -11.39 -9.53
CA LEU A 234 1.67 -12.06 -9.87
C LEU A 234 1.57 -12.11 -11.40
N SER A 235 1.91 -11.03 -12.07
CA SER A 235 1.83 -11.03 -13.53
C SER A 235 2.82 -12.02 -14.11
N LEU A 236 3.98 -12.15 -13.48
CA LEU A 236 5.02 -13.08 -13.95
C LEU A 236 4.51 -14.52 -13.75
N ALA A 237 3.90 -14.77 -12.59
CA ALA A 237 3.37 -16.11 -12.30
C ALA A 237 2.26 -16.47 -13.26
N LEU A 238 1.37 -15.52 -13.56
CA LEU A 238 0.28 -15.79 -14.48
C LEU A 238 0.84 -16.08 -15.87
N GLU A 239 1.89 -15.37 -16.25
CA GLU A 239 2.51 -15.61 -17.55
C GLU A 239 3.05 -17.02 -17.61
N PHE A 240 3.76 -17.43 -16.57
CA PHE A 240 4.34 -18.78 -16.55
C PHE A 240 3.27 -19.86 -16.47
N LEU A 241 2.12 -19.55 -15.90
CA LEU A 241 1.05 -20.54 -15.86
C LEU A 241 0.58 -20.76 -17.28
N GLY A 242 0.75 -19.74 -18.12
CA GLY A 242 0.33 -19.84 -19.51
C GLY A 242 1.24 -20.70 -20.37
N PHE A 243 2.40 -21.07 -19.86
CA PHE A 243 3.33 -21.88 -20.64
C PHE A 243 2.82 -23.30 -20.90
N SER A 244 1.82 -23.73 -20.15
CA SER A 244 1.25 -25.06 -20.33
C SER A 244 -0.08 -24.97 -21.08
N GLY A 245 -0.38 -23.77 -21.58
CA GLY A 245 -1.63 -23.57 -22.30
C GLY A 245 -1.48 -23.68 -23.81
N LYS A 246 -2.61 -23.86 -24.50
CA LYS A 246 -2.60 -23.99 -25.95
C LYS A 246 -2.32 -22.67 -26.66
N GLU A 247 -2.48 -21.56 -25.94
CA GLU A 247 -2.22 -20.26 -26.54
C GLU A 247 -0.74 -20.08 -26.86
N LEU A 248 0.13 -20.46 -25.93
CA LEU A 248 1.57 -20.35 -26.16
C LEU A 248 1.96 -21.31 -27.28
N GLU A 249 1.39 -22.51 -27.25
CA GLU A 249 1.68 -23.52 -28.27
C GLU A 249 1.42 -22.98 -29.67
N GLU A 250 0.28 -22.33 -29.85
CA GLU A 250 -0.09 -21.75 -31.13
C GLU A 250 0.77 -20.53 -31.43
N GLY A 251 1.07 -19.75 -30.39
CA GLY A 251 1.89 -18.57 -30.56
C GLY A 251 3.25 -18.92 -31.13
N LEU A 252 3.87 -19.95 -30.56
CA LEU A 252 5.18 -20.40 -31.04
C LEU A 252 5.07 -21.00 -32.43
N LYS A 253 4.10 -21.88 -32.60
CA LYS A 253 3.88 -22.54 -33.89
C LYS A 253 3.75 -21.50 -34.99
N ALA A 254 2.78 -20.60 -34.83
CA ALA A 254 2.53 -19.55 -35.82
C ALA A 254 3.77 -18.69 -36.04
N LEU A 255 4.48 -18.40 -34.95
CA LEU A 255 5.68 -17.57 -35.03
C LEU A 255 6.73 -18.25 -35.91
N LYS A 256 7.11 -19.47 -35.55
CA LYS A 256 8.11 -20.22 -36.31
C LYS A 256 7.66 -20.45 -37.75
N GLU A 257 6.35 -20.50 -37.97
CA GLU A 257 5.81 -20.71 -39.30
C GLU A 257 5.44 -19.36 -39.93
N LYS A 258 5.93 -18.30 -39.30
CA LYS A 258 5.70 -16.91 -39.74
C LYS A 258 4.33 -16.71 -40.38
N ARG A 259 3.28 -17.05 -39.63
CA ARG A 259 1.91 -16.90 -40.10
C ARG A 259 1.10 -16.28 -38.96
N PRO A 260 0.01 -15.58 -39.29
CA PRO A 260 -0.79 -14.97 -38.21
C PRO A 260 -1.30 -16.07 -37.28
N PRO A 261 -1.11 -15.90 -35.97
CA PRO A 261 -1.58 -16.93 -35.04
C PRO A 261 -3.10 -16.97 -34.97
N GLU A 262 -3.65 -18.16 -34.77
CA GLU A 262 -5.09 -18.31 -34.64
C GLU A 262 -5.37 -18.91 -33.28
N PHE A 263 -5.52 -18.04 -32.29
CA PHE A 263 -5.76 -18.46 -30.92
C PHE A 263 -7.15 -19.07 -30.75
N PRO A 264 -7.28 -20.10 -29.91
CA PRO A 264 -8.53 -20.81 -29.63
C PRO A 264 -9.56 -20.04 -28.82
N LEU B 2 -3.39 39.45 7.73
CA LEU B 2 -3.59 39.64 9.19
C LEU B 2 -2.34 40.18 9.84
N ALA B 3 -2.50 41.19 10.69
CA ALA B 3 -1.39 41.81 11.38
C ALA B 3 -0.67 40.80 12.27
N SER B 4 -1.43 39.92 12.91
CA SER B 4 -0.86 38.91 13.79
C SER B 4 0.07 37.97 13.04
N LEU B 5 -0.34 37.58 11.83
CA LEU B 5 0.48 36.68 11.02
C LEU B 5 1.77 37.34 10.57
N GLU B 6 1.68 38.57 10.07
CA GLU B 6 2.87 39.28 9.62
C GLU B 6 3.82 39.49 10.80
N ALA B 7 3.24 39.75 11.97
CA ALA B 7 4.04 39.97 13.16
C ALA B 7 4.83 38.74 13.56
N ARG B 8 4.22 37.57 13.38
CA ARG B 8 4.87 36.32 13.75
C ARG B 8 5.70 35.69 12.63
N TYR B 9 5.47 36.12 11.39
CA TYR B 9 6.20 35.53 10.27
C TYR B 9 7.08 36.50 9.47
N PRO B 10 8.27 36.82 9.99
CA PRO B 10 9.18 37.70 9.33
C PRO B 10 9.48 37.15 7.92
N GLY B 11 9.34 37.96 6.88
CA GLY B 11 9.62 37.47 5.54
C GLY B 11 8.36 37.15 4.77
N LEU B 12 7.22 37.10 5.45
CA LEU B 12 5.95 36.81 4.78
C LEU B 12 5.03 38.02 4.80
N ALA B 13 4.39 38.28 3.67
CA ALA B 13 3.46 39.39 3.53
C ALA B 13 2.11 38.79 3.13
N PHE B 14 1.04 39.28 3.74
CA PHE B 14 -0.29 38.77 3.43
C PHE B 14 -1.19 39.84 2.85
N ALA B 15 -2.02 39.45 1.89
CA ALA B 15 -2.96 40.37 1.25
C ALA B 15 -4.09 39.63 0.55
N TRP B 16 -5.15 40.37 0.21
CA TRP B 16 -6.30 39.80 -0.49
C TRP B 16 -6.45 40.50 -1.84
N PRO B 17 -5.64 40.10 -2.84
CA PRO B 17 -5.73 40.72 -4.17
C PRO B 17 -7.10 40.54 -4.82
N ARG B 18 -7.79 39.47 -4.45
CA ARG B 18 -9.10 39.17 -4.97
C ARG B 18 -9.94 38.56 -3.84
N PRO B 19 -11.28 38.65 -3.96
CA PRO B 19 -12.17 38.11 -2.93
C PRO B 19 -11.91 36.63 -2.64
N GLY B 20 -11.69 36.31 -1.36
CA GLY B 20 -11.45 34.94 -0.98
C GLY B 20 -10.08 34.39 -1.30
N VAL B 21 -9.25 35.21 -1.95
CA VAL B 21 -7.91 34.78 -2.31
C VAL B 21 -6.86 35.38 -1.37
N LEU B 22 -6.30 34.55 -0.51
CA LEU B 22 -5.27 35.01 0.41
C LEU B 22 -3.92 34.83 -0.27
N GLU B 23 -3.23 35.93 -0.50
CA GLU B 23 -1.94 35.91 -1.16
C GLU B 23 -0.79 36.03 -0.19
N ILE B 24 0.14 35.08 -0.27
CA ILE B 24 1.31 35.07 0.59
C ILE B 24 2.53 35.39 -0.25
N THR B 25 3.14 36.54 -0.01
CA THR B 25 4.33 36.95 -0.72
C THR B 25 5.50 36.77 0.24
N PHE B 26 6.47 35.95 -0.14
CA PHE B 26 7.61 35.70 0.73
C PHE B 26 8.89 36.33 0.18
N ARG B 27 9.72 36.81 1.09
CA ARG B 27 10.97 37.46 0.71
C ARG B 27 12.17 36.87 1.44
N GLY B 28 13.16 36.41 0.66
CA GLY B 28 14.37 35.85 1.23
C GLY B 28 15.54 36.72 0.80
N GLU B 29 16.65 36.08 0.43
CA GLU B 29 17.84 36.80 -0.02
C GLU B 29 17.78 36.85 -1.54
N LYS B 30 18.93 36.95 -2.20
CA LYS B 30 18.94 37.00 -3.66
C LYS B 30 18.14 35.83 -4.22
N LEU B 31 17.28 36.10 -5.19
CA LEU B 31 16.43 35.07 -5.80
C LEU B 31 15.62 34.37 -4.71
N ASN B 32 15.35 35.10 -3.64
CA ASN B 32 14.59 34.60 -2.51
C ASN B 32 15.13 33.32 -1.89
N ALA B 33 16.46 33.20 -1.85
CA ALA B 33 17.09 32.04 -1.24
C ALA B 33 16.57 32.10 0.20
N MET B 34 16.20 30.95 0.76
CA MET B 34 15.61 30.91 2.10
C MET B 34 16.51 30.80 3.32
N PRO B 35 16.55 31.87 4.14
CA PRO B 35 17.38 31.82 5.36
C PRO B 35 16.61 30.92 6.32
N PRO B 36 17.21 30.52 7.44
CA PRO B 36 16.51 29.66 8.41
C PRO B 36 15.09 30.09 8.78
N ALA B 37 14.91 31.39 9.06
CA ALA B 37 13.61 31.90 9.46
C ALA B 37 12.52 31.83 8.39
N LEU B 38 12.90 32.01 7.13
CA LEU B 38 11.93 31.95 6.05
C LEU B 38 11.53 30.51 5.77
N HIS B 39 12.50 29.60 5.83
CA HIS B 39 12.23 28.20 5.63
C HIS B 39 11.23 27.72 6.66
N ARG B 40 11.52 28.06 7.92
CA ARG B 40 10.65 27.65 9.02
C ARG B 40 9.28 28.30 8.89
N GLY B 41 9.25 29.57 8.51
CA GLY B 41 7.98 30.25 8.36
C GLY B 41 7.10 29.68 7.28
N LEU B 42 7.67 29.44 6.11
CA LEU B 42 6.91 28.87 5.00
C LEU B 42 6.40 27.48 5.33
N ALA B 43 7.12 26.80 6.23
CA ALA B 43 6.74 25.45 6.62
C ALA B 43 5.64 25.43 7.69
N ARG B 44 5.68 26.39 8.62
CA ARG B 44 4.71 26.42 9.71
C ARG B 44 3.47 27.29 9.52
N VAL B 45 3.53 28.24 8.59
CA VAL B 45 2.41 29.13 8.36
C VAL B 45 1.09 28.41 8.05
N TRP B 46 1.17 27.26 7.40
CA TRP B 46 -0.03 26.50 7.04
C TRP B 46 -0.89 26.13 8.24
N ARG B 47 -0.26 25.83 9.36
CA ARG B 47 -0.99 25.47 10.56
C ARG B 47 -1.84 26.65 11.04
N ASP B 48 -1.31 27.86 10.95
CA ASP B 48 -2.03 29.05 11.41
C ASP B 48 -3.04 29.57 10.39
N LEU B 49 -2.83 29.28 9.11
CA LEU B 49 -3.76 29.75 8.09
C LEU B 49 -5.13 29.11 8.25
N GLU B 50 -5.18 27.97 8.93
CA GLU B 50 -6.42 27.24 9.14
C GLU B 50 -7.44 28.08 9.91
N ALA B 51 -6.95 29.00 10.73
CA ALA B 51 -7.82 29.85 11.54
C ALA B 51 -8.22 31.15 10.86
N VAL B 52 -7.72 31.38 9.66
CA VAL B 52 -8.05 32.61 8.93
C VAL B 52 -9.39 32.46 8.22
N GLU B 53 -10.39 33.20 8.68
CA GLU B 53 -11.72 33.16 8.10
C GLU B 53 -11.79 33.78 6.71
N GLY B 54 -12.56 33.16 5.82
CA GLY B 54 -12.73 33.69 4.48
C GLY B 54 -11.79 33.20 3.38
N VAL B 55 -10.78 32.42 3.74
CA VAL B 55 -9.84 31.93 2.73
C VAL B 55 -10.51 30.84 1.90
N ARG B 56 -10.54 31.04 0.58
CA ARG B 56 -11.13 30.05 -0.30
C ARG B 56 -10.05 29.52 -1.25
N ALA B 57 -8.92 30.23 -1.29
CA ALA B 57 -7.77 29.84 -2.10
C ALA B 57 -6.55 30.62 -1.64
N VAL B 58 -5.39 29.98 -1.71
CA VAL B 58 -4.14 30.62 -1.32
C VAL B 58 -3.25 30.77 -2.55
N LEU B 59 -2.65 31.94 -2.69
CA LEU B 59 -1.76 32.24 -3.80
C LEU B 59 -0.37 32.50 -3.25
N LEU B 60 0.62 31.76 -3.75
CA LEU B 60 2.00 31.91 -3.31
C LEU B 60 2.83 32.62 -4.35
N ARG B 61 3.57 33.64 -3.93
CA ARG B 61 4.41 34.39 -4.86
C ARG B 61 5.69 34.84 -4.18
N GLY B 62 6.79 34.80 -4.91
CA GLY B 62 8.06 35.24 -4.37
C GLY B 62 8.13 36.73 -4.63
N GLU B 63 8.71 37.48 -3.70
CA GLU B 63 8.82 38.91 -3.87
C GLU B 63 9.89 39.24 -4.90
N GLY B 64 9.72 40.36 -5.60
CA GLY B 64 10.71 40.76 -6.59
C GLY B 64 10.71 40.03 -7.92
N GLY B 65 9.57 39.47 -8.32
CA GLY B 65 9.49 38.79 -9.60
C GLY B 65 10.22 37.46 -9.73
N VAL B 66 10.42 36.77 -8.62
CA VAL B 66 11.10 35.48 -8.64
C VAL B 66 10.55 34.64 -7.50
N PHE B 67 10.42 33.34 -7.73
CA PHE B 67 9.90 32.46 -6.69
C PHE B 67 11.00 32.18 -5.67
N SER B 68 11.81 31.14 -5.89
CA SER B 68 12.89 30.85 -4.94
C SER B 68 13.93 29.86 -5.41
N ALA B 69 15.19 30.18 -5.12
CA ALA B 69 16.31 29.31 -5.49
C ALA B 69 16.54 28.27 -4.42
N GLY B 70 15.64 28.21 -3.45
CA GLY B 70 15.76 27.22 -2.39
C GLY B 70 16.47 27.71 -1.13
N GLY B 71 16.96 26.76 -0.33
CA GLY B 71 17.63 27.09 0.91
C GLY B 71 18.93 27.85 0.69
N SER B 72 19.22 28.81 1.57
CA SER B 72 20.43 29.61 1.47
C SER B 72 21.64 28.87 2.04
N PHE B 73 22.83 29.36 1.72
CA PHE B 73 24.05 28.75 2.23
C PHE B 73 24.02 28.80 3.75
N GLY B 74 23.46 29.87 4.29
CA GLY B 74 23.36 30.02 5.73
C GLY B 74 22.58 28.89 6.38
N LEU B 75 21.43 28.58 5.80
CA LEU B 75 20.58 27.51 6.32
C LEU B 75 21.29 26.17 6.21
N ILE B 76 21.97 25.95 5.09
CA ILE B 76 22.69 24.71 4.89
C ILE B 76 23.81 24.54 5.92
N GLU B 77 24.52 25.62 6.22
CA GLU B 77 25.61 25.58 7.18
C GLU B 77 25.09 25.37 8.59
N GLU B 78 23.96 26.00 8.90
CA GLU B 78 23.36 25.86 10.23
C GLU B 78 23.00 24.40 10.46
N MET B 79 22.51 23.74 9.41
CA MET B 79 22.13 22.34 9.49
C MET B 79 23.33 21.43 9.74
N ARG B 80 24.42 21.69 9.01
CA ARG B 80 25.65 20.90 9.12
C ARG B 80 26.36 21.09 10.47
N ALA B 81 26.10 22.22 11.13
CA ALA B 81 26.78 22.56 12.37
C ALA B 81 26.18 22.05 13.67
N SER B 82 24.93 21.59 13.63
CA SER B 82 24.28 21.12 14.86
C SER B 82 23.26 20.02 14.62
N HIS B 83 23.26 19.01 15.49
CA HIS B 83 22.31 17.93 15.41
C HIS B 83 20.91 18.48 15.62
N GLU B 84 20.79 19.33 16.63
CA GLU B 84 19.50 19.93 16.96
C GLU B 84 18.98 20.78 15.81
N ALA B 85 19.87 21.49 15.13
CA ALA B 85 19.45 22.32 14.00
C ALA B 85 19.04 21.42 12.84
N LEU B 86 19.80 20.36 12.61
CA LEU B 86 19.52 19.43 11.52
C LEU B 86 18.14 18.80 11.68
N LEU B 87 17.82 18.29 12.86
CA LEU B 87 16.52 17.68 13.06
C LEU B 87 15.37 18.69 13.08
N ARG B 88 15.66 19.91 13.51
CA ARG B 88 14.64 20.94 13.52
C ARG B 88 14.23 21.17 12.06
N VAL B 89 15.24 21.31 11.20
CA VAL B 89 14.99 21.55 9.79
C VAL B 89 14.36 20.34 9.11
N PHE B 90 14.63 19.14 9.64
CA PHE B 90 14.04 17.92 9.07
C PHE B 90 12.52 18.04 9.10
N TRP B 91 11.98 18.38 10.26
CA TRP B 91 10.53 18.49 10.39
C TRP B 91 9.99 19.68 9.62
N GLU B 92 10.80 20.73 9.47
CA GLU B 92 10.37 21.90 8.71
C GLU B 92 10.27 21.52 7.24
N ALA B 93 11.26 20.78 6.74
CA ALA B 93 11.27 20.35 5.35
C ALA B 93 10.06 19.46 5.09
N ARG B 94 9.71 18.65 6.08
CA ARG B 94 8.56 17.78 5.96
C ARG B 94 7.29 18.62 5.82
N ASP B 95 7.12 19.60 6.70
CA ASP B 95 5.94 20.47 6.69
C ASP B 95 5.83 21.43 5.51
N LEU B 96 6.95 21.73 4.86
CA LEU B 96 6.95 22.65 3.71
C LEU B 96 6.14 22.02 2.58
N VAL B 97 6.19 20.69 2.51
CA VAL B 97 5.46 19.97 1.47
C VAL B 97 4.09 19.52 1.97
N LEU B 98 4.06 18.96 3.17
CA LEU B 98 2.82 18.47 3.78
C LEU B 98 1.85 19.59 4.13
N GLY B 99 2.42 20.74 4.49
CA GLY B 99 1.61 21.90 4.84
C GLY B 99 0.57 22.23 3.79
N PRO B 100 1.00 22.53 2.56
CA PRO B 100 0.06 22.87 1.48
C PRO B 100 -0.85 21.69 1.17
N LEU B 101 -0.29 20.48 1.17
CA LEU B 101 -1.06 19.28 0.88
C LEU B 101 -2.24 19.08 1.81
N ASN B 102 -2.02 19.27 3.10
CA ASN B 102 -3.09 19.10 4.06
C ASN B 102 -3.91 20.34 4.35
N PHE B 103 -3.55 21.47 3.74
CA PHE B 103 -4.32 22.70 3.92
C PHE B 103 -5.62 22.43 3.17
N PRO B 104 -6.77 22.70 3.81
CA PRO B 104 -8.05 22.44 3.15
C PRO B 104 -8.37 23.14 1.84
N ARG B 105 -7.91 24.38 1.68
CA ARG B 105 -8.21 25.13 0.47
C ARG B 105 -7.17 24.94 -0.63
N PRO B 106 -7.58 25.16 -1.89
CA PRO B 106 -6.65 25.00 -3.01
C PRO B 106 -5.52 26.02 -2.89
N VAL B 107 -4.31 25.60 -3.25
CA VAL B 107 -3.15 26.47 -3.21
C VAL B 107 -2.58 26.62 -4.61
N VAL B 108 -2.39 27.87 -5.04
CA VAL B 108 -1.85 28.18 -6.36
C VAL B 108 -0.49 28.84 -6.20
N ALA B 109 0.48 28.45 -7.03
CA ALA B 109 1.80 29.03 -6.96
C ALA B 109 2.12 29.76 -8.26
N ALA B 110 2.53 31.02 -8.13
CA ALA B 110 2.92 31.81 -9.29
C ALA B 110 4.44 31.68 -9.33
N VAL B 111 4.91 30.69 -10.09
CA VAL B 111 6.33 30.39 -10.18
C VAL B 111 7.07 31.20 -11.23
N GLU B 112 7.58 32.34 -10.81
CA GLU B 112 8.31 33.24 -11.69
C GLU B 112 9.81 33.00 -11.73
N LYS B 113 10.36 32.98 -12.94
CA LYS B 113 11.79 32.83 -13.19
C LYS B 113 12.55 31.60 -12.71
N VAL B 114 12.52 31.30 -11.41
CA VAL B 114 13.26 30.14 -10.92
C VAL B 114 12.67 29.46 -9.68
N ALA B 115 12.76 28.14 -9.67
CA ALA B 115 12.29 27.33 -8.55
C ALA B 115 13.29 26.20 -8.41
N VAL B 116 14.09 26.24 -7.36
CA VAL B 116 15.12 25.23 -7.12
C VAL B 116 15.08 24.74 -5.68
N GLY B 117 15.43 23.48 -5.47
CA GLY B 117 15.44 22.92 -4.11
C GLY B 117 14.13 23.12 -3.37
N ALA B 118 14.22 23.72 -2.19
CA ALA B 118 13.04 23.97 -1.37
C ALA B 118 12.04 24.84 -2.13
N GLY B 119 12.55 25.67 -3.03
CA GLY B 119 11.67 26.52 -3.81
C GLY B 119 10.82 25.67 -4.74
N LEU B 120 11.42 24.64 -5.31
CA LEU B 120 10.68 23.75 -6.20
C LEU B 120 9.74 22.88 -5.36
N ALA B 121 10.17 22.50 -4.17
CA ALA B 121 9.35 21.69 -3.29
C ALA B 121 8.04 22.41 -3.00
N LEU B 122 8.14 23.69 -2.65
CA LEU B 122 6.96 24.48 -2.33
C LEU B 122 6.06 24.67 -3.55
N ALA B 123 6.68 24.94 -4.69
CA ALA B 123 5.93 25.15 -5.92
C ALA B 123 5.15 23.91 -6.33
N LEU B 124 5.76 22.74 -6.19
CA LEU B 124 5.11 21.50 -6.59
C LEU B 124 4.15 20.94 -5.54
N ALA B 125 4.25 21.43 -4.31
CA ALA B 125 3.36 20.98 -3.25
C ALA B 125 2.02 21.69 -3.45
N ALA B 126 2.07 22.84 -4.12
CA ALA B 126 0.85 23.60 -4.41
C ALA B 126 -0.03 22.74 -5.30
N ASP B 127 -1.34 22.95 -5.24
CA ASP B 127 -2.27 22.17 -6.05
C ASP B 127 -2.12 22.52 -7.53
N ILE B 128 -1.96 23.81 -7.82
CA ILE B 128 -1.80 24.25 -9.20
C ILE B 128 -0.63 25.22 -9.29
N ALA B 129 0.33 24.91 -10.15
CA ALA B 129 1.50 25.76 -10.34
C ALA B 129 1.44 26.35 -11.74
N VAL B 130 1.59 27.66 -11.80
CA VAL B 130 1.61 28.36 -13.07
C VAL B 130 3.05 28.83 -13.21
N VAL B 131 3.72 28.38 -14.26
CA VAL B 131 5.10 28.76 -14.49
C VAL B 131 5.23 29.58 -15.76
N GLY B 132 6.38 30.21 -15.93
CA GLY B 132 6.61 30.99 -17.13
C GLY B 132 7.27 30.02 -18.09
N LYS B 133 7.06 30.21 -19.39
CA LYS B 133 7.66 29.31 -20.35
C LYS B 133 9.17 29.28 -20.19
N GLY B 134 9.75 30.35 -19.66
CA GLY B 134 11.19 30.42 -19.48
C GLY B 134 11.67 30.14 -18.06
N THR B 135 10.73 29.94 -17.14
CA THR B 135 11.08 29.65 -15.76
C THR B 135 12.02 28.45 -15.72
N ARG B 136 12.97 28.48 -14.78
CA ARG B 136 13.92 27.38 -14.63
C ARG B 136 13.49 26.55 -13.44
N LEU B 137 13.28 25.25 -13.67
CA LEU B 137 12.87 24.35 -12.60
C LEU B 137 13.95 23.28 -12.42
N LEU B 138 14.52 23.20 -11.23
CA LEU B 138 15.58 22.24 -10.95
C LEU B 138 15.58 21.78 -9.49
N ASP B 139 15.74 20.48 -9.27
CA ASP B 139 15.79 19.95 -7.91
C ASP B 139 17.09 20.48 -7.32
N GLY B 140 18.20 20.13 -7.98
CA GLY B 140 19.51 20.61 -7.58
C GLY B 140 20.28 19.97 -6.44
N HIS B 141 19.68 19.03 -5.71
CA HIS B 141 20.39 18.40 -4.60
C HIS B 141 21.64 17.62 -4.98
N LEU B 142 21.58 16.85 -6.06
CA LEU B 142 22.74 16.06 -6.48
C LEU B 142 23.95 16.94 -6.77
N ARG B 143 23.71 18.17 -7.22
CA ARG B 143 24.81 19.09 -7.51
C ARG B 143 25.42 19.56 -6.18
N LEU B 144 24.58 19.68 -5.16
CA LEU B 144 25.03 20.10 -3.84
C LEU B 144 25.77 18.97 -3.13
N GLY B 145 25.48 17.74 -3.54
CA GLY B 145 26.14 16.60 -2.95
C GLY B 145 25.30 15.78 -1.98
N VAL B 146 23.99 15.96 -2.01
CA VAL B 146 23.08 15.21 -1.13
C VAL B 146 21.90 14.64 -1.90
N ALA B 147 21.23 13.65 -1.34
CA ALA B 147 20.09 13.02 -2.00
C ALA B 147 18.93 14.00 -2.19
N ALA B 148 18.09 13.74 -3.19
CA ALA B 148 16.94 14.60 -3.46
C ALA B 148 15.83 14.18 -2.52
N GLY B 149 15.90 14.64 -1.27
CA GLY B 149 14.90 14.23 -0.31
C GLY B 149 13.91 15.26 0.20
N ASP B 150 13.90 16.46 -0.37
CA ASP B 150 12.97 17.47 0.14
C ASP B 150 11.61 17.55 -0.56
N HIS B 151 11.34 16.67 -1.51
CA HIS B 151 10.05 16.64 -2.19
C HIS B 151 9.95 15.71 -3.40
N ALA B 152 11.05 15.58 -4.13
CA ALA B 152 11.10 14.77 -5.35
C ALA B 152 10.56 13.37 -5.27
N VAL B 153 10.87 12.66 -4.19
CA VAL B 153 10.40 11.29 -4.06
C VAL B 153 8.90 11.22 -3.74
N LEU B 154 8.36 12.28 -3.15
CA LEU B 154 6.94 12.28 -2.87
C LEU B 154 6.13 12.69 -4.09
N LEU B 155 6.60 13.70 -4.80
CA LEU B 155 5.86 14.28 -5.91
C LEU B 155 6.13 13.92 -7.37
N TRP B 156 7.39 13.87 -7.77
CA TRP B 156 7.73 13.59 -9.16
C TRP B 156 7.20 12.32 -9.83
N PRO B 157 7.29 11.16 -9.16
CA PRO B 157 6.78 9.96 -9.81
C PRO B 157 5.34 10.07 -10.32
N LEU B 158 4.45 10.64 -9.51
CA LEU B 158 3.05 10.80 -9.89
C LEU B 158 2.78 12.05 -10.71
N LEU B 159 3.84 12.76 -11.08
CA LEU B 159 3.69 13.96 -11.90
C LEU B 159 4.20 13.71 -13.31
N VAL B 160 5.41 13.15 -13.41
CA VAL B 160 6.00 12.93 -14.71
C VAL B 160 6.43 11.51 -15.05
N GLY B 161 6.26 10.57 -14.11
CA GLY B 161 6.67 9.21 -14.38
C GLY B 161 8.09 9.00 -13.91
N MET B 162 8.48 7.74 -13.71
CA MET B 162 9.82 7.44 -13.20
C MET B 162 11.00 7.72 -14.14
N ALA B 163 10.81 7.56 -15.44
CA ALA B 163 11.92 7.80 -16.37
C ALA B 163 12.35 9.25 -16.36
N LYS B 164 11.40 10.17 -16.52
CA LYS B 164 11.74 11.58 -16.51
C LYS B 164 12.19 12.00 -15.11
N ALA B 165 11.59 11.42 -14.08
CA ALA B 165 12.00 11.75 -12.72
C ALA B 165 13.47 11.39 -12.52
N LYS B 166 13.82 10.13 -12.83
CA LYS B 166 15.20 9.71 -12.67
C LYS B 166 16.18 10.50 -13.52
N TYR B 167 15.79 10.83 -14.74
CA TYR B 167 16.66 11.59 -15.62
C TYR B 167 16.99 12.99 -15.08
N HIS B 168 15.97 13.75 -14.72
CA HIS B 168 16.19 15.11 -14.23
C HIS B 168 16.70 15.19 -12.80
N LEU B 169 16.36 14.21 -11.97
CA LEU B 169 16.80 14.21 -10.58
C LEU B 169 18.22 13.68 -10.38
N LEU B 170 18.55 12.60 -11.07
CA LEU B 170 19.88 12.02 -10.93
C LEU B 170 20.96 12.83 -11.66
N LEU B 171 20.57 13.52 -12.73
CA LEU B 171 21.50 14.32 -13.51
C LEU B 171 21.48 15.81 -13.26
N ASN B 172 20.52 16.27 -12.46
CA ASN B 172 20.45 17.69 -12.18
C ASN B 172 20.28 18.43 -13.52
N GLU B 173 19.40 17.88 -14.36
CA GLU B 173 19.12 18.46 -15.67
C GLU B 173 17.94 19.42 -15.51
N PRO B 174 18.18 20.73 -15.67
CA PRO B 174 17.08 21.70 -15.52
C PRO B 174 15.96 21.52 -16.54
N LEU B 175 14.79 22.05 -16.19
CA LEU B 175 13.62 22.02 -17.06
C LEU B 175 13.11 23.44 -17.21
N THR B 176 12.74 23.84 -18.42
CA THR B 176 12.17 25.17 -18.59
C THR B 176 10.69 24.97 -18.23
N GLY B 177 9.99 26.07 -17.98
CA GLY B 177 8.58 25.96 -17.63
C GLY B 177 7.78 25.29 -18.73
N GLU B 178 8.13 25.61 -19.98
CA GLU B 178 7.46 25.04 -21.14
C GLU B 178 7.64 23.52 -21.20
N GLU B 179 8.86 23.06 -20.97
CA GLU B 179 9.16 21.63 -21.00
C GLU B 179 8.50 20.92 -19.80
N ALA B 180 8.44 21.60 -18.67
CA ALA B 180 7.81 21.02 -17.47
C ALA B 180 6.32 20.79 -17.66
N GLU B 181 5.63 21.75 -18.28
CA GLU B 181 4.21 21.61 -18.51
C GLU B 181 3.95 20.44 -19.45
N ARG B 182 4.79 20.31 -20.46
CA ARG B 182 4.63 19.23 -21.43
C ARG B 182 4.87 17.85 -20.83
N LEU B 183 5.73 17.78 -19.81
CA LEU B 183 6.01 16.51 -19.13
C LEU B 183 4.92 16.23 -18.11
N GLY B 184 4.21 17.29 -17.71
CA GLY B 184 3.13 17.13 -16.76
C GLY B 184 3.50 17.46 -15.33
N LEU B 185 4.69 18.06 -15.14
CA LEU B 185 5.15 18.44 -13.80
C LEU B 185 4.31 19.60 -13.24
N VAL B 186 3.88 20.48 -14.14
CA VAL B 186 3.05 21.63 -13.77
C VAL B 186 1.87 21.74 -14.73
N ALA B 187 0.82 22.42 -14.30
CA ALA B 187 -0.39 22.55 -15.09
C ALA B 187 -0.35 23.52 -16.27
N LEU B 188 0.25 24.69 -16.05
CA LEU B 188 0.31 25.71 -17.08
C LEU B 188 1.66 26.40 -17.21
N ALA B 189 2.01 26.73 -18.45
CA ALA B 189 3.23 27.46 -18.74
C ALA B 189 2.78 28.63 -19.62
N VAL B 190 2.89 29.86 -19.10
CA VAL B 190 2.46 31.04 -19.85
C VAL B 190 3.61 32.00 -20.11
N GLU B 191 3.33 33.08 -20.82
CA GLU B 191 4.37 34.06 -21.10
C GLU B 191 4.91 34.54 -19.77
N ASP B 192 6.22 34.59 -19.65
CA ASP B 192 6.88 35.01 -18.41
C ASP B 192 6.24 36.21 -17.70
N GLU B 193 5.93 37.25 -18.46
CA GLU B 193 5.34 38.46 -17.87
C GLU B 193 3.92 38.25 -17.38
N LYS B 194 3.28 37.17 -17.82
CA LYS B 194 1.90 36.88 -17.45
C LYS B 194 1.72 35.84 -16.34
N VAL B 195 2.81 35.35 -15.77
CA VAL B 195 2.71 34.33 -14.72
C VAL B 195 1.85 34.73 -13.53
N TYR B 196 2.14 35.86 -12.91
CA TYR B 196 1.35 36.28 -11.76
C TYR B 196 -0.11 36.50 -12.14
N GLU B 197 -0.32 37.25 -13.22
CA GLU B 197 -1.65 37.56 -13.73
C GLU B 197 -2.48 36.29 -13.92
N LYS B 198 -1.91 35.29 -14.56
CA LYS B 198 -2.62 34.03 -14.79
C LYS B 198 -2.83 33.27 -13.48
N ALA B 199 -1.79 33.25 -12.63
CA ALA B 199 -1.88 32.56 -11.35
C ALA B 199 -3.00 33.17 -10.53
N LEU B 200 -3.11 34.49 -10.57
CA LEU B 200 -4.16 35.19 -9.82
C LEU B 200 -5.53 34.83 -10.39
N GLU B 201 -5.60 34.72 -11.72
CA GLU B 201 -6.84 34.37 -12.39
C GLU B 201 -7.30 32.99 -11.93
N VAL B 202 -6.36 32.05 -11.88
CA VAL B 202 -6.65 30.69 -11.45
C VAL B 202 -7.12 30.69 -9.99
N ALA B 203 -6.40 31.42 -9.14
CA ALA B 203 -6.75 31.50 -7.74
C ALA B 203 -8.15 32.07 -7.55
N GLU B 204 -8.50 33.10 -8.31
CA GLU B 204 -9.82 33.70 -8.20
C GLU B 204 -10.91 32.73 -8.64
N ARG B 205 -10.66 31.98 -9.71
CA ARG B 205 -11.62 30.99 -10.20
C ARG B 205 -11.90 29.97 -9.10
N LEU B 206 -10.84 29.50 -8.45
CA LEU B 206 -10.97 28.53 -7.38
C LEU B 206 -11.76 29.13 -6.22
N ALA B 207 -11.51 30.41 -5.93
CA ALA B 207 -12.22 31.07 -4.83
C ALA B 207 -13.71 31.19 -5.16
N GLN B 208 -14.03 31.18 -6.44
CA GLN B 208 -15.41 31.27 -6.90
C GLN B 208 -16.06 29.89 -6.97
N GLY B 209 -15.26 28.86 -6.73
CA GLY B 209 -15.79 27.51 -6.79
C GLY B 209 -16.47 27.06 -5.50
N PRO B 210 -17.01 25.84 -5.48
CA PRO B 210 -17.69 25.30 -4.29
C PRO B 210 -16.67 24.89 -3.23
N LYS B 211 -16.66 25.62 -2.13
CA LYS B 211 -15.73 25.41 -1.02
C LYS B 211 -15.63 23.98 -0.49
N GLU B 212 -16.74 23.41 -0.06
CA GLU B 212 -16.73 22.06 0.47
C GLU B 212 -16.31 21.04 -0.58
N ALA B 213 -16.86 21.16 -1.78
CA ALA B 213 -16.54 20.23 -2.85
C ALA B 213 -15.05 20.27 -3.19
N LEU B 214 -14.49 21.47 -3.25
CA LEU B 214 -13.07 21.64 -3.56
C LEU B 214 -12.20 21.01 -2.48
N HIS B 215 -12.57 21.25 -1.22
CA HIS B 215 -11.83 20.71 -0.08
C HIS B 215 -11.82 19.18 -0.17
N HIS B 216 -12.99 18.59 -0.30
CA HIS B 216 -13.11 17.14 -0.37
C HIS B 216 -12.41 16.53 -1.58
N THR B 217 -12.42 17.21 -2.71
CA THR B 217 -11.75 16.68 -3.89
C THR B 217 -10.24 16.73 -3.72
N LYS B 218 -9.74 17.85 -3.20
CA LYS B 218 -8.30 17.98 -2.98
C LYS B 218 -7.86 16.95 -1.95
N HIS B 219 -8.65 16.81 -0.88
CA HIS B 219 -8.31 15.87 0.17
C HIS B 219 -8.23 14.44 -0.37
N ALA B 220 -9.25 14.05 -1.12
CA ALA B 220 -9.31 12.70 -1.69
C ALA B 220 -8.17 12.44 -2.65
N LEU B 221 -7.86 13.42 -3.49
CA LEU B 221 -6.77 13.26 -4.44
C LEU B 221 -5.43 13.18 -3.71
N ASN B 222 -5.26 13.99 -2.67
CA ASN B 222 -4.00 13.99 -1.94
C ASN B 222 -3.69 12.71 -1.19
N HIS B 223 -4.67 11.84 -1.04
CA HIS B 223 -4.40 10.56 -0.38
C HIS B 223 -3.42 9.77 -1.26
N TRP B 224 -3.37 10.09 -2.54
CA TRP B 224 -2.44 9.41 -3.43
C TRP B 224 -1.01 9.71 -2.96
N TYR B 225 -0.76 10.96 -2.60
CA TYR B 225 0.56 11.34 -2.10
C TYR B 225 0.79 10.77 -0.70
N ARG B 226 -0.20 10.91 0.17
CA ARG B 226 -0.07 10.44 1.55
C ARG B 226 0.29 8.95 1.62
N SER B 227 -0.21 8.16 0.66
CA SER B 227 0.10 6.74 0.65
C SER B 227 1.60 6.50 0.53
N PHE B 228 2.32 7.48 -0.01
CA PHE B 228 3.75 7.36 -0.18
C PHE B 228 4.54 8.27 0.76
N LEU B 229 3.93 8.60 1.89
CA LEU B 229 4.59 9.46 2.87
C LEU B 229 5.85 8.79 3.41
N PRO B 230 5.79 7.48 3.69
CA PRO B 230 7.00 6.83 4.21
C PRO B 230 8.13 6.93 3.20
N HIS B 231 7.80 6.76 1.92
CA HIS B 231 8.79 6.82 0.85
C HIS B 231 9.48 8.19 0.88
N PHE B 232 8.67 9.23 1.00
CA PHE B 232 9.18 10.59 1.04
C PHE B 232 10.03 10.87 2.28
N GLU B 233 9.52 10.51 3.45
CA GLU B 233 10.27 10.76 4.67
C GLU B 233 11.60 10.02 4.70
N LEU B 234 11.63 8.82 4.13
CA LEU B 234 12.87 8.06 4.06
C LEU B 234 13.87 8.81 3.17
N SER B 235 13.41 9.31 2.02
CA SER B 235 14.33 10.04 1.14
C SER B 235 14.88 11.26 1.89
N LEU B 236 14.03 11.89 2.69
CA LEU B 236 14.43 13.08 3.45
C LEU B 236 15.46 12.70 4.51
N ALA B 237 15.21 11.60 5.21
CA ALA B 237 16.13 11.17 6.24
C ALA B 237 17.48 10.77 5.64
N LEU B 238 17.44 10.16 4.45
CA LEU B 238 18.66 9.76 3.76
C LEU B 238 19.44 11.00 3.36
N GLU B 239 18.73 12.00 2.87
CA GLU B 239 19.38 13.26 2.48
C GLU B 239 20.09 13.86 3.69
N PHE B 240 19.39 13.93 4.81
CA PHE B 240 19.97 14.50 6.02
C PHE B 240 21.15 13.71 6.59
N LEU B 241 21.16 12.40 6.42
CA LEU B 241 22.28 11.61 6.90
C LEU B 241 23.52 11.96 6.07
N GLY B 242 23.28 12.48 4.86
CA GLY B 242 24.38 12.87 4.00
C GLY B 242 25.02 14.19 4.40
N PHE B 243 24.36 14.94 5.28
CA PHE B 243 24.90 16.23 5.70
C PHE B 243 26.21 16.13 6.48
N SER B 244 26.51 14.94 6.98
CA SER B 244 27.75 14.73 7.72
C SER B 244 28.80 14.09 6.82
N GLY B 245 28.47 13.98 5.54
CA GLY B 245 29.40 13.36 4.60
C GLY B 245 30.31 14.30 3.84
N LYS B 246 31.30 13.72 3.17
CA LYS B 246 32.27 14.49 2.41
C LYS B 246 31.72 15.03 1.09
N GLU B 247 30.68 14.40 0.57
CA GLU B 247 30.10 14.85 -0.70
C GLU B 247 29.43 16.21 -0.55
N LEU B 248 28.76 16.44 0.58
CA LEU B 248 28.11 17.73 0.79
C LEU B 248 29.22 18.78 0.99
N GLU B 249 30.26 18.38 1.71
CA GLU B 249 31.38 19.28 1.97
C GLU B 249 31.97 19.78 0.66
N GLU B 250 32.11 18.87 -0.30
CA GLU B 250 32.66 19.23 -1.61
C GLU B 250 31.65 20.02 -2.44
N GLY B 251 30.39 19.60 -2.43
CA GLY B 251 29.38 20.30 -3.19
C GLY B 251 29.22 21.72 -2.69
N LEU B 252 29.24 21.87 -1.37
CA LEU B 252 29.09 23.17 -0.74
C LEU B 252 30.29 24.06 -1.05
N LYS B 253 31.48 23.47 -0.97
CA LYS B 253 32.73 24.19 -1.23
C LYS B 253 32.79 24.64 -2.69
N ALA B 254 32.43 23.75 -3.60
CA ALA B 254 32.45 24.05 -5.02
C ALA B 254 31.44 25.14 -5.36
N LEU B 255 30.25 25.04 -4.79
CA LEU B 255 29.19 26.01 -5.05
C LEU B 255 29.62 27.41 -4.62
N LYS B 256 30.20 27.53 -3.43
CA LYS B 256 30.66 28.81 -2.93
C LYS B 256 31.86 29.32 -3.72
N GLU B 257 32.64 28.39 -4.27
CA GLU B 257 33.82 28.75 -5.05
C GLU B 257 33.52 28.81 -6.55
N LYS B 258 32.24 28.81 -6.89
CA LYS B 258 31.80 28.88 -8.28
C LYS B 258 32.62 27.98 -9.20
N ARG B 259 32.69 26.69 -8.86
CA ARG B 259 33.43 25.73 -9.67
C ARG B 259 32.70 24.40 -9.68
N PRO B 260 33.02 23.52 -10.65
CA PRO B 260 32.35 22.22 -10.70
C PRO B 260 32.82 21.37 -9.53
N PRO B 261 31.90 20.60 -8.92
CA PRO B 261 32.30 19.75 -7.79
C PRO B 261 33.17 18.58 -8.25
N GLU B 262 34.05 18.14 -7.36
CA GLU B 262 34.94 17.02 -7.63
C GLU B 262 34.68 16.02 -6.51
N PHE B 263 33.61 15.25 -6.68
CA PHE B 263 33.19 14.27 -5.69
C PHE B 263 34.17 13.12 -5.53
N PRO B 264 34.38 12.68 -4.27
CA PRO B 264 35.30 11.59 -3.94
C PRO B 264 34.83 10.22 -4.41
N LEU C 2 -28.18 -11.11 -26.25
CA LEU C 2 -29.21 -12.04 -25.69
C LEU C 2 -30.53 -11.32 -25.43
N ALA C 3 -31.63 -11.96 -25.77
CA ALA C 3 -32.94 -11.38 -25.57
C ALA C 3 -33.22 -11.19 -24.09
N SER C 4 -32.98 -12.23 -23.29
CA SER C 4 -33.23 -12.13 -21.85
C SER C 4 -32.37 -11.00 -21.35
N LEU C 5 -31.17 -10.94 -21.90
CA LEU C 5 -30.22 -9.91 -21.48
C LEU C 5 -30.76 -8.51 -21.73
N GLU C 6 -31.32 -8.21 -22.90
CA GLU C 6 -31.86 -6.90 -23.18
C GLU C 6 -33.12 -6.58 -22.35
N ALA C 7 -33.86 -7.62 -21.99
CA ALA C 7 -35.08 -7.45 -21.22
C ALA C 7 -34.81 -6.96 -19.81
N ARG C 8 -33.75 -7.46 -19.20
CA ARG C 8 -33.37 -7.08 -17.85
C ARG C 8 -32.69 -5.72 -17.80
N TYR C 9 -32.12 -5.30 -18.92
CA TYR C 9 -31.42 -4.01 -18.97
C TYR C 9 -31.97 -3.04 -19.99
N PRO C 10 -33.12 -2.42 -19.68
CA PRO C 10 -33.72 -1.47 -20.61
C PRO C 10 -32.76 -0.32 -20.89
N GLY C 11 -32.60 0.01 -22.17
CA GLY C 11 -31.70 1.07 -22.54
C GLY C 11 -30.42 0.51 -23.15
N LEU C 12 -30.23 -0.79 -23.01
CA LEU C 12 -29.05 -1.45 -23.56
C LEU C 12 -29.39 -2.36 -24.74
N ALA C 13 -28.64 -2.21 -25.83
CA ALA C 13 -28.82 -3.02 -27.02
C ALA C 13 -27.56 -3.83 -27.24
N PHE C 14 -27.71 -5.12 -27.55
CA PHE C 14 -26.55 -5.98 -27.75
C PHE C 14 -26.46 -6.50 -29.18
N ALA C 15 -25.23 -6.60 -29.68
CA ALA C 15 -25.00 -7.09 -31.04
C ALA C 15 -23.57 -7.61 -31.19
N TRP C 16 -23.32 -8.35 -32.25
CA TRP C 16 -21.98 -8.88 -32.52
C TRP C 16 -21.51 -8.35 -33.87
N PRO C 17 -21.05 -7.08 -33.91
CA PRO C 17 -20.57 -6.46 -35.15
C PRO C 17 -19.44 -7.23 -35.83
N ARG C 18 -18.64 -7.91 -35.01
CA ARG C 18 -17.52 -8.71 -35.50
C ARG C 18 -17.43 -9.95 -34.63
N PRO C 19 -16.78 -11.01 -35.12
CA PRO C 19 -16.63 -12.25 -34.35
C PRO C 19 -16.01 -12.03 -32.97
N GLY C 20 -16.69 -12.51 -31.94
CA GLY C 20 -16.18 -12.38 -30.58
C GLY C 20 -16.27 -10.99 -29.97
N VAL C 21 -16.79 -10.02 -30.72
CA VAL C 21 -16.93 -8.67 -30.22
C VAL C 21 -18.37 -8.35 -29.85
N LEU C 22 -18.65 -8.32 -28.55
CA LEU C 22 -19.99 -8.01 -28.08
C LEU C 22 -20.12 -6.50 -27.94
N GLU C 23 -20.99 -5.91 -28.76
CA GLU C 23 -21.22 -4.48 -28.74
C GLU C 23 -22.45 -4.10 -27.91
N ILE C 24 -22.25 -3.22 -26.95
CA ILE C 24 -23.34 -2.76 -26.11
C ILE C 24 -23.61 -1.29 -26.45
N THR C 25 -24.77 -1.03 -27.04
CA THR C 25 -25.16 0.32 -27.37
C THR C 25 -26.19 0.76 -26.33
N PHE C 26 -25.93 1.88 -25.68
CA PHE C 26 -26.86 2.35 -24.65
C PHE C 26 -27.52 3.66 -25.05
N ARG C 27 -28.77 3.82 -24.63
CA ARG C 27 -29.50 5.04 -24.94
C ARG C 27 -30.12 5.64 -23.69
N GLY C 28 -29.88 6.93 -23.51
CA GLY C 28 -30.43 7.66 -22.38
C GLY C 28 -31.30 8.80 -22.87
N GLU C 29 -31.22 9.95 -22.20
CA GLU C 29 -31.99 11.12 -22.60
C GLU C 29 -31.10 12.01 -23.46
N LYS C 30 -31.24 13.32 -23.37
CA LYS C 30 -30.40 14.23 -24.17
C LYS C 30 -28.92 13.87 -23.97
N LEU C 31 -28.20 13.75 -25.07
CA LEU C 31 -26.77 13.41 -25.02
C LEU C 31 -26.57 12.15 -24.18
N ASN C 32 -27.56 11.28 -24.21
CA ASN C 32 -27.55 10.03 -23.47
C ASN C 32 -27.32 10.21 -21.97
N ALA C 33 -27.89 11.28 -21.41
CA ALA C 33 -27.78 11.51 -19.98
C ALA C 33 -28.43 10.26 -19.39
N MET C 34 -27.91 9.79 -18.27
CA MET C 34 -28.42 8.55 -17.68
C MET C 34 -29.54 8.64 -16.67
N PRO C 35 -30.70 8.04 -16.99
CA PRO C 35 -31.82 7.99 -16.10
C PRO C 35 -31.53 6.95 -15.06
N PRO C 36 -32.26 6.88 -13.94
CA PRO C 36 -32.02 5.83 -12.94
C PRO C 36 -31.86 4.43 -13.50
N ALA C 37 -32.78 4.02 -14.38
CA ALA C 37 -32.72 2.67 -14.95
C ALA C 37 -31.44 2.42 -15.74
N LEU C 38 -31.03 3.41 -16.54
CA LEU C 38 -29.83 3.28 -17.35
C LEU C 38 -28.55 3.23 -16.51
N HIS C 39 -28.45 4.11 -15.51
CA HIS C 39 -27.27 4.13 -14.66
C HIS C 39 -27.10 2.78 -13.99
N ARG C 40 -28.17 2.25 -13.41
CA ARG C 40 -28.09 0.97 -12.74
C ARG C 40 -27.75 -0.14 -13.74
N GLY C 41 -28.34 -0.07 -14.93
CA GLY C 41 -28.07 -1.09 -15.94
C GLY C 41 -26.61 -1.13 -16.36
N LEU C 42 -26.04 0.04 -16.66
CA LEU C 42 -24.65 0.11 -17.08
C LEU C 42 -23.70 -0.33 -15.97
N ALA C 43 -24.15 -0.23 -14.73
CA ALA C 43 -23.32 -0.62 -13.59
C ALA C 43 -23.42 -2.11 -13.28
N ARG C 44 -24.62 -2.66 -13.40
CA ARG C 44 -24.86 -4.06 -13.08
C ARG C 44 -24.73 -5.09 -14.20
N VAL C 45 -24.77 -4.66 -15.47
CA VAL C 45 -24.67 -5.59 -16.58
C VAL C 45 -23.40 -6.44 -16.62
N TRP C 46 -22.29 -5.88 -16.15
CA TRP C 46 -21.02 -6.60 -16.16
C TRP C 46 -21.06 -7.94 -15.45
N ARG C 47 -21.83 -8.01 -14.37
CA ARG C 47 -21.96 -9.27 -13.62
C ARG C 47 -22.57 -10.37 -14.48
N ASP C 48 -23.59 -10.03 -15.25
CA ASP C 48 -24.26 -11.03 -16.09
C ASP C 48 -23.54 -11.33 -17.38
N LEU C 49 -22.76 -10.37 -17.87
CA LEU C 49 -22.03 -10.57 -19.12
C LEU C 49 -21.05 -11.72 -19.05
N GLU C 50 -20.63 -12.08 -17.85
CA GLU C 50 -19.69 -13.18 -17.67
C GLU C 50 -20.35 -14.49 -18.10
N ALA C 51 -21.68 -14.50 -18.08
CA ALA C 51 -22.46 -15.68 -18.45
C ALA C 51 -22.52 -15.87 -19.96
N VAL C 52 -22.30 -14.80 -20.71
CA VAL C 52 -22.33 -14.89 -22.17
C VAL C 52 -21.03 -15.52 -22.68
N GLU C 53 -21.17 -16.66 -23.33
CA GLU C 53 -20.01 -17.37 -23.86
C GLU C 53 -19.63 -16.77 -25.21
N GLY C 54 -18.36 -16.90 -25.59
CA GLY C 54 -17.93 -16.37 -26.87
C GLY C 54 -17.52 -14.91 -26.85
N VAL C 55 -17.61 -14.26 -25.69
CA VAL C 55 -17.21 -12.85 -25.61
C VAL C 55 -15.70 -12.77 -25.47
N ARG C 56 -15.05 -12.13 -26.44
CA ARG C 56 -13.60 -11.99 -26.40
C ARG C 56 -13.22 -10.51 -26.22
N ALA C 57 -14.19 -9.64 -26.43
CA ALA C 57 -14.01 -8.19 -26.28
C ALA C 57 -15.36 -7.52 -26.24
N VAL C 58 -15.45 -6.42 -25.49
CA VAL C 58 -16.69 -5.67 -25.39
C VAL C 58 -16.48 -4.27 -25.94
N LEU C 59 -17.42 -3.82 -26.77
CA LEU C 59 -17.35 -2.49 -27.37
C LEU C 59 -18.53 -1.66 -26.87
N LEU C 60 -18.23 -0.54 -26.21
CA LEU C 60 -19.27 0.33 -25.69
C LEU C 60 -19.48 1.50 -26.62
N ARG C 61 -20.74 1.84 -26.86
CA ARG C 61 -21.08 2.96 -27.72
C ARG C 61 -22.42 3.54 -27.30
N GLY C 62 -22.53 4.87 -27.38
CA GLY C 62 -23.77 5.52 -27.04
C GLY C 62 -24.57 5.64 -28.33
N GLU C 63 -25.89 5.56 -28.22
CA GLU C 63 -26.73 5.66 -29.40
C GLU C 63 -26.82 7.12 -29.85
N GLY C 64 -27.00 7.33 -31.16
CA GLY C 64 -27.10 8.68 -31.68
C GLY C 64 -25.79 9.42 -31.88
N GLY C 65 -24.70 8.67 -32.06
CA GLY C 65 -23.41 9.30 -32.28
C GLY C 65 -22.87 10.14 -31.13
N VAL C 66 -23.21 9.76 -29.91
CA VAL C 66 -22.74 10.46 -28.72
C VAL C 66 -22.63 9.45 -27.60
N PHE C 67 -21.59 9.58 -26.77
CA PHE C 67 -21.39 8.64 -25.66
C PHE C 67 -22.35 8.99 -24.52
N SER C 68 -21.96 9.87 -23.62
CA SER C 68 -22.85 10.22 -22.52
C SER C 68 -22.45 11.45 -21.71
N ALA C 69 -23.45 12.27 -21.39
CA ALA C 69 -23.26 13.48 -20.61
C ALA C 69 -23.31 13.17 -19.11
N GLY C 70 -23.45 11.90 -18.77
CA GLY C 70 -23.48 11.51 -17.37
C GLY C 70 -24.87 11.37 -16.77
N GLY C 71 -24.93 11.36 -15.44
CA GLY C 71 -26.22 11.24 -14.76
C GLY C 71 -27.17 12.36 -15.12
N SER C 72 -28.45 12.03 -15.30
CA SER C 72 -29.45 13.02 -15.66
C SER C 72 -29.91 13.83 -14.45
N PHE C 73 -30.53 14.98 -14.71
CA PHE C 73 -31.05 15.83 -13.65
C PHE C 73 -31.99 15.00 -12.77
N GLY C 74 -32.80 14.17 -13.43
CA GLY C 74 -33.75 13.33 -12.71
C GLY C 74 -33.07 12.41 -11.71
N LEU C 75 -31.99 11.75 -12.15
CA LEU C 75 -31.26 10.84 -11.28
C LEU C 75 -30.69 11.60 -10.08
N ILE C 76 -30.06 12.73 -10.35
CA ILE C 76 -29.47 13.55 -9.29
C ILE C 76 -30.51 13.99 -8.28
N GLU C 77 -31.65 14.48 -8.76
CA GLU C 77 -32.72 14.92 -7.87
C GLU C 77 -33.25 13.74 -7.05
N GLU C 78 -33.38 12.59 -7.68
CA GLU C 78 -33.87 11.40 -6.98
C GLU C 78 -32.93 11.07 -5.82
N MET C 79 -31.63 11.22 -6.07
CA MET C 79 -30.63 10.94 -5.05
C MET C 79 -30.75 11.88 -3.87
N ARG C 80 -30.98 13.16 -4.16
CA ARG C 80 -31.11 14.17 -3.12
C ARG C 80 -32.41 14.02 -2.33
N ALA C 81 -33.40 13.40 -2.95
CA ALA C 81 -34.72 13.23 -2.33
C ALA C 81 -34.88 12.14 -1.26
N SER C 82 -34.03 11.11 -1.29
CA SER C 82 -34.15 10.06 -0.28
C SER C 82 -32.85 9.34 0.00
N HIS C 83 -32.69 8.93 1.25
CA HIS C 83 -31.50 8.20 1.68
C HIS C 83 -31.42 6.88 0.93
N GLU C 84 -32.56 6.23 0.80
CA GLU C 84 -32.67 4.95 0.12
C GLU C 84 -32.06 5.02 -1.29
N ALA C 85 -32.41 6.06 -2.03
CA ALA C 85 -31.91 6.22 -3.39
C ALA C 85 -30.44 6.63 -3.44
N LEU C 86 -30.04 7.50 -2.51
CA LEU C 86 -28.67 7.96 -2.46
C LEU C 86 -27.71 6.77 -2.30
N LEU C 87 -28.01 5.89 -1.36
CA LEU C 87 -27.16 4.73 -1.13
C LEU C 87 -27.26 3.68 -2.23
N ARG C 88 -28.43 3.57 -2.85
CA ARG C 88 -28.58 2.60 -3.93
C ARG C 88 -27.63 3.04 -5.05
N VAL C 89 -27.66 4.33 -5.36
CA VAL C 89 -26.82 4.86 -6.43
C VAL C 89 -25.33 4.86 -6.06
N PHE C 90 -25.03 4.90 -4.76
CA PHE C 90 -23.64 4.85 -4.31
C PHE C 90 -23.01 3.55 -4.82
N TRP C 91 -23.65 2.44 -4.52
CA TRP C 91 -23.11 1.15 -4.95
C TRP C 91 -23.12 0.98 -6.47
N GLU C 92 -24.02 1.68 -7.15
CA GLU C 92 -24.07 1.59 -8.60
C GLU C 92 -22.89 2.34 -9.18
N ALA C 93 -22.62 3.53 -8.64
CA ALA C 93 -21.51 4.35 -9.11
C ALA C 93 -20.20 3.58 -8.95
N ARG C 94 -20.08 2.85 -7.84
CA ARG C 94 -18.89 2.06 -7.58
C ARG C 94 -18.75 0.99 -8.65
N ASP C 95 -19.85 0.28 -8.93
CA ASP C 95 -19.86 -0.77 -9.93
C ASP C 95 -19.70 -0.27 -11.36
N LEU C 96 -20.13 0.95 -11.65
CA LEU C 96 -20.00 1.48 -13.00
C LEU C 96 -18.53 1.51 -13.40
N VAL C 97 -17.66 1.70 -12.42
CA VAL C 97 -16.23 1.73 -12.69
C VAL C 97 -15.57 0.36 -12.53
N LEU C 98 -15.84 -0.29 -11.40
CA LEU C 98 -15.26 -1.60 -11.12
C LEU C 98 -15.77 -2.70 -12.04
N GLY C 99 -17.01 -2.56 -12.50
CA GLY C 99 -17.59 -3.54 -13.40
C GLY C 99 -16.68 -3.79 -14.58
N PRO C 100 -16.36 -2.76 -15.36
CA PRO C 100 -15.47 -2.92 -16.53
C PRO C 100 -14.09 -3.40 -16.08
N LEU C 101 -13.59 -2.84 -14.98
CA LEU C 101 -12.28 -3.24 -14.48
C LEU C 101 -12.19 -4.72 -14.11
N ASN C 102 -13.26 -5.23 -13.52
CA ASN C 102 -13.25 -6.62 -13.10
C ASN C 102 -13.79 -7.61 -14.12
N PHE C 103 -14.26 -7.11 -15.26
CA PHE C 103 -14.76 -7.99 -16.32
C PHE C 103 -13.52 -8.61 -16.94
N PRO C 104 -13.49 -9.95 -17.09
CA PRO C 104 -12.31 -10.60 -17.66
C PRO C 104 -11.83 -10.21 -19.06
N ARG C 105 -12.76 -9.86 -19.94
CA ARG C 105 -12.38 -9.51 -21.31
C ARG C 105 -12.10 -8.02 -21.48
N PRO C 106 -11.27 -7.67 -22.47
CA PRO C 106 -10.93 -6.27 -22.73
C PRO C 106 -12.18 -5.48 -23.12
N VAL C 107 -12.27 -4.24 -22.66
CA VAL C 107 -13.41 -3.39 -22.96
C VAL C 107 -12.93 -2.16 -23.72
N VAL C 108 -13.58 -1.89 -24.85
CA VAL C 108 -13.23 -0.75 -25.70
C VAL C 108 -14.39 0.25 -25.72
N ALA C 109 -14.09 1.53 -25.58
CA ALA C 109 -15.14 2.53 -25.61
C ALA C 109 -15.01 3.46 -26.83
N ALA C 110 -16.10 3.60 -27.58
CA ALA C 110 -16.11 4.48 -28.75
C ALA C 110 -16.72 5.77 -28.20
N VAL C 111 -15.84 6.65 -27.72
CA VAL C 111 -16.27 7.91 -27.13
C VAL C 111 -16.51 9.02 -28.13
N GLU C 112 -17.76 9.13 -28.57
CA GLU C 112 -18.15 10.13 -29.54
C GLU C 112 -18.72 11.40 -28.94
N LYS C 113 -18.24 12.54 -29.44
CA LYS C 113 -18.71 13.87 -29.04
C LYS C 113 -18.65 14.32 -27.58
N VAL C 114 -19.21 13.55 -26.65
CA VAL C 114 -19.22 13.99 -25.26
C VAL C 114 -19.10 12.89 -24.21
N ALA C 115 -18.30 13.14 -23.19
CA ALA C 115 -18.12 12.21 -22.07
C ALA C 115 -17.96 13.06 -20.83
N VAL C 116 -19.00 13.10 -20.00
CA VAL C 116 -18.99 13.90 -18.77
C VAL C 116 -19.53 13.10 -17.60
N GLY C 117 -19.03 13.38 -16.41
CA GLY C 117 -19.50 12.66 -15.23
C GLY C 117 -19.42 11.15 -15.38
N ALA C 118 -20.53 10.48 -15.07
CA ALA C 118 -20.58 9.02 -15.17
C ALA C 118 -20.22 8.56 -16.58
N GLY C 119 -20.45 9.42 -17.56
CA GLY C 119 -20.12 9.08 -18.93
C GLY C 119 -18.61 8.98 -19.09
N LEU C 120 -17.89 9.89 -18.45
CA LEU C 120 -16.44 9.87 -18.50
C LEU C 120 -15.94 8.69 -17.68
N ALA C 121 -16.60 8.45 -16.55
CA ALA C 121 -16.24 7.35 -15.66
C ALA C 121 -16.26 6.03 -16.41
N LEU C 122 -17.33 5.80 -17.17
CA LEU C 122 -17.46 4.58 -17.93
C LEU C 122 -16.42 4.52 -19.06
N ALA C 123 -16.23 5.64 -19.74
CA ALA C 123 -15.26 5.70 -20.83
C ALA C 123 -13.85 5.41 -20.34
N LEU C 124 -13.50 5.93 -19.16
CA LEU C 124 -12.16 5.73 -18.63
C LEU C 124 -11.97 4.41 -17.88
N ALA C 125 -13.07 3.76 -17.53
CA ALA C 125 -12.99 2.47 -16.85
C ALA C 125 -12.70 1.39 -17.89
N ALA C 126 -13.03 1.69 -19.14
CA ALA C 126 -12.77 0.77 -20.25
C ALA C 126 -11.25 0.64 -20.38
N ASP C 127 -10.78 -0.48 -20.91
CA ASP C 127 -9.36 -0.70 -21.07
C ASP C 127 -8.76 0.23 -22.12
N ILE C 128 -9.47 0.40 -23.22
CA ILE C 128 -9.01 1.29 -24.29
C ILE C 128 -10.15 2.19 -24.72
N ALA C 129 -9.87 3.49 -24.78
CA ALA C 129 -10.87 4.46 -25.20
C ALA C 129 -10.41 5.17 -26.46
N VAL C 130 -11.29 5.19 -27.46
CA VAL C 130 -11.00 5.87 -28.71
C VAL C 130 -11.89 7.11 -28.70
N VAL C 131 -11.27 8.27 -28.79
CA VAL C 131 -12.01 9.52 -28.78
C VAL C 131 -11.82 10.25 -30.10
N GLY C 132 -12.65 11.26 -30.35
CA GLY C 132 -12.52 12.04 -31.57
C GLY C 132 -11.72 13.27 -31.21
N LYS C 133 -11.01 13.84 -32.19
CA LYS C 133 -10.22 15.04 -31.92
C LYS C 133 -11.07 16.13 -31.28
N GLY C 134 -12.34 16.17 -31.65
CA GLY C 134 -13.23 17.18 -31.12
C GLY C 134 -14.10 16.75 -29.95
N THR C 135 -14.01 15.48 -29.56
CA THR C 135 -14.80 14.98 -28.43
C THR C 135 -14.52 15.88 -27.23
N ARG C 136 -15.54 16.09 -26.39
CA ARG C 136 -15.36 16.93 -25.22
C ARG C 136 -15.44 16.08 -23.96
N LEU C 137 -14.34 16.09 -23.20
CA LEU C 137 -14.28 15.30 -21.98
C LEU C 137 -14.18 16.22 -20.77
N LEU C 138 -15.07 16.01 -19.81
CA LEU C 138 -15.12 16.84 -18.63
C LEU C 138 -15.65 16.06 -17.44
N ASP C 139 -14.98 16.18 -16.29
CA ASP C 139 -15.46 15.49 -15.09
C ASP C 139 -16.79 16.17 -14.74
N GLY C 140 -16.73 17.48 -14.58
CA GLY C 140 -17.93 18.27 -14.32
C GLY C 140 -18.55 18.36 -12.93
N HIS C 141 -18.03 17.62 -11.96
CA HIS C 141 -18.64 17.63 -10.62
C HIS C 141 -18.52 18.98 -9.88
N LEU C 142 -17.36 19.64 -9.98
CA LEU C 142 -17.17 20.90 -9.29
C LEU C 142 -18.12 22.01 -9.76
N ARG C 143 -18.55 21.95 -11.02
CA ARG C 143 -19.47 22.98 -11.51
C ARG C 143 -20.86 22.66 -10.97
N LEU C 144 -21.09 21.37 -10.73
CA LEU C 144 -22.36 20.89 -10.20
C LEU C 144 -22.45 21.20 -8.71
N GLY C 145 -21.31 21.36 -8.07
CA GLY C 145 -21.29 21.67 -6.65
C GLY C 145 -20.96 20.52 -5.71
N VAL C 146 -20.39 19.44 -6.25
CA VAL C 146 -20.03 18.29 -5.43
C VAL C 146 -18.62 17.80 -5.79
N ALA C 147 -18.05 16.98 -4.92
CA ALA C 147 -16.71 16.45 -5.14
C ALA C 147 -16.64 15.52 -6.34
N ALA C 148 -15.47 15.46 -6.97
CA ALA C 148 -15.26 14.60 -8.13
C ALA C 148 -15.06 13.18 -7.60
N GLY C 149 -16.15 12.55 -7.18
CA GLY C 149 -16.06 11.22 -6.62
C GLY C 149 -16.57 10.02 -7.38
N ASP C 150 -16.97 10.15 -8.64
CA ASP C 150 -17.47 8.96 -9.34
C ASP C 150 -16.46 8.19 -10.19
N HIS C 151 -15.19 8.61 -10.16
CA HIS C 151 -14.13 7.92 -10.91
C HIS C 151 -12.77 8.64 -10.91
N ALA C 152 -12.81 9.97 -10.95
CA ALA C 152 -11.58 10.75 -11.02
C ALA C 152 -10.46 10.38 -10.04
N VAL C 153 -10.81 10.16 -8.77
CA VAL C 153 -9.79 9.81 -7.79
C VAL C 153 -9.23 8.41 -7.97
N LEU C 154 -9.94 7.54 -8.68
CA LEU C 154 -9.40 6.20 -8.90
C LEU C 154 -8.58 6.11 -10.17
N LEU C 155 -9.03 6.79 -11.23
CA LEU C 155 -8.36 6.70 -12.52
C LEU C 155 -7.40 7.79 -13.00
N TRP C 156 -7.75 9.06 -12.77
CA TRP C 156 -6.91 10.16 -13.27
C TRP C 156 -5.43 10.22 -12.89
N PRO C 157 -5.09 10.00 -11.60
CA PRO C 157 -3.67 10.06 -11.23
C PRO C 157 -2.74 9.14 -12.05
N LEU C 158 -3.16 7.89 -12.26
CA LEU C 158 -2.33 6.94 -13.02
C LEU C 158 -2.51 7.06 -14.52
N LEU C 159 -3.27 8.08 -14.94
CA LEU C 159 -3.49 8.30 -16.37
C LEU C 159 -2.73 9.54 -16.84
N VAL C 160 -2.92 10.66 -16.16
CA VAL C 160 -2.27 11.90 -16.57
C VAL C 160 -1.37 12.58 -15.54
N GLY C 161 -1.24 11.99 -14.36
CA GLY C 161 -0.41 12.61 -13.34
C GLY C 161 -1.24 13.55 -12.48
N MET C 162 -0.75 13.87 -11.29
CA MET C 162 -1.50 14.71 -10.37
C MET C 162 -1.66 16.18 -10.74
N ALA C 163 -0.67 16.76 -11.42
CA ALA C 163 -0.77 18.16 -11.81
C ALA C 163 -1.93 18.39 -12.79
N LYS C 164 -1.97 17.60 -13.85
CA LYS C 164 -3.03 17.73 -14.85
C LYS C 164 -4.36 17.29 -14.28
N ALA C 165 -4.33 16.33 -13.36
CA ALA C 165 -5.55 15.86 -12.74
C ALA C 165 -6.16 17.00 -11.92
N LYS C 166 -5.36 17.59 -11.03
CA LYS C 166 -5.88 18.69 -10.20
C LYS C 166 -6.36 19.89 -11.00
N TYR C 167 -5.62 20.22 -12.06
CA TYR C 167 -5.98 21.37 -12.90
C TYR C 167 -7.37 21.19 -13.53
N HIS C 168 -7.59 20.05 -14.19
CA HIS C 168 -8.85 19.81 -14.86
C HIS C 168 -10.03 19.44 -13.95
N LEU C 169 -9.73 18.80 -12.82
CA LEU C 169 -10.79 18.39 -11.92
C LEU C 169 -11.26 19.52 -11.00
N LEU C 170 -10.32 20.30 -10.48
CA LEU C 170 -10.65 21.39 -9.58
C LEU C 170 -11.21 22.62 -10.29
N LEU C 171 -10.78 22.84 -11.54
CA LEU C 171 -11.25 24.00 -12.30
C LEU C 171 -12.38 23.68 -13.25
N ASN C 172 -12.65 22.39 -13.45
CA ASN C 172 -13.71 22.00 -14.35
C ASN C 172 -13.34 22.52 -15.73
N GLU C 173 -12.10 22.28 -16.12
CA GLU C 173 -11.58 22.71 -17.41
C GLU C 173 -11.71 21.56 -18.40
N PRO C 174 -12.59 21.71 -19.40
CA PRO C 174 -12.80 20.67 -20.41
C PRO C 174 -11.58 20.33 -21.26
N LEU C 175 -11.54 19.09 -21.74
CA LEU C 175 -10.44 18.61 -22.57
C LEU C 175 -10.96 18.17 -23.93
N THR C 176 -10.22 18.51 -24.98
CA THR C 176 -10.64 18.05 -26.31
C THR C 176 -10.08 16.64 -26.38
N GLY C 177 -10.65 15.82 -27.26
CA GLY C 177 -10.16 14.47 -27.41
C GLY C 177 -8.68 14.47 -27.73
N GLU C 178 -8.24 15.44 -28.54
CA GLU C 178 -6.85 15.55 -28.93
C GLU C 178 -5.92 15.85 -27.76
N GLU C 179 -6.34 16.77 -26.88
CA GLU C 179 -5.54 17.12 -25.72
C GLU C 179 -5.50 15.96 -24.73
N ALA C 180 -6.62 15.26 -24.60
CA ALA C 180 -6.71 14.13 -23.69
C ALA C 180 -5.72 13.04 -24.08
N GLU C 181 -5.60 12.79 -25.38
CA GLU C 181 -4.66 11.78 -25.85
C GLU C 181 -3.23 12.20 -25.51
N ARG C 182 -2.93 13.48 -25.73
CA ARG C 182 -1.59 14.00 -25.47
C ARG C 182 -1.19 13.87 -24.00
N LEU C 183 -2.15 14.06 -23.11
CA LEU C 183 -1.90 13.96 -21.68
C LEU C 183 -1.78 12.51 -21.22
N GLY C 184 -2.38 11.61 -22.00
CA GLY C 184 -2.33 10.20 -21.66
C GLY C 184 -3.62 9.70 -21.04
N LEU C 185 -4.67 10.52 -21.06
CA LEU C 185 -5.96 10.13 -20.48
C LEU C 185 -6.60 9.02 -21.31
N VAL C 186 -6.38 9.06 -22.63
CA VAL C 186 -6.94 8.07 -23.54
C VAL C 186 -5.84 7.64 -24.52
N ALA C 187 -5.99 6.44 -25.08
CA ALA C 187 -4.99 5.88 -25.99
C ALA C 187 -4.98 6.49 -27.39
N LEU C 188 -6.15 6.70 -27.96
CA LEU C 188 -6.24 7.24 -29.31
C LEU C 188 -7.26 8.35 -29.50
N ALA C 189 -6.92 9.28 -30.38
CA ALA C 189 -7.78 10.40 -30.73
C ALA C 189 -7.75 10.40 -32.26
N VAL C 190 -8.89 10.12 -32.88
CA VAL C 190 -8.97 10.07 -34.33
C VAL C 190 -10.00 11.07 -34.86
N GLU C 191 -10.09 11.18 -36.18
CA GLU C 191 -11.06 12.10 -36.78
C GLU C 191 -12.43 11.67 -36.28
N ASP C 192 -13.21 12.65 -35.81
CA ASP C 192 -14.54 12.40 -35.26
C ASP C 192 -15.36 11.39 -36.07
N GLU C 193 -15.31 11.52 -37.39
CA GLU C 193 -16.03 10.63 -38.26
C GLU C 193 -15.57 9.18 -38.16
N LYS C 194 -14.33 8.94 -37.74
CA LYS C 194 -13.77 7.60 -37.65
C LYS C 194 -13.67 6.98 -36.24
N VAL C 195 -14.30 7.61 -35.26
CA VAL C 195 -14.25 7.08 -33.90
C VAL C 195 -14.78 5.66 -33.78
N TYR C 196 -16.02 5.42 -34.19
CA TYR C 196 -16.60 4.08 -34.09
C TYR C 196 -15.79 3.07 -34.91
N GLU C 197 -15.47 3.44 -36.14
CA GLU C 197 -14.70 2.58 -37.03
C GLU C 197 -13.42 2.10 -36.36
N LYS C 198 -12.66 3.04 -35.80
CA LYS C 198 -11.41 2.72 -35.13
C LYS C 198 -11.62 1.91 -33.87
N ALA C 199 -12.62 2.27 -33.09
CA ALA C 199 -12.92 1.54 -31.86
C ALA C 199 -13.27 0.08 -32.20
N LEU C 200 -14.07 -0.11 -33.25
CA LEU C 200 -14.45 -1.46 -33.65
C LEU C 200 -13.21 -2.23 -34.13
N GLU C 201 -12.33 -1.56 -34.85
CA GLU C 201 -11.11 -2.19 -35.34
C GLU C 201 -10.27 -2.69 -34.17
N VAL C 202 -10.17 -1.86 -33.13
CA VAL C 202 -9.41 -2.20 -31.93
C VAL C 202 -10.04 -3.40 -31.24
N ALA C 203 -11.35 -3.36 -31.05
CA ALA C 203 -12.06 -4.44 -30.39
C ALA C 203 -11.89 -5.75 -31.16
N GLU C 204 -11.91 -5.65 -32.49
CA GLU C 204 -11.74 -6.83 -33.32
C GLU C 204 -10.34 -7.42 -33.15
N ARG C 205 -9.32 -6.55 -33.15
CA ARG C 205 -7.94 -7.01 -32.96
C ARG C 205 -7.83 -7.74 -31.63
N LEU C 206 -8.46 -7.18 -30.60
CA LEU C 206 -8.44 -7.78 -29.27
C LEU C 206 -9.12 -9.15 -29.29
N ALA C 207 -10.24 -9.25 -29.99
CA ALA C 207 -10.98 -10.51 -30.06
C ALA C 207 -10.17 -11.58 -30.80
N GLN C 208 -9.19 -11.14 -31.58
CA GLN C 208 -8.35 -12.07 -32.33
C GLN C 208 -7.10 -12.46 -31.54
N GLY C 209 -6.92 -11.83 -30.38
CA GLY C 209 -5.75 -12.14 -29.57
C GLY C 209 -5.95 -13.31 -28.63
N PRO C 210 -4.93 -13.67 -27.83
CA PRO C 210 -4.99 -14.77 -26.88
C PRO C 210 -5.89 -14.44 -25.70
N LYS C 211 -7.03 -15.11 -25.63
CA LYS C 211 -8.03 -14.91 -24.59
C LYS C 211 -7.49 -14.99 -23.15
N GLU C 212 -6.84 -16.09 -22.79
CA GLU C 212 -6.31 -16.22 -21.45
C GLU C 212 -5.23 -15.19 -21.13
N ALA C 213 -4.29 -15.01 -22.05
CA ALA C 213 -3.20 -14.05 -21.88
C ALA C 213 -3.73 -12.63 -21.69
N LEU C 214 -4.74 -12.27 -22.47
CA LEU C 214 -5.33 -10.93 -22.36
C LEU C 214 -6.00 -10.75 -21.00
N HIS C 215 -6.78 -11.75 -20.61
CA HIS C 215 -7.47 -11.76 -19.34
C HIS C 215 -6.50 -11.52 -18.19
N HIS C 216 -5.43 -12.31 -18.18
CA HIS C 216 -4.45 -12.22 -17.12
C HIS C 216 -3.67 -10.92 -17.11
N THR C 217 -3.35 -10.41 -18.30
CA THR C 217 -2.61 -9.16 -18.41
C THR C 217 -3.46 -8.00 -17.92
N LYS C 218 -4.73 -7.97 -18.35
CA LYS C 218 -5.64 -6.92 -17.92
C LYS C 218 -5.81 -6.99 -16.41
N HIS C 219 -6.06 -8.18 -15.90
CA HIS C 219 -6.24 -8.39 -14.47
C HIS C 219 -5.04 -7.94 -13.64
N ALA C 220 -3.84 -8.29 -14.10
CA ALA C 220 -2.63 -7.93 -13.39
C ALA C 220 -2.43 -6.42 -13.40
N LEU C 221 -2.69 -5.79 -14.55
CA LEU C 221 -2.54 -4.34 -14.65
C LEU C 221 -3.57 -3.62 -13.78
N ASN C 222 -4.79 -4.13 -13.75
CA ASN C 222 -5.83 -3.48 -12.97
C ASN C 222 -5.61 -3.52 -11.46
N HIS C 223 -4.68 -4.34 -10.98
CA HIS C 223 -4.40 -4.36 -9.55
C HIS C 223 -3.82 -3.02 -9.14
N TRP C 224 -3.26 -2.29 -10.11
CA TRP C 224 -2.71 -0.97 -9.82
C TRP C 224 -3.87 -0.07 -9.38
N TYR C 225 -5.00 -0.20 -10.07
CA TYR C 225 -6.18 0.58 -9.72
C TYR C 225 -6.78 0.03 -8.42
N ARG C 226 -6.86 -1.30 -8.31
CA ARG C 226 -7.44 -1.91 -7.12
C ARG C 226 -6.72 -1.53 -5.83
N SER C 227 -5.43 -1.24 -5.92
CA SER C 227 -4.67 -0.85 -4.74
C SER C 227 -5.16 0.48 -4.20
N PHE C 228 -5.81 1.28 -5.04
CA PHE C 228 -6.31 2.57 -4.59
C PHE C 228 -7.83 2.62 -4.48
N LEU C 229 -8.46 1.45 -4.31
CA LEU C 229 -9.91 1.40 -4.16
C LEU C 229 -10.44 2.23 -2.99
N PRO C 230 -9.79 2.12 -1.80
CA PRO C 230 -10.27 2.90 -0.66
C PRO C 230 -10.24 4.41 -0.96
N HIS C 231 -9.21 4.84 -1.68
CA HIS C 231 -9.06 6.24 -2.07
C HIS C 231 -10.27 6.67 -2.88
N PHE C 232 -10.65 5.81 -3.82
CA PHE C 232 -11.78 6.06 -4.70
C PHE C 232 -13.10 6.04 -3.95
N GLU C 233 -13.32 4.99 -3.18
CA GLU C 233 -14.57 4.91 -2.45
C GLU C 233 -14.76 6.04 -1.47
N LEU C 234 -13.65 6.56 -0.91
CA LEU C 234 -13.74 7.69 0.01
C LEU C 234 -14.21 8.92 -0.75
N SER C 235 -13.65 9.15 -1.93
CA SER C 235 -14.02 10.31 -2.74
C SER C 235 -15.50 10.21 -3.11
N LEU C 236 -15.96 8.98 -3.36
CA LEU C 236 -17.35 8.75 -3.72
C LEU C 236 -18.25 9.04 -2.52
N ALA C 237 -17.84 8.56 -1.35
CA ALA C 237 -18.61 8.80 -0.13
C ALA C 237 -18.67 10.28 0.22
N LEU C 238 -17.55 10.98 0.02
CA LEU C 238 -17.51 12.42 0.31
C LEU C 238 -18.40 13.15 -0.66
N GLU C 239 -18.39 12.73 -1.93
CA GLU C 239 -19.24 13.36 -2.93
C GLU C 239 -20.70 13.23 -2.52
N PHE C 240 -21.10 12.02 -2.12
CA PHE C 240 -22.47 11.76 -1.72
C PHE C 240 -22.88 12.46 -0.43
N LEU C 241 -21.93 12.70 0.46
CA LEU C 241 -22.24 13.42 1.70
C LEU C 241 -22.57 14.85 1.31
N GLY C 242 -22.06 15.28 0.15
CA GLY C 242 -22.30 16.61 -0.33
C GLY C 242 -23.66 16.80 -0.98
N PHE C 243 -24.38 15.71 -1.19
CA PHE C 243 -25.70 15.79 -1.81
C PHE C 243 -26.75 16.49 -0.97
N SER C 244 -26.49 16.63 0.32
CA SER C 244 -27.42 17.31 1.22
C SER C 244 -26.94 18.71 1.55
N GLY C 245 -25.92 19.16 0.82
CA GLY C 245 -25.36 20.48 1.06
C GLY C 245 -25.90 21.60 0.19
N LYS C 246 -25.65 22.83 0.63
CA LYS C 246 -26.10 24.02 -0.08
C LYS C 246 -25.41 24.21 -1.42
N GLU C 247 -24.20 23.67 -1.58
CA GLU C 247 -23.47 23.82 -2.83
C GLU C 247 -24.13 23.10 -4.00
N LEU C 248 -24.57 21.86 -3.78
CA LEU C 248 -25.24 21.13 -4.85
C LEU C 248 -26.55 21.85 -5.17
N GLU C 249 -27.21 22.36 -4.13
CA GLU C 249 -28.47 23.09 -4.28
C GLU C 249 -28.27 24.21 -5.28
N GLU C 250 -27.26 25.05 -5.03
CA GLU C 250 -26.96 26.19 -5.91
C GLU C 250 -26.42 25.70 -7.26
N GLY C 251 -25.67 24.60 -7.21
CA GLY C 251 -25.11 24.06 -8.44
C GLY C 251 -26.18 23.73 -9.49
N LEU C 252 -27.21 22.98 -9.03
CA LEU C 252 -28.30 22.61 -9.92
C LEU C 252 -29.17 23.81 -10.27
N LYS C 253 -29.47 24.60 -9.22
CA LYS C 253 -30.26 25.79 -9.44
C LYS C 253 -29.65 26.63 -10.57
N ALA C 254 -28.31 26.70 -10.56
CA ALA C 254 -27.61 27.54 -11.53
C ALA C 254 -27.78 27.03 -12.97
N LEU C 255 -27.53 25.75 -13.21
CA LEU C 255 -27.66 25.22 -14.57
C LEU C 255 -29.09 25.23 -15.07
N LYS C 256 -30.03 24.79 -14.24
CA LYS C 256 -31.42 24.77 -14.63
C LYS C 256 -31.93 26.18 -14.96
N GLU C 257 -31.28 27.18 -14.38
CA GLU C 257 -31.63 28.57 -14.63
C GLU C 257 -30.66 29.17 -15.65
N LYS C 258 -29.77 28.32 -16.18
CA LYS C 258 -28.78 28.73 -17.15
C LYS C 258 -28.04 30.00 -16.75
N ARG C 259 -27.44 29.97 -15.57
CA ARG C 259 -26.68 31.11 -15.06
C ARG C 259 -25.51 30.59 -14.24
N PRO C 260 -24.41 31.36 -14.18
CA PRO C 260 -23.23 30.95 -13.41
C PRO C 260 -23.58 30.71 -11.95
N PRO C 261 -23.04 29.64 -11.34
CA PRO C 261 -23.32 29.37 -9.93
C PRO C 261 -22.71 30.40 -8.99
N GLU C 262 -23.38 30.63 -7.87
CA GLU C 262 -22.92 31.56 -6.85
C GLU C 262 -22.81 30.81 -5.54
N PHE C 263 -21.74 30.03 -5.41
CA PHE C 263 -21.52 29.23 -4.21
C PHE C 263 -21.28 30.06 -2.96
N PRO C 264 -21.85 29.62 -1.83
CA PRO C 264 -21.73 30.29 -0.52
C PRO C 264 -20.35 30.22 0.12
N LEU D 2 30.75 -23.87 4.27
CA LEU D 2 31.90 -24.23 3.39
C LEU D 2 33.21 -23.82 4.05
N ALA D 3 34.32 -24.26 3.47
CA ALA D 3 35.64 -23.92 4.02
C ALA D 3 36.00 -22.48 3.63
N SER D 4 35.38 -21.98 2.58
CA SER D 4 35.64 -20.62 2.11
C SER D 4 34.76 -19.62 2.88
N LEU D 5 33.58 -20.07 3.30
CA LEU D 5 32.67 -19.21 4.05
C LEU D 5 33.25 -18.88 5.41
N GLU D 6 33.75 -19.90 6.10
CA GLU D 6 34.34 -19.71 7.43
C GLU D 6 35.48 -18.71 7.39
N ALA D 7 36.20 -18.66 6.27
CA ALA D 7 37.33 -17.75 6.10
C ALA D 7 36.87 -16.32 5.83
N ARG D 8 35.76 -16.17 5.13
CA ARG D 8 35.24 -14.84 4.79
C ARG D 8 34.35 -14.29 5.90
N TYR D 9 33.87 -15.17 6.78
CA TYR D 9 33.00 -14.75 7.87
C TYR D 9 33.52 -15.11 9.24
N PRO D 10 34.52 -14.36 9.73
CA PRO D 10 35.09 -14.62 11.06
C PRO D 10 34.03 -14.45 12.14
N GLY D 11 33.93 -15.45 13.01
CA GLY D 11 32.95 -15.40 14.07
C GLY D 11 31.79 -16.32 13.77
N LEU D 12 31.75 -16.87 12.56
CA LEU D 12 30.69 -17.78 12.14
C LEU D 12 31.21 -19.19 11.91
N ALA D 13 30.59 -20.15 12.59
CA ALA D 13 30.96 -21.56 12.44
C ALA D 13 29.85 -22.26 11.69
N PHE D 14 30.21 -23.11 10.74
CA PHE D 14 29.22 -23.82 9.95
C PHE D 14 29.29 -25.33 10.15
N ALA D 15 28.13 -25.96 10.25
CA ALA D 15 28.05 -27.41 10.42
C ALA D 15 26.70 -27.92 9.95
N TRP D 16 26.60 -29.23 9.76
CA TRP D 16 25.36 -29.86 9.33
C TRP D 16 24.96 -30.84 10.42
N PRO D 17 24.29 -30.37 11.49
CA PRO D 17 23.87 -31.24 12.59
C PRO D 17 22.89 -32.33 12.15
N ARG D 18 22.09 -32.01 11.15
CA ARG D 18 21.11 -32.95 10.61
C ARG D 18 21.12 -32.79 9.10
N PRO D 19 20.58 -33.79 8.38
CA PRO D 19 20.54 -33.74 6.91
C PRO D 19 19.82 -32.50 6.39
N GLY D 20 20.46 -31.79 5.48
CA GLY D 20 19.87 -30.59 4.90
C GLY D 20 19.76 -29.38 5.80
N VAL D 21 20.23 -29.50 7.04
CA VAL D 21 20.17 -28.39 7.98
C VAL D 21 21.54 -27.74 8.18
N LEU D 22 21.71 -26.55 7.63
CA LEU D 22 22.96 -25.82 7.77
C LEU D 22 22.86 -24.98 9.04
N GLU D 23 23.69 -25.33 10.02
CA GLU D 23 23.70 -24.62 11.30
C GLU D 23 24.80 -23.57 11.36
N ILE D 24 24.41 -22.34 11.65
CA ILE D 24 25.38 -21.27 11.77
C ILE D 24 25.47 -20.85 13.23
N THR D 25 26.62 -21.09 13.84
CA THR D 25 26.86 -20.73 15.23
C THR D 25 27.75 -19.50 15.20
N PHE D 26 27.26 -18.40 15.76
CA PHE D 26 28.05 -17.18 15.77
C PHE D 26 28.64 -16.86 17.14
N ARG D 27 29.86 -16.33 17.13
CA ARG D 27 30.56 -15.98 18.36
C ARG D 27 30.91 -14.50 18.39
N GLY D 28 30.44 -13.82 19.44
CA GLY D 28 30.73 -12.41 19.58
C GLY D 28 31.52 -12.18 20.86
N GLU D 29 31.23 -11.08 21.55
CA GLU D 29 31.90 -10.76 22.80
C GLU D 29 30.99 -11.22 23.95
N LYS D 30 30.96 -10.50 25.06
CA LYS D 30 30.10 -10.90 26.18
C LYS D 30 28.65 -11.04 25.70
N LEU D 31 28.02 -12.17 26.04
CA LEU D 31 26.65 -12.46 25.63
C LEU D 31 26.52 -12.34 24.11
N ASN D 32 27.63 -12.62 23.44
CA ASN D 32 27.70 -12.55 21.98
C ASN D 32 27.36 -11.19 21.41
N ALA D 33 27.72 -10.13 22.15
CA ALA D 33 27.50 -8.77 21.66
C ALA D 33 28.27 -8.75 20.35
N MET D 34 27.73 -8.09 19.33
CA MET D 34 28.35 -8.06 18.02
C MET D 34 29.35 -6.98 17.68
N PRO D 35 30.60 -7.38 17.40
CA PRO D 35 31.63 -6.39 17.05
C PRO D 35 31.41 -6.10 15.57
N PRO D 36 32.08 -5.07 15.03
CA PRO D 36 31.91 -4.71 13.61
C PRO D 36 31.93 -5.89 12.64
N ALA D 37 32.95 -6.74 12.73
CA ALA D 37 33.09 -7.89 11.83
C ALA D 37 31.91 -8.85 11.90
N LEU D 38 31.44 -9.16 13.11
CA LEU D 38 30.34 -10.09 13.28
C LEU D 38 29.02 -9.52 12.75
N HIS D 39 28.75 -8.24 13.04
CA HIS D 39 27.52 -7.63 12.57
C HIS D 39 27.49 -7.65 11.04
N ARG D 40 28.62 -7.32 10.43
CA ARG D 40 28.71 -7.32 8.97
C ARG D 40 28.54 -8.73 8.41
N GLY D 41 29.15 -9.71 9.07
CA GLY D 41 29.05 -11.08 8.61
C GLY D 41 27.65 -11.66 8.69
N LEU D 42 26.98 -11.43 9.82
CA LEU D 42 25.62 -11.93 9.99
C LEU D 42 24.66 -11.28 9.00
N ALA D 43 25.00 -10.09 8.53
CA ALA D 43 24.12 -9.40 7.59
C ALA D 43 24.38 -9.81 6.14
N ARG D 44 25.64 -10.07 5.82
CA ARG D 44 25.98 -10.41 4.45
C ARG D 44 26.13 -11.89 4.10
N VAL D 45 26.17 -12.76 5.10
CA VAL D 45 26.32 -14.19 4.82
C VAL D 45 25.18 -14.77 3.98
N TRP D 46 23.99 -14.22 4.14
CA TRP D 46 22.80 -14.71 3.42
C TRP D 46 22.99 -14.67 1.90
N ARG D 47 23.69 -13.66 1.45
CA ARG D 47 23.98 -13.48 0.03
C ARG D 47 24.79 -14.65 -0.52
N ASP D 48 25.73 -15.16 0.28
CA ASP D 48 26.57 -16.28 -0.15
C ASP D 48 26.00 -17.66 0.13
N LEU D 49 25.08 -17.77 1.08
CA LEU D 49 24.48 -19.07 1.41
C LEU D 49 23.69 -19.64 0.25
N GLU D 50 23.21 -18.78 -0.64
CA GLU D 50 22.42 -19.22 -1.79
C GLU D 50 23.24 -20.13 -2.70
N ALA D 51 24.56 -20.09 -2.52
CA ALA D 51 25.46 -20.90 -3.33
C ALA D 51 25.78 -22.24 -2.69
N VAL D 52 25.48 -22.39 -1.41
CA VAL D 52 25.74 -23.63 -0.71
C VAL D 52 24.69 -24.67 -1.07
N GLU D 53 25.10 -25.67 -1.85
CA GLU D 53 24.18 -26.72 -2.27
C GLU D 53 23.80 -27.65 -1.13
N GLY D 54 22.55 -28.11 -1.15
CA GLY D 54 22.07 -29.01 -0.13
C GLY D 54 21.38 -28.36 1.04
N VAL D 55 21.26 -27.03 1.02
CA VAL D 55 20.60 -26.34 2.12
C VAL D 55 19.08 -26.36 1.99
N ARG D 56 18.43 -26.99 2.96
CA ARG D 56 16.98 -27.07 2.96
C ARG D 56 16.42 -26.26 4.13
N ALA D 57 17.28 -25.96 5.09
CA ALA D 57 16.90 -25.16 6.26
C ALA D 57 18.15 -24.64 6.95
N VAL D 58 18.06 -23.46 7.55
CA VAL D 58 19.18 -22.88 8.25
C VAL D 58 18.84 -22.71 9.72
N LEU D 59 19.73 -23.16 10.60
CA LEU D 59 19.53 -23.04 12.03
C LEU D 59 20.54 -22.06 12.62
N LEU D 60 20.04 -21.03 13.28
CA LEU D 60 20.89 -20.01 13.89
C LEU D 60 21.02 -20.23 15.39
N ARG D 61 22.24 -20.14 15.90
CA ARG D 61 22.48 -20.32 17.32
C ARG D 61 23.72 -19.53 17.74
N GLY D 62 23.69 -18.97 18.94
CA GLY D 62 24.84 -18.23 19.43
C GLY D 62 25.70 -19.23 20.18
N GLU D 63 27.01 -19.01 20.18
CA GLU D 63 27.89 -19.94 20.88
C GLU D 63 27.84 -19.67 22.38
N GLY D 64 28.05 -20.71 23.17
CA GLY D 64 28.03 -20.54 24.61
C GLY D 64 26.65 -20.54 25.26
N GLY D 65 25.67 -21.14 24.60
CA GLY D 65 24.33 -21.20 25.16
C GLY D 65 23.65 -19.86 25.33
N VAL D 66 23.92 -18.94 24.42
CA VAL D 66 23.31 -17.61 24.47
C VAL D 66 23.25 -17.07 23.05
N PHE D 67 22.13 -16.46 22.70
CA PHE D 67 21.96 -15.93 21.35
C PHE D 67 22.78 -14.66 21.19
N SER D 68 22.20 -13.49 21.48
CA SER D 68 22.97 -12.26 21.35
C SER D 68 22.37 -11.01 21.99
N ALA D 69 23.22 -10.28 22.69
CA ALA D 69 22.82 -9.04 23.35
C ALA D 69 22.81 -7.87 22.37
N GLY D 70 23.08 -8.15 21.09
CA GLY D 70 23.07 -7.11 20.08
C GLY D 70 24.41 -6.45 19.76
N GLY D 71 24.36 -5.29 19.11
CA GLY D 71 25.58 -4.58 18.77
C GLY D 71 26.41 -4.26 20.00
N SER D 72 27.73 -4.40 19.88
CA SER D 72 28.65 -4.13 20.99
C SER D 72 28.91 -2.64 21.17
N PHE D 73 29.43 -2.29 22.35
CA PHE D 73 29.75 -0.89 22.64
C PHE D 73 30.72 -0.39 21.58
N GLY D 74 31.67 -1.25 21.21
CA GLY D 74 32.67 -0.89 20.21
C GLY D 74 32.05 -0.54 18.87
N LEU D 75 31.08 -1.34 18.44
CA LEU D 75 30.40 -1.09 17.17
C LEU D 75 29.70 0.26 17.21
N ILE D 76 28.97 0.51 18.29
CA ILE D 76 28.24 1.75 18.47
C ILE D 76 29.16 2.98 18.48
N GLU D 77 30.31 2.87 19.15
CA GLU D 77 31.25 3.99 19.19
C GLU D 77 31.84 4.22 17.81
N GLU D 78 32.13 3.13 17.10
CA GLU D 78 32.69 3.25 15.76
C GLU D 78 31.71 4.04 14.89
N MET D 79 30.43 3.69 15.00
CA MET D 79 29.38 4.34 14.22
C MET D 79 29.31 5.83 14.52
N ARG D 80 29.42 6.18 15.80
CA ARG D 80 29.37 7.57 16.22
C ARG D 80 30.59 8.37 15.78
N ALA D 81 31.70 7.67 15.58
CA ALA D 81 32.97 8.31 15.21
C ALA D 81 33.15 8.74 13.75
N SER D 82 32.40 8.16 12.83
CA SER D 82 32.55 8.55 11.43
C SER D 82 31.32 8.31 10.58
N HIS D 83 31.10 9.20 9.62
CA HIS D 83 29.97 9.10 8.71
C HIS D 83 30.11 7.83 7.89
N GLU D 84 31.34 7.51 7.52
CA GLU D 84 31.61 6.33 6.72
C GLU D 84 31.12 5.05 7.41
N ALA D 85 31.42 4.90 8.69
CA ALA D 85 31.00 3.72 9.44
C ALA D 85 29.50 3.72 9.70
N LEU D 86 28.95 4.89 10.01
CA LEU D 86 27.53 4.99 10.28
C LEU D 86 26.72 4.47 9.10
N LEU D 87 27.09 4.90 7.89
CA LEU D 87 26.36 4.46 6.69
C LEU D 87 26.67 3.02 6.29
N ARG D 88 27.88 2.56 6.58
CA ARG D 88 28.22 1.18 6.27
C ARG D 88 27.29 0.31 7.10
N VAL D 89 27.17 0.65 8.38
CA VAL D 89 26.33 -0.12 9.29
C VAL D 89 24.85 0.02 8.95
N PHE D 90 24.45 1.17 8.41
CA PHE D 90 23.05 1.37 8.04
C PHE D 90 22.66 0.23 7.11
N TRP D 91 23.42 0.05 6.03
CA TRP D 91 23.11 -0.99 5.07
C TRP D 91 23.23 -2.41 5.64
N GLU D 92 24.11 -2.59 6.61
CA GLU D 92 24.27 -3.91 7.23
C GLU D 92 23.03 -4.19 8.07
N ALA D 93 22.60 -3.18 8.83
CA ALA D 93 21.43 -3.33 9.68
C ALA D 93 20.22 -3.70 8.85
N ARG D 94 20.08 -3.05 7.69
CA ARG D 94 18.97 -3.35 6.80
C ARG D 94 19.06 -4.80 6.34
N ASP D 95 20.27 -5.22 5.93
CA ASP D 95 20.47 -6.58 5.46
C ASP D 95 20.32 -7.65 6.52
N LEU D 96 20.66 -7.34 7.77
CA LEU D 96 20.53 -8.31 8.86
C LEU D 96 19.10 -8.84 8.97
N VAL D 97 18.15 -7.98 8.62
CA VAL D 97 16.74 -8.34 8.67
C VAL D 97 16.25 -8.89 7.33
N LEU D 98 16.59 -8.19 6.25
CA LEU D 98 16.16 -8.61 4.92
C LEU D 98 16.86 -9.87 4.42
N GLY D 99 18.09 -10.09 4.89
CA GLY D 99 18.84 -11.26 4.48
C GLY D 99 18.03 -12.53 4.74
N PRO D 100 17.63 -12.76 6.01
CA PRO D 100 16.86 -13.94 6.39
C PRO D 100 15.52 -13.96 5.63
N LEU D 101 14.84 -12.82 5.58
CA LEU D 101 13.55 -12.74 4.90
C LEU D 101 13.64 -13.08 3.41
N ASN D 102 14.70 -12.66 2.76
CA ASN D 102 14.83 -12.94 1.33
C ASN D 102 15.60 -14.21 1.02
N PHE D 103 16.06 -14.92 2.03
CA PHE D 103 16.76 -16.18 1.80
C PHE D 103 15.66 -17.19 1.44
N PRO D 104 15.85 -17.96 0.35
CA PRO D 104 14.87 -18.96 -0.11
C PRO D 104 14.40 -20.01 0.90
N ARG D 105 15.34 -20.59 1.64
CA ARG D 105 15.02 -21.64 2.59
C ARG D 105 14.56 -21.13 3.95
N PRO D 106 13.79 -21.97 4.69
CA PRO D 106 13.31 -21.59 6.01
C PRO D 106 14.47 -21.40 6.97
N VAL D 107 14.34 -20.41 7.87
CA VAL D 107 15.39 -20.13 8.84
C VAL D 107 14.82 -20.28 10.25
N VAL D 108 15.51 -21.05 11.09
CA VAL D 108 15.08 -21.28 12.47
C VAL D 108 16.11 -20.71 13.44
N ALA D 109 15.63 -20.02 14.48
CA ALA D 109 16.54 -19.46 15.46
C ALA D 109 16.37 -20.13 16.81
N ALA D 110 17.48 -20.58 17.39
CA ALA D 110 17.47 -21.20 18.71
C ALA D 110 17.87 -20.07 19.64
N VAL D 111 16.88 -19.33 20.12
CA VAL D 111 17.12 -18.18 20.98
C VAL D 111 17.30 -18.53 22.45
N GLU D 112 18.55 -18.73 22.84
CA GLU D 112 18.89 -19.08 24.22
C GLU D 112 19.23 -17.88 25.10
N LYS D 113 18.60 -17.84 26.27
CA LYS D 113 18.86 -16.82 27.28
C LYS D 113 18.67 -15.32 27.01
N VAL D 114 19.29 -14.80 25.95
CA VAL D 114 19.21 -13.36 25.68
C VAL D 114 19.12 -12.98 24.21
N ALA D 115 18.25 -12.02 23.91
CA ALA D 115 18.08 -11.50 22.55
C ALA D 115 17.71 -10.03 22.68
N VAL D 116 18.68 -9.17 22.39
CA VAL D 116 18.49 -7.73 22.50
C VAL D 116 18.98 -7.02 21.25
N GLY D 117 18.36 -5.90 20.91
CA GLY D 117 18.78 -5.15 19.74
C GLY D 117 18.96 -6.00 18.50
N ALA D 118 20.13 -5.89 17.86
CA ALA D 118 20.41 -6.65 16.66
C ALA D 118 20.19 -8.14 16.88
N GLY D 119 20.38 -8.58 18.13
CA GLY D 119 20.18 -9.98 18.45
C GLY D 119 18.71 -10.35 18.30
N LEU D 120 17.83 -9.45 18.72
CA LEU D 120 16.40 -9.70 18.61
C LEU D 120 15.99 -9.55 17.15
N ALA D 121 16.62 -8.61 16.45
CA ALA D 121 16.29 -8.39 15.04
C ALA D 121 16.52 -9.66 14.25
N LEU D 122 17.67 -10.29 14.46
CA LEU D 122 18.00 -11.53 13.78
C LEU D 122 17.05 -12.65 14.19
N ALA D 123 16.79 -12.76 15.48
CA ALA D 123 15.89 -13.79 15.98
C ALA D 123 14.50 -13.67 15.38
N LEU D 124 14.01 -12.44 15.22
CA LEU D 124 12.67 -12.23 14.69
C LEU D 124 12.59 -12.21 13.17
N ALA D 125 13.72 -12.06 12.49
CA ALA D 125 13.75 -12.07 11.03
C ALA D 125 13.68 -13.52 10.56
N ALA D 126 14.07 -14.43 11.44
CA ALA D 126 14.02 -15.85 11.15
C ALA D 126 12.56 -16.23 10.99
N ASP D 127 12.29 -17.29 10.24
CA ASP D 127 10.90 -17.72 10.01
C ASP D 127 10.26 -18.28 11.28
N ILE D 128 11.03 -19.06 12.02
CA ILE D 128 10.54 -19.66 13.26
C ILE D 128 11.59 -19.48 14.35
N ALA D 129 11.16 -18.93 15.49
CA ALA D 129 12.04 -18.72 16.61
C ALA D 129 11.60 -19.57 17.78
N VAL D 130 12.55 -20.28 18.37
CA VAL D 130 12.28 -21.11 19.54
C VAL D 130 13.01 -20.45 20.69
N VAL D 131 12.26 -20.02 21.70
CA VAL D 131 12.85 -19.37 22.86
C VAL D 131 12.63 -20.25 24.08
N GLY D 132 13.33 -19.92 25.17
CA GLY D 132 13.15 -20.66 26.40
C GLY D 132 12.21 -19.85 27.26
N LYS D 133 11.50 -20.51 28.18
CA LYS D 133 10.56 -19.81 29.03
C LYS D 133 11.25 -18.66 29.76
N GLY D 134 12.52 -18.87 30.09
CA GLY D 134 13.29 -17.87 30.80
C GLY D 134 14.11 -16.92 29.93
N THR D 135 14.09 -17.11 28.61
CA THR D 135 14.84 -16.22 27.74
C THR D 135 14.36 -14.80 27.98
N ARG D 136 15.24 -13.83 27.76
CA ARG D 136 14.88 -12.44 27.93
C ARG D 136 14.98 -11.74 26.57
N LEU D 137 13.86 -11.19 26.12
CA LEU D 137 13.82 -10.49 24.84
C LEU D 137 13.54 -9.01 25.08
N LEU D 138 14.37 -8.16 24.48
CA LEU D 138 14.22 -6.73 24.69
C LEU D 138 14.75 -5.99 23.47
N ASP D 139 13.99 -5.00 22.99
CA ASP D 139 14.45 -4.20 21.86
C ASP D 139 15.68 -3.45 22.37
N GLY D 140 15.48 -2.69 23.45
CA GLY D 140 16.57 -1.98 24.09
C GLY D 140 17.05 -0.61 23.61
N HIS D 141 16.61 -0.17 22.43
CA HIS D 141 17.09 1.10 21.87
C HIS D 141 16.75 2.35 22.72
N LEU D 142 15.53 2.45 23.23
CA LEU D 142 15.11 3.61 24.00
C LEU D 142 15.92 3.81 25.28
N ARG D 143 16.44 2.72 25.84
CA ARG D 143 17.26 2.78 27.04
C ARG D 143 18.63 3.32 26.64
N LEU D 144 18.99 3.02 25.39
CA LEU D 144 20.27 3.42 24.83
C LEU D 144 20.21 4.89 24.40
N GLY D 145 19.02 5.38 24.11
CA GLY D 145 18.89 6.77 23.72
C GLY D 145 18.64 7.01 22.24
N VAL D 146 18.23 5.98 21.51
CA VAL D 146 17.95 6.11 20.09
C VAL D 146 16.64 5.41 19.74
N ALA D 147 16.10 5.73 18.57
CA ALA D 147 14.86 5.14 18.13
C ALA D 147 14.98 3.64 17.86
N ALA D 148 13.86 2.93 17.98
CA ALA D 148 13.84 1.50 17.74
C ALA D 148 13.80 1.27 16.24
N GLY D 149 14.93 1.48 15.57
CA GLY D 149 14.92 1.33 14.12
C GLY D 149 15.64 0.18 13.44
N ASP D 150 16.13 -0.80 14.21
CA ASP D 150 16.83 -1.91 13.56
C ASP D 150 16.01 -3.15 13.25
N HIS D 151 14.70 -3.10 13.51
CA HIS D 151 13.81 -4.21 13.17
C HIS D 151 12.38 -4.06 13.67
N ALA D 152 12.22 -3.49 14.85
CA ALA D 152 10.91 -3.34 15.48
C ALA D 152 9.77 -2.77 14.64
N VAL D 153 10.06 -1.77 13.81
CA VAL D 153 9.01 -1.16 13.01
C VAL D 153 8.65 -2.01 11.80
N LEU D 154 9.53 -2.94 11.42
CA LEU D 154 9.21 -3.79 10.29
C LEU D 154 8.47 -5.05 10.75
N LEU D 155 8.89 -5.62 11.88
CA LEU D 155 8.33 -6.88 12.35
C LEU D 155 7.29 -6.91 13.49
N TRP D 156 7.46 -6.09 14.53
CA TRP D 156 6.55 -6.14 15.68
C TRP D 156 5.04 -5.97 15.44
N PRO D 157 4.62 -4.98 14.64
CA PRO D 157 3.18 -4.81 14.41
C PRO D 157 2.44 -6.05 13.92
N LEU D 158 2.99 -6.75 12.94
CA LEU D 158 2.34 -7.95 12.42
C LEU D 158 2.60 -9.19 13.26
N LEU D 159 3.30 -9.02 14.37
CA LEU D 159 3.59 -10.15 15.27
C LEU D 159 2.71 -10.08 16.51
N VAL D 160 2.75 -8.93 17.20
CA VAL D 160 1.98 -8.80 18.45
C VAL D 160 0.93 -7.69 18.48
N GLY D 161 0.81 -6.94 17.39
CA GLY D 161 -0.17 -5.85 17.38
C GLY D 161 0.48 -4.56 17.85
N MET D 162 -0.15 -3.43 17.54
CA MET D 162 0.40 -2.13 17.89
C MET D 162 0.41 -1.75 19.36
N ALA D 163 -0.57 -2.23 20.14
CA ALA D 163 -0.63 -1.91 21.56
C ALA D 163 0.54 -2.54 22.31
N LYS D 164 0.76 -3.83 22.10
CA LYS D 164 1.85 -4.51 22.77
C LYS D 164 3.20 -4.06 22.22
N ALA D 165 3.23 -3.68 20.94
CA ALA D 165 4.47 -3.22 20.35
C ALA D 165 4.87 -1.89 21.00
N LYS D 166 3.94 -0.94 21.06
CA LYS D 166 4.24 0.35 21.67
C LYS D 166 4.63 0.26 23.15
N TYR D 167 3.94 -0.60 23.89
CA TYR D 167 4.22 -0.77 25.31
C TYR D 167 5.65 -1.25 25.53
N HIS D 168 6.02 -2.34 24.85
CA HIS D 168 7.36 -2.89 25.03
C HIS D 168 8.48 -2.10 24.36
N LEU D 169 8.17 -1.41 23.27
CA LEU D 169 9.18 -0.64 22.55
C LEU D 169 9.45 0.73 23.17
N LEU D 170 8.39 1.44 23.54
CA LEU D 170 8.54 2.76 24.12
C LEU D 170 8.98 2.77 25.58
N LEU D 171 8.67 1.71 26.31
CA LEU D 171 9.05 1.63 27.73
C LEU D 171 10.27 0.76 27.98
N ASN D 172 10.71 0.04 26.96
CA ASN D 172 11.87 -0.83 27.10
C ASN D 172 11.54 -1.87 28.16
N GLU D 173 10.34 -2.43 28.06
CA GLU D 173 9.86 -3.46 28.99
C GLU D 173 10.20 -4.85 28.46
N PRO D 174 11.14 -5.54 29.13
CA PRO D 174 11.53 -6.89 28.69
C PRO D 174 10.40 -7.92 28.72
N LEU D 175 10.50 -8.89 27.81
CA LEU D 175 9.54 -9.98 27.71
C LEU D 175 10.25 -11.29 28.03
N THR D 176 9.56 -12.18 28.73
CA THR D 176 10.15 -13.49 29.02
C THR D 176 9.77 -14.28 27.77
N GLY D 177 10.48 -15.38 27.52
CA GLY D 177 10.16 -16.18 26.36
C GLY D 177 8.72 -16.63 26.37
N GLU D 178 8.21 -16.98 27.55
CA GLU D 178 6.84 -17.43 27.68
C GLU D 178 5.85 -16.31 27.35
N GLU D 179 6.14 -15.11 27.83
CA GLU D 179 5.27 -13.97 27.55
C GLU D 179 5.32 -13.67 26.06
N ALA D 180 6.52 -13.74 25.48
CA ALA D 180 6.70 -13.46 24.05
C ALA D 180 5.87 -14.43 23.22
N GLU D 181 5.83 -15.69 23.65
CA GLU D 181 5.07 -16.69 22.93
C GLU D 181 3.58 -16.42 23.05
N ARG D 182 3.14 -15.97 24.23
CA ARG D 182 1.72 -15.69 24.46
C ARG D 182 1.23 -14.54 23.57
N LEU D 183 2.08 -13.52 23.39
CA LEU D 183 1.72 -12.36 22.58
C LEU D 183 1.73 -12.65 21.08
N GLY D 184 2.51 -13.65 20.69
CA GLY D 184 2.60 -14.00 19.28
C GLY D 184 3.93 -13.56 18.68
N LEU D 185 4.83 -13.03 19.50
CA LEU D 185 6.12 -12.56 19.01
C LEU D 185 6.98 -13.71 18.45
N VAL D 186 6.85 -14.88 19.07
CA VAL D 186 7.57 -16.08 18.65
C VAL D 186 6.62 -17.28 18.68
N ALA D 187 6.96 -18.30 17.92
CA ALA D 187 6.15 -19.50 17.80
C ALA D 187 6.15 -20.45 18.99
N LEU D 188 7.33 -20.71 19.55
CA LEU D 188 7.47 -21.64 20.66
C LEU D 188 8.31 -21.18 21.83
N ALA D 189 7.90 -21.57 23.02
CA ALA D 189 8.61 -21.25 24.25
C ALA D 189 8.68 -22.57 24.99
N VAL D 190 9.87 -23.15 25.06
CA VAL D 190 10.06 -24.43 25.72
C VAL D 190 10.98 -24.32 26.90
N GLU D 191 11.18 -25.43 27.62
CA GLU D 191 12.07 -25.44 28.76
C GLU D 191 13.44 -24.95 28.30
N ASP D 192 14.07 -24.09 29.09
CA ASP D 192 15.38 -23.54 28.74
C ASP D 192 16.40 -24.54 28.22
N GLU D 193 16.51 -25.70 28.87
CA GLU D 193 17.49 -26.69 28.45
C GLU D 193 17.14 -27.42 27.15
N LYS D 194 15.92 -27.23 26.67
CA LYS D 194 15.47 -27.89 25.44
C LYS D 194 15.37 -26.96 24.23
N VAL D 195 15.77 -25.71 24.39
CA VAL D 195 15.68 -24.76 23.28
C VAL D 195 16.41 -25.24 22.02
N TYR D 196 17.69 -25.55 22.13
CA TYR D 196 18.44 -26.01 20.97
C TYR D 196 17.83 -27.28 20.40
N GLU D 197 17.55 -28.23 21.28
CA GLU D 197 16.96 -29.51 20.91
C GLU D 197 15.69 -29.35 20.07
N LYS D 198 14.78 -28.49 20.54
CA LYS D 198 13.52 -28.24 19.86
C LYS D 198 13.74 -27.49 18.56
N ALA D 199 14.63 -26.51 18.59
CA ALA D 199 14.94 -25.73 17.40
C ALA D 199 15.50 -26.63 16.30
N LEU D 200 16.40 -27.53 16.68
CA LEU D 200 17.00 -28.45 15.71
C LEU D 200 15.92 -29.38 15.16
N GLU D 201 14.99 -29.79 16.01
CA GLU D 201 13.91 -30.67 15.59
C GLU D 201 13.06 -29.97 14.53
N VAL D 202 12.77 -28.69 14.78
CA VAL D 202 11.98 -27.89 13.85
C VAL D 202 12.70 -27.75 12.52
N ALA D 203 13.99 -27.42 12.59
CA ALA D 203 14.79 -27.25 11.38
C ALA D 203 14.85 -28.55 10.58
N GLU D 204 14.96 -29.68 11.27
CA GLU D 204 15.02 -30.96 10.59
C GLU D 204 13.69 -31.25 9.90
N ARG D 205 12.59 -30.95 10.59
CA ARG D 205 11.26 -31.17 10.03
C ARG D 205 11.13 -30.36 8.75
N LEU D 206 11.60 -29.11 8.79
CA LEU D 206 11.54 -28.25 7.62
C LEU D 206 12.40 -28.83 6.50
N ALA D 207 13.58 -29.32 6.85
CA ALA D 207 14.47 -29.90 5.87
C ALA D 207 13.86 -31.13 5.21
N GLN D 208 12.87 -31.73 5.88
CA GLN D 208 12.20 -32.91 5.36
C GLN D 208 10.97 -32.55 4.52
N GLY D 209 10.64 -31.27 4.46
CA GLY D 209 9.49 -30.86 3.70
C GLY D 209 9.77 -30.55 2.24
N PRO D 210 8.75 -30.17 1.47
CA PRO D 210 8.90 -29.84 0.04
C PRO D 210 9.61 -28.50 -0.08
N LYS D 211 10.83 -28.51 -0.59
CA LYS D 211 11.60 -27.28 -0.69
C LYS D 211 11.03 -26.20 -1.60
N GLU D 212 10.44 -26.57 -2.74
CA GLU D 212 9.87 -25.54 -3.62
C GLU D 212 8.64 -24.93 -2.94
N ALA D 213 7.77 -25.79 -2.43
CA ALA D 213 6.55 -25.33 -1.76
C ALA D 213 6.88 -24.45 -0.56
N LEU D 214 7.93 -24.81 0.18
CA LEU D 214 8.37 -24.04 1.35
C LEU D 214 8.90 -22.68 0.93
N HIS D 215 9.73 -22.68 -0.11
CA HIS D 215 10.30 -21.45 -0.63
C HIS D 215 9.19 -20.49 -1.06
N HIS D 216 8.24 -21.00 -1.84
CA HIS D 216 7.15 -20.17 -2.32
C HIS D 216 6.24 -19.66 -1.20
N THR D 217 5.96 -20.52 -0.22
CA THR D 217 5.09 -20.12 0.89
C THR D 217 5.77 -19.03 1.72
N LYS D 218 7.05 -19.23 2.04
CA LYS D 218 7.80 -18.24 2.80
C LYS D 218 7.89 -16.93 2.02
N HIS D 219 8.14 -17.04 0.73
CA HIS D 219 8.26 -15.86 -0.12
C HIS D 219 6.97 -15.07 -0.19
N ALA D 220 5.84 -15.75 -0.42
CA ALA D 220 4.54 -15.10 -0.50
C ALA D 220 4.16 -14.45 0.83
N LEU D 221 4.44 -15.12 1.94
CA LEU D 221 4.12 -14.56 3.25
C LEU D 221 5.00 -13.34 3.55
N ASN D 222 6.27 -13.42 3.18
CA ASN D 222 7.16 -12.30 3.46
C ASN D 222 6.84 -11.01 2.71
N HIS D 223 5.98 -11.11 1.70
CA HIS D 223 5.59 -9.89 0.98
C HIS D 223 4.81 -8.98 1.91
N TRP D 224 4.26 -9.55 2.99
CA TRP D 224 3.53 -8.74 3.97
C TRP D 224 4.52 -7.80 4.62
N TYR D 225 5.72 -8.31 4.91
CA TYR D 225 6.76 -7.49 5.52
C TYR D 225 7.31 -6.55 4.46
N ARG D 226 7.51 -7.06 3.25
CA ARG D 226 8.08 -6.24 2.18
C ARG D 226 7.24 -5.01 1.86
N SER D 227 5.92 -5.09 2.05
CA SER D 227 5.05 -3.96 1.76
C SER D 227 5.31 -2.81 2.73
N PHE D 228 5.96 -3.11 3.84
CA PHE D 228 6.26 -2.10 4.85
C PHE D 228 7.75 -1.78 4.97
N LEU D 229 8.52 -2.09 3.93
CA LEU D 229 9.94 -1.80 3.94
C LEU D 229 10.26 -0.32 4.12
N PRO D 230 9.51 0.59 3.47
CA PRO D 230 9.80 2.01 3.64
C PRO D 230 9.61 2.43 5.10
N HIS D 231 8.58 1.88 5.74
CA HIS D 231 8.29 2.17 7.14
C HIS D 231 9.52 1.80 7.96
N PHE D 232 10.07 0.62 7.68
CA PHE D 232 11.24 0.11 8.37
C PHE D 232 12.50 0.93 8.12
N GLU D 233 12.82 1.16 6.86
CA GLU D 233 14.02 1.90 6.54
C GLU D 233 13.99 3.33 7.07
N LEU D 234 12.79 3.89 7.20
CA LEU D 234 12.65 5.24 7.75
C LEU D 234 13.00 5.19 9.23
N SER D 235 12.48 4.19 9.94
CA SER D 235 12.77 4.06 11.36
C SER D 235 14.27 3.86 11.55
N LEU D 236 14.89 3.13 10.63
CA LEU D 236 16.33 2.89 10.71
C LEU D 236 17.09 4.18 10.46
N ALA D 237 16.66 4.94 9.46
CA ALA D 237 17.32 6.20 9.14
C ALA D 237 17.20 7.17 10.31
N LEU D 238 16.01 7.24 10.90
CA LEU D 238 15.79 8.13 12.04
C LEU D 238 16.65 7.69 13.21
N GLU D 239 16.78 6.39 13.40
CA GLU D 239 17.61 5.89 14.49
C GLU D 239 19.03 6.41 14.30
N PHE D 240 19.56 6.22 13.09
CA PHE D 240 20.93 6.64 12.78
C PHE D 240 21.15 8.14 12.82
N LEU D 241 20.10 8.93 12.58
CA LEU D 241 20.25 10.38 12.65
C LEU D 241 20.42 10.75 14.13
N GLY D 242 19.92 9.88 15.00
CA GLY D 242 20.04 10.12 16.42
C GLY D 242 21.42 9.79 16.97
N PHE D 243 22.26 9.17 16.16
CA PHE D 243 23.60 8.82 16.61
C PHE D 243 24.52 10.01 16.87
N SER D 244 24.12 11.18 16.39
CA SER D 244 24.92 12.39 16.60
C SER D 244 24.23 13.28 17.62
N GLY D 245 23.23 12.73 18.31
CA GLY D 245 22.49 13.50 19.30
C GLY D 245 22.94 13.34 20.73
N LYS D 246 22.51 14.27 21.57
CA LYS D 246 22.85 14.27 22.99
C LYS D 246 22.23 13.11 23.76
N GLU D 247 21.14 12.55 23.26
CA GLU D 247 20.48 11.44 23.94
C GLU D 247 21.30 10.15 23.90
N LEU D 248 21.90 9.84 22.75
CA LEU D 248 22.73 8.63 22.67
C LEU D 248 23.95 8.81 23.57
N GLU D 249 24.48 10.04 23.59
CA GLU D 249 25.64 10.37 24.40
C GLU D 249 25.37 10.00 25.86
N GLU D 250 24.25 10.48 26.37
CA GLU D 250 23.82 10.24 27.75
C GLU D 250 23.46 8.77 27.98
N GLY D 251 22.79 8.17 27.01
CA GLY D 251 22.40 6.77 27.12
C GLY D 251 23.62 5.88 27.25
N LEU D 252 24.64 6.16 26.46
CA LEU D 252 25.88 5.37 26.48
C LEU D 252 26.67 5.65 27.76
N LYS D 253 26.76 6.93 28.11
CA LYS D 253 27.48 7.34 29.31
C LYS D 253 26.88 6.67 30.53
N ALA D 254 25.56 6.68 30.63
CA ALA D 254 24.87 6.09 31.76
C ALA D 254 25.07 4.58 31.88
N LEU D 255 24.90 3.88 30.77
CA LEU D 255 25.05 2.44 30.76
C LEU D 255 26.46 2.02 31.18
N LYS D 256 27.47 2.70 30.64
CA LYS D 256 28.85 2.38 30.96
C LYS D 256 29.20 2.75 32.40
N GLU D 257 28.59 3.82 32.90
CA GLU D 257 28.83 4.26 34.27
C GLU D 257 27.91 3.51 35.22
N LYS D 258 27.08 2.64 34.65
CA LYS D 258 26.13 1.85 35.44
C LYS D 258 25.29 2.74 36.35
N ARG D 259 24.55 3.67 35.74
CA ARG D 259 23.68 4.59 36.47
C ARG D 259 22.47 4.89 35.60
N PRO D 260 21.35 5.31 36.20
CA PRO D 260 20.17 5.62 35.39
C PRO D 260 20.42 6.82 34.49
N PRO D 261 19.91 6.77 33.25
CA PRO D 261 20.11 7.89 32.32
C PRO D 261 19.29 9.13 32.68
N GLU D 262 19.89 10.29 32.43
CA GLU D 262 19.24 11.56 32.70
C GLU D 262 19.13 12.28 31.35
N PHE D 263 18.16 11.87 30.56
CA PHE D 263 17.95 12.45 29.24
C PHE D 263 17.55 13.91 29.28
N PRO D 264 18.08 14.73 28.34
CA PRO D 264 17.80 16.17 28.24
C PRO D 264 16.38 16.55 27.86
N LEU E 2 -33.43 -20.62 -2.96
CA LEU E 2 -34.62 -21.45 -3.14
C LEU E 2 -34.48 -22.37 -4.36
N ALA E 3 -35.63 -22.66 -4.98
CA ALA E 3 -35.64 -23.59 -6.10
C ALA E 3 -34.71 -23.15 -7.23
N SER E 4 -34.85 -21.87 -7.63
CA SER E 4 -34.08 -21.39 -8.76
C SER E 4 -32.57 -21.66 -8.60
N LEU E 5 -32.17 -21.95 -7.35
CA LEU E 5 -30.74 -21.90 -7.04
C LEU E 5 -30.08 -23.26 -6.80
N GLU E 6 -30.80 -24.18 -6.12
CA GLU E 6 -30.16 -25.47 -5.84
C GLU E 6 -29.87 -26.26 -7.13
N ALA E 7 -30.75 -26.11 -8.11
CA ALA E 7 -30.59 -26.82 -9.38
C ALA E 7 -29.27 -26.44 -10.03
N ARG E 8 -28.90 -25.16 -9.92
CA ARG E 8 -27.66 -24.68 -10.51
C ARG E 8 -26.42 -25.07 -9.71
N TYR E 9 -26.59 -25.22 -8.40
CA TYR E 9 -25.46 -25.59 -7.54
C TYR E 9 -25.72 -26.89 -6.80
N PRO E 10 -25.52 -28.03 -7.48
CA PRO E 10 -25.74 -29.34 -6.86
C PRO E 10 -24.74 -29.54 -5.73
N GLY E 11 -25.25 -29.92 -4.56
CA GLY E 11 -24.39 -30.13 -3.42
C GLY E 11 -24.70 -29.08 -2.35
N LEU E 12 -25.42 -28.04 -2.75
CA LEU E 12 -25.78 -26.97 -1.82
C LEU E 12 -27.27 -27.03 -1.52
N ALA E 13 -27.61 -26.98 -0.25
CA ALA E 13 -28.99 -26.99 0.19
C ALA E 13 -29.24 -25.67 0.90
N PHE E 14 -30.41 -25.07 0.68
CA PHE E 14 -30.72 -23.79 1.31
C PHE E 14 -31.95 -23.86 2.20
N ALA E 15 -31.89 -23.13 3.32
CA ALA E 15 -33.00 -23.09 4.25
C ALA E 15 -32.95 -21.80 5.08
N TRP E 16 -34.04 -21.52 5.78
CA TRP E 16 -34.13 -20.33 6.62
C TRP E 16 -34.44 -20.77 8.06
N PRO E 17 -33.42 -21.28 8.78
CA PRO E 17 -33.63 -21.72 10.16
C PRO E 17 -34.20 -20.64 11.07
N ARG E 18 -33.84 -19.40 10.81
CA ARG E 18 -34.32 -18.25 11.58
C ARG E 18 -34.59 -17.10 10.63
N PRO E 19 -35.44 -16.14 11.04
CA PRO E 19 -35.78 -14.99 10.19
C PRO E 19 -34.55 -14.23 9.67
N GLY E 20 -34.44 -14.13 8.35
CA GLY E 20 -33.32 -13.41 7.76
C GLY E 20 -32.03 -14.19 7.63
N VAL E 21 -31.99 -15.39 8.22
CA VAL E 21 -30.79 -16.21 8.16
C VAL E 21 -30.86 -17.27 7.06
N LEU E 22 -30.10 -17.06 5.99
CA LEU E 22 -30.07 -18.03 4.91
C LEU E 22 -28.98 -19.04 5.22
N GLU E 23 -29.39 -20.26 5.52
CA GLU E 23 -28.44 -21.32 5.84
C GLU E 23 -28.08 -22.12 4.60
N ILE E 24 -26.79 -22.23 4.32
CA ILE E 24 -26.33 -22.99 3.18
C ILE E 24 -25.60 -24.24 3.67
N THR E 25 -26.18 -25.40 3.39
CA THR E 25 -25.58 -26.67 3.79
C THR E 25 -24.95 -27.30 2.56
N PHE E 26 -23.67 -27.64 2.64
CA PHE E 26 -23.00 -28.24 1.50
C PHE E 26 -22.62 -29.67 1.79
N ARG E 27 -22.72 -30.51 0.76
CA ARG E 27 -22.42 -31.92 0.89
C ARG E 27 -21.39 -32.36 -0.15
N GLY E 28 -20.30 -32.94 0.32
CA GLY E 28 -19.26 -33.40 -0.57
C GLY E 28 -19.09 -34.89 -0.39
N GLU E 29 -17.86 -35.39 -0.52
CA GLU E 29 -17.59 -36.82 -0.34
C GLU E 29 -17.29 -36.98 1.14
N LYS E 30 -16.49 -37.99 1.51
CA LYS E 30 -16.17 -38.17 2.92
C LYS E 30 -15.61 -36.88 3.53
N LEU E 31 -16.11 -36.52 4.70
CA LEU E 31 -15.67 -35.30 5.39
C LEU E 31 -15.92 -34.10 4.48
N ASN E 32 -16.90 -34.25 3.61
CA ASN E 32 -17.27 -33.23 2.63
C ASN E 32 -16.09 -32.79 1.77
N ALA E 33 -15.25 -33.74 1.39
CA ALA E 33 -14.13 -33.43 0.51
C ALA E 33 -14.86 -32.83 -0.69
N MET E 34 -14.28 -31.81 -1.31
CA MET E 34 -14.95 -31.15 -2.42
C MET E 34 -14.66 -31.64 -3.83
N PRO E 35 -15.66 -32.20 -4.51
CA PRO E 35 -15.47 -32.68 -5.88
C PRO E 35 -15.47 -31.40 -6.71
N PRO E 36 -15.03 -31.47 -7.97
CA PRO E 36 -15.01 -30.25 -8.80
C PRO E 36 -16.34 -29.45 -8.77
N ALA E 37 -17.48 -30.13 -8.88
CA ALA E 37 -18.76 -29.43 -8.90
C ALA E 37 -19.04 -28.65 -7.62
N LEU E 38 -18.67 -29.21 -6.47
CA LEU E 38 -18.90 -28.54 -5.20
C LEU E 38 -17.96 -27.36 -5.01
N HIS E 39 -16.72 -27.50 -5.44
CA HIS E 39 -15.77 -26.40 -5.30
C HIS E 39 -16.29 -25.21 -6.10
N ARG E 40 -16.69 -25.46 -7.35
CA ARG E 40 -17.20 -24.41 -8.21
C ARG E 40 -18.48 -23.80 -7.68
N GLY E 41 -19.32 -24.63 -7.07
CA GLY E 41 -20.57 -24.15 -6.52
C GLY E 41 -20.35 -23.23 -5.34
N LEU E 42 -19.47 -23.65 -4.43
CA LEU E 42 -19.17 -22.86 -3.25
C LEU E 42 -18.48 -21.54 -3.60
N ALA E 43 -17.77 -21.51 -4.72
CA ALA E 43 -17.07 -20.29 -5.12
C ALA E 43 -17.95 -19.32 -5.91
N ARG E 44 -18.87 -19.85 -6.70
CA ARG E 44 -19.74 -19.03 -7.53
C ARG E 44 -21.10 -18.63 -6.96
N VAL E 45 -21.60 -19.37 -5.98
CA VAL E 45 -22.90 -19.08 -5.40
C VAL E 45 -23.07 -17.66 -4.85
N TRP E 46 -21.98 -17.07 -4.39
CA TRP E 46 -22.05 -15.71 -3.82
C TRP E 46 -22.54 -14.68 -4.82
N ARG E 47 -22.22 -14.90 -6.10
CA ARG E 47 -22.66 -14.01 -7.17
C ARG E 47 -24.19 -13.92 -7.14
N ASP E 48 -24.83 -15.09 -7.29
CA ASP E 48 -26.28 -15.18 -7.33
C ASP E 48 -26.96 -14.84 -6.02
N LEU E 49 -26.29 -15.09 -4.90
CA LEU E 49 -26.87 -14.80 -3.61
C LEU E 49 -27.18 -13.31 -3.44
N GLU E 50 -26.43 -12.46 -4.12
CA GLU E 50 -26.64 -11.02 -4.03
C GLU E 50 -28.05 -10.67 -4.49
N ALA E 51 -28.60 -11.50 -5.37
CA ALA E 51 -29.93 -11.28 -5.91
C ALA E 51 -31.05 -11.78 -5.02
N VAL E 52 -30.72 -12.58 -4.00
CA VAL E 52 -31.74 -13.11 -3.11
C VAL E 52 -32.17 -12.05 -2.10
N GLU E 53 -33.46 -11.69 -2.15
CA GLU E 53 -33.99 -10.68 -1.23
C GLU E 53 -34.35 -11.28 0.11
N GLY E 54 -34.11 -10.51 1.18
CA GLY E 54 -34.43 -10.98 2.52
C GLY E 54 -33.24 -11.54 3.29
N VAL E 55 -32.12 -11.75 2.62
CA VAL E 55 -30.94 -12.28 3.31
C VAL E 55 -30.30 -11.21 4.17
N ARG E 56 -30.24 -11.45 5.48
CA ARG E 56 -29.63 -10.50 6.41
C ARG E 56 -28.34 -11.11 6.97
N ALA E 57 -28.23 -12.43 6.88
CA ALA E 57 -27.04 -13.14 7.33
C ALA E 57 -27.01 -14.51 6.67
N VAL E 58 -25.80 -15.01 6.42
CA VAL E 58 -25.62 -16.32 5.82
C VAL E 58 -24.91 -17.25 6.79
N LEU E 59 -25.43 -18.47 6.92
CA LEU E 59 -24.84 -19.46 7.81
C LEU E 59 -24.36 -20.63 6.98
N LEU E 60 -23.06 -20.94 7.08
CA LEU E 60 -22.49 -22.04 6.33
C LEU E 60 -22.32 -23.25 7.22
N ARG E 61 -22.72 -24.41 6.72
CA ARG E 61 -22.61 -25.65 7.46
C ARG E 61 -22.41 -26.81 6.52
N GLY E 62 -21.55 -27.75 6.91
CA GLY E 62 -21.30 -28.92 6.09
C GLY E 62 -22.30 -29.99 6.49
N GLU E 63 -22.72 -30.80 5.53
CA GLU E 63 -23.68 -31.85 5.84
C GLU E 63 -23.01 -32.99 6.59
N GLY E 64 -23.78 -33.64 7.47
CA GLY E 64 -23.24 -34.75 8.24
C GLY E 64 -22.47 -34.40 9.50
N GLY E 65 -22.63 -33.16 9.97
CA GLY E 65 -21.94 -32.75 11.18
C GLY E 65 -20.45 -32.54 11.01
N VAL E 66 -20.03 -32.20 9.80
CA VAL E 66 -18.62 -31.96 9.53
C VAL E 66 -18.52 -30.86 8.49
N PHE E 67 -17.55 -29.96 8.64
CA PHE E 67 -17.40 -28.87 7.68
C PHE E 67 -16.79 -29.39 6.38
N SER E 68 -15.47 -29.38 6.27
CA SER E 68 -14.85 -29.88 5.04
C SER E 68 -13.36 -30.15 5.12
N ALA E 69 -12.94 -31.29 4.56
CA ALA E 69 -11.54 -31.68 4.54
C ALA E 69 -10.84 -31.03 3.35
N GLY E 70 -11.57 -30.22 2.59
CA GLY E 70 -10.98 -29.54 1.45
C GLY E 70 -11.21 -30.20 0.10
N GLY E 71 -10.38 -29.84 -0.89
CA GLY E 71 -10.51 -30.39 -2.22
C GLY E 71 -10.29 -31.89 -2.24
N SER E 72 -11.07 -32.59 -3.05
CA SER E 72 -10.96 -34.05 -3.14
C SER E 72 -9.81 -34.47 -4.06
N PHE E 73 -9.40 -35.73 -3.95
CA PHE E 73 -8.33 -36.26 -4.79
C PHE E 73 -8.71 -36.08 -6.26
N GLY E 74 -10.00 -36.28 -6.54
CA GLY E 74 -10.48 -36.15 -7.91
C GLY E 74 -10.25 -34.77 -8.47
N LEU E 75 -10.57 -33.75 -7.68
CA LEU E 75 -10.38 -32.37 -8.10
C LEU E 75 -8.90 -32.09 -8.35
N ILE E 76 -8.06 -32.52 -7.41
CA ILE E 76 -6.62 -32.34 -7.52
C ILE E 76 -6.08 -32.99 -8.79
N GLU E 77 -6.51 -34.21 -9.07
CA GLU E 77 -6.06 -34.92 -10.26
C GLU E 77 -6.56 -34.27 -11.55
N GLU E 78 -7.77 -33.71 -11.51
CA GLU E 78 -8.32 -33.04 -12.68
C GLU E 78 -7.44 -31.84 -13.01
N MET E 79 -7.06 -31.11 -11.96
CA MET E 79 -6.21 -29.93 -12.08
C MET E 79 -4.87 -30.28 -12.71
N ARG E 80 -4.28 -31.38 -12.25
CA ARG E 80 -2.98 -31.83 -12.75
C ARG E 80 -3.05 -32.37 -14.17
N ALA E 81 -4.23 -32.77 -14.62
CA ALA E 81 -4.38 -33.35 -15.95
C ALA E 81 -4.71 -32.40 -17.08
N SER E 82 -5.22 -31.21 -16.76
CA SER E 82 -5.60 -30.25 -17.79
C SER E 82 -5.30 -28.80 -17.44
N HIS E 83 -4.67 -28.08 -18.36
CA HIS E 83 -4.35 -26.67 -18.15
C HIS E 83 -5.66 -25.91 -18.01
N GLU E 84 -6.64 -26.30 -18.80
CA GLU E 84 -7.94 -25.65 -18.75
C GLU E 84 -8.60 -25.82 -17.38
N ALA E 85 -8.48 -27.02 -16.81
CA ALA E 85 -9.06 -27.29 -15.49
C ALA E 85 -8.30 -26.51 -14.43
N LEU E 86 -6.97 -26.52 -14.55
CA LEU E 86 -6.11 -25.83 -13.59
C LEU E 86 -6.49 -24.36 -13.48
N LEU E 87 -6.63 -23.68 -14.62
CA LEU E 87 -6.98 -22.26 -14.58
C LEU E 87 -8.41 -22.00 -14.17
N ARG E 88 -9.33 -22.89 -14.53
CA ARG E 88 -10.70 -22.72 -14.12
C ARG E 88 -10.79 -22.77 -12.61
N VAL E 89 -10.08 -23.72 -12.03
CA VAL E 89 -10.06 -23.89 -10.57
C VAL E 89 -9.31 -22.74 -9.89
N PHE E 90 -8.36 -22.13 -10.59
CA PHE E 90 -7.61 -21.01 -10.05
C PHE E 90 -8.58 -19.88 -9.69
N TRP E 91 -9.41 -19.50 -10.65
CA TRP E 91 -10.37 -18.45 -10.41
C TRP E 91 -11.42 -18.85 -9.40
N GLU E 92 -11.73 -20.15 -9.34
CA GLU E 92 -12.70 -20.64 -8.38
C GLU E 92 -12.09 -20.47 -6.98
N ALA E 93 -10.83 -20.88 -6.84
CA ALA E 93 -10.14 -20.80 -5.56
C ALA E 93 -10.09 -19.36 -5.06
N ARG E 94 -9.91 -18.42 -5.99
CA ARG E 94 -9.85 -17.01 -5.63
C ARG E 94 -11.22 -16.53 -5.14
N ASP E 95 -12.28 -16.98 -5.81
CA ASP E 95 -13.63 -16.55 -5.44
C ASP E 95 -14.18 -17.27 -4.21
N LEU E 96 -13.61 -18.43 -3.89
CA LEU E 96 -14.07 -19.16 -2.72
C LEU E 96 -13.77 -18.29 -1.50
N VAL E 97 -12.70 -17.51 -1.58
CA VAL E 97 -12.31 -16.62 -0.48
C VAL E 97 -12.92 -15.22 -0.67
N LEU E 98 -12.79 -14.67 -1.87
CA LEU E 98 -13.32 -13.33 -2.14
C LEU E 98 -14.85 -13.27 -2.16
N GLY E 99 -15.49 -14.38 -2.53
CA GLY E 99 -16.94 -14.41 -2.57
C GLY E 99 -17.55 -13.97 -1.25
N PRO E 100 -17.19 -14.65 -0.14
CA PRO E 100 -17.72 -14.29 1.17
C PRO E 100 -17.33 -12.87 1.56
N LEU E 101 -16.07 -12.51 1.30
CA LEU E 101 -15.59 -11.18 1.66
C LEU E 101 -16.34 -10.06 0.97
N ASN E 102 -16.70 -10.24 -0.30
CA ASN E 102 -17.43 -9.20 -1.02
C ASN E 102 -18.95 -9.32 -0.97
N PHE E 103 -19.46 -10.35 -0.28
CA PHE E 103 -20.90 -10.49 -0.14
C PHE E 103 -21.32 -9.39 0.86
N PRO E 104 -22.41 -8.67 0.57
CA PRO E 104 -22.89 -7.58 1.45
C PRO E 104 -23.27 -7.93 2.89
N ARG E 105 -23.84 -9.12 3.09
CA ARG E 105 -24.28 -9.53 4.42
C ARG E 105 -23.23 -10.35 5.15
N PRO E 106 -23.30 -10.35 6.49
CA PRO E 106 -22.37 -11.09 7.36
C PRO E 106 -22.54 -12.58 7.11
N VAL E 107 -21.42 -13.29 7.09
CA VAL E 107 -21.41 -14.72 6.86
C VAL E 107 -20.83 -15.39 8.10
N VAL E 108 -21.55 -16.39 8.60
CA VAL E 108 -21.12 -17.14 9.77
C VAL E 108 -20.88 -18.59 9.36
N ALA E 109 -19.80 -19.18 9.87
CA ALA E 109 -19.50 -20.56 9.55
C ALA E 109 -19.53 -21.42 10.80
N ALA E 110 -20.28 -22.51 10.74
CA ALA E 110 -20.37 -23.45 11.86
C ALA E 110 -19.35 -24.54 11.51
N VAL E 111 -18.13 -24.35 11.99
CA VAL E 111 -17.04 -25.26 11.69
C VAL E 111 -16.99 -26.50 12.58
N GLU E 112 -17.66 -27.55 12.13
CA GLU E 112 -17.73 -28.80 12.87
C GLU E 112 -16.66 -29.81 12.49
N LYS E 113 -16.02 -30.35 13.53
CA LYS E 113 -14.99 -31.39 13.42
C LYS E 113 -13.72 -31.14 12.60
N VAL E 114 -13.87 -30.78 11.33
CA VAL E 114 -12.69 -30.58 10.49
C VAL E 114 -12.82 -29.44 9.48
N ALA E 115 -11.70 -28.74 9.27
CA ALA E 115 -11.62 -27.66 8.30
C ALA E 115 -10.18 -27.68 7.79
N VAL E 116 -9.98 -28.21 6.59
CA VAL E 116 -8.65 -28.31 6.00
C VAL E 116 -8.67 -27.78 4.57
N GLY E 117 -7.54 -27.21 4.13
CA GLY E 117 -7.43 -26.69 2.79
C GLY E 117 -8.55 -25.75 2.42
N ALA E 118 -9.23 -26.04 1.32
CA ALA E 118 -10.34 -25.23 0.85
C ALA E 118 -11.41 -25.09 1.95
N GLY E 119 -11.54 -26.12 2.78
CA GLY E 119 -12.52 -26.08 3.86
C GLY E 119 -12.16 -24.98 4.85
N LEU E 120 -10.87 -24.86 5.16
CA LEU E 120 -10.40 -23.83 6.09
C LEU E 120 -10.48 -22.47 5.41
N ALA E 121 -10.21 -22.44 4.11
CA ALA E 121 -10.26 -21.19 3.35
C ALA E 121 -11.65 -20.59 3.50
N LEU E 122 -12.67 -21.42 3.28
CA LEU E 122 -14.06 -20.98 3.38
C LEU E 122 -14.42 -20.62 4.82
N ALA E 123 -13.95 -21.40 5.78
CA ALA E 123 -14.22 -21.14 7.19
C ALA E 123 -13.70 -19.78 7.62
N LEU E 124 -12.47 -19.46 7.21
CA LEU E 124 -11.84 -18.20 7.56
C LEU E 124 -12.28 -17.01 6.72
N ALA E 125 -12.82 -17.28 5.52
CA ALA E 125 -13.31 -16.20 4.66
C ALA E 125 -14.58 -15.63 5.28
N ALA E 126 -15.29 -16.46 6.05
CA ALA E 126 -16.50 -16.01 6.71
C ALA E 126 -16.16 -14.92 7.71
N ASP E 127 -17.12 -14.06 8.00
CA ASP E 127 -16.90 -12.97 8.94
C ASP E 127 -16.72 -13.47 10.36
N ILE E 128 -17.48 -14.49 10.72
CA ILE E 128 -17.39 -15.05 12.05
C ILE E 128 -17.42 -16.57 11.95
N ALA E 129 -16.45 -17.23 12.57
CA ALA E 129 -16.41 -18.67 12.56
C ALA E 129 -16.55 -19.17 13.98
N VAL E 130 -17.43 -20.15 14.17
CA VAL E 130 -17.62 -20.76 15.47
C VAL E 130 -17.05 -22.16 15.31
N VAL E 131 -16.09 -22.52 16.15
CA VAL E 131 -15.50 -23.85 16.08
C VAL E 131 -15.71 -24.57 17.39
N GLY E 132 -15.46 -25.88 17.37
CA GLY E 132 -15.57 -26.68 18.57
C GLY E 132 -14.19 -26.66 19.20
N LYS E 133 -14.11 -26.84 20.51
CA LYS E 133 -12.82 -26.85 21.17
C LYS E 133 -11.93 -27.95 20.59
N GLY E 134 -12.54 -29.03 20.12
CA GLY E 134 -11.77 -30.12 19.55
C GLY E 134 -11.71 -30.18 18.04
N THR E 135 -12.22 -29.17 17.37
CA THR E 135 -12.19 -29.14 15.91
C THR E 135 -10.74 -29.17 15.44
N ARG E 136 -10.50 -29.77 14.28
CA ARG E 136 -9.15 -29.85 13.72
C ARG E 136 -9.05 -28.85 12.57
N LEU E 137 -8.15 -27.89 12.68
CA LEU E 137 -7.96 -26.88 11.65
C LEU E 137 -6.55 -26.99 11.09
N LEU E 138 -6.44 -27.15 9.77
CA LEU E 138 -5.12 -27.29 9.15
C LEU E 138 -5.10 -26.80 7.71
N ASP E 139 -4.08 -26.02 7.36
CA ASP E 139 -3.94 -25.54 6.01
C ASP E 139 -3.71 -26.80 5.17
N GLY E 140 -2.68 -27.55 5.53
CA GLY E 140 -2.37 -28.81 4.87
C GLY E 140 -1.64 -28.87 3.53
N HIS E 141 -1.44 -27.75 2.86
CA HIS E 141 -0.77 -27.80 1.56
C HIS E 141 0.67 -28.29 1.55
N LEU E 142 1.46 -27.92 2.55
CA LEU E 142 2.85 -28.36 2.59
C LEU E 142 3.00 -29.88 2.67
N ARG E 143 2.03 -30.56 3.29
CA ARG E 143 2.09 -32.00 3.38
C ARG E 143 1.79 -32.60 2.00
N LEU E 144 1.02 -31.86 1.21
CA LEU E 144 0.64 -32.30 -0.13
C LEU E 144 1.75 -32.04 -1.14
N GLY E 145 2.62 -31.08 -0.83
CA GLY E 145 3.71 -30.77 -1.73
C GLY E 145 3.53 -29.49 -2.51
N VAL E 146 2.56 -28.66 -2.13
CA VAL E 146 2.34 -27.39 -2.82
C VAL E 146 2.27 -26.24 -1.82
N ALA E 147 2.47 -25.03 -2.33
CA ALA E 147 2.43 -23.84 -1.49
C ALA E 147 1.05 -23.61 -0.89
N ALA E 148 1.02 -22.92 0.26
CA ALA E 148 -0.23 -22.60 0.94
C ALA E 148 -0.80 -21.39 0.21
N GLY E 149 -1.40 -21.61 -0.95
CA GLY E 149 -1.91 -20.48 -1.71
C GLY E 149 -3.40 -20.27 -1.81
N ASP E 150 -4.22 -21.07 -1.14
CA ASP E 150 -5.67 -20.91 -1.27
C ASP E 150 -6.40 -20.03 -0.26
N HIS E 151 -5.66 -19.30 0.58
CA HIS E 151 -6.27 -18.38 1.54
C HIS E 151 -5.32 -17.87 2.62
N ALA E 152 -4.42 -18.75 3.06
CA ALA E 152 -3.49 -18.44 4.14
C ALA E 152 -2.74 -17.13 4.02
N VAL E 153 -2.26 -16.82 2.83
CA VAL E 153 -1.50 -15.60 2.66
C VAL E 153 -2.37 -14.35 2.67
N LEU E 154 -3.66 -14.52 2.42
CA LEU E 154 -4.55 -13.37 2.45
C LEU E 154 -5.06 -13.13 3.88
N LEU E 155 -5.42 -14.21 4.55
CA LEU E 155 -6.00 -14.12 5.89
C LEU E 155 -5.16 -14.31 7.16
N TRP E 156 -4.32 -15.33 7.20
CA TRP E 156 -3.56 -15.59 8.43
C TRP E 156 -2.77 -14.46 9.09
N PRO E 157 -2.00 -13.66 8.32
CA PRO E 157 -1.25 -12.60 8.98
C PRO E 157 -2.09 -11.64 9.83
N LEU E 158 -3.23 -11.22 9.29
CA LEU E 158 -4.12 -10.31 10.00
C LEU E 158 -5.01 -11.00 11.02
N LEU E 159 -4.85 -12.31 11.16
CA LEU E 159 -5.64 -13.07 12.13
C LEU E 159 -4.79 -13.45 13.34
N VAL E 160 -3.65 -14.10 13.11
CA VAL E 160 -2.79 -14.54 14.20
C VAL E 160 -1.36 -13.98 14.21
N GLY E 161 -1.03 -13.16 13.22
CA GLY E 161 0.32 -12.61 13.17
C GLY E 161 1.26 -13.53 12.41
N MET E 162 2.38 -12.97 11.96
CA MET E 162 3.36 -13.71 11.16
C MET E 162 4.05 -14.91 11.81
N ALA E 163 4.37 -14.83 13.09
CA ALA E 163 5.04 -15.93 13.76
C ALA E 163 4.18 -17.19 13.80
N LYS E 164 2.96 -17.05 14.32
CA LYS E 164 2.07 -18.20 14.40
C LYS E 164 1.66 -18.68 13.00
N ALA E 165 1.58 -17.75 12.05
CA ALA E 165 1.21 -18.13 10.69
C ALA E 165 2.32 -18.97 10.07
N LYS E 166 3.57 -18.51 10.17
CA LYS E 166 4.68 -19.27 9.60
C LYS E 166 4.85 -20.62 10.27
N TYR E 167 4.68 -20.67 11.59
CA TYR E 167 4.84 -21.92 12.31
C TYR E 167 3.85 -23.00 11.86
N HIS E 168 2.58 -22.62 11.76
CA HIS E 168 1.54 -23.57 11.37
C HIS E 168 1.41 -23.82 9.88
N LEU E 169 1.87 -22.87 9.06
CA LEU E 169 1.78 -23.05 7.62
C LEU E 169 2.98 -23.79 7.03
N LEU E 170 4.17 -23.47 7.53
CA LEU E 170 5.39 -24.10 7.02
C LEU E 170 5.58 -25.54 7.52
N LEU E 171 5.10 -25.80 8.76
CA LEU E 171 5.32 -27.11 9.35
C LEU E 171 4.12 -28.05 9.21
N ASN E 172 3.00 -27.51 8.66
CA ASN E 172 1.80 -28.33 8.54
C ASN E 172 1.30 -28.79 9.91
N GLU E 173 1.43 -27.89 10.90
CA GLU E 173 1.04 -28.25 12.27
C GLU E 173 -0.41 -27.83 12.57
N PRO E 174 -1.24 -28.83 12.91
CA PRO E 174 -2.68 -28.61 13.10
C PRO E 174 -2.96 -27.78 14.35
N LEU E 175 -4.16 -27.20 14.38
CA LEU E 175 -4.62 -26.41 15.51
C LEU E 175 -5.95 -26.99 15.97
N THR E 176 -6.17 -27.01 17.28
CA THR E 176 -7.45 -27.46 17.78
C THR E 176 -8.27 -26.17 17.76
N GLY E 177 -9.60 -26.30 17.75
CA GLY E 177 -10.45 -25.12 17.74
C GLY E 177 -10.14 -24.23 18.93
N GLU E 178 -9.87 -24.85 20.07
CA GLU E 178 -9.56 -24.09 21.29
C GLU E 178 -8.28 -23.27 21.10
N GLU E 179 -7.25 -23.91 20.57
CA GLU E 179 -5.99 -23.21 20.34
C GLU E 179 -6.20 -22.11 19.31
N ALA E 180 -7.00 -22.39 18.28
CA ALA E 180 -7.25 -21.40 17.25
C ALA E 180 -7.89 -20.13 17.79
N GLU E 181 -8.84 -20.27 18.70
CA GLU E 181 -9.51 -19.10 19.28
C GLU E 181 -8.52 -18.32 20.14
N ARG E 182 -7.64 -19.04 20.83
CA ARG E 182 -6.64 -18.43 21.68
C ARG E 182 -5.67 -17.59 20.87
N LEU E 183 -5.33 -18.04 19.66
CA LEU E 183 -4.42 -17.31 18.79
C LEU E 183 -5.13 -16.16 18.10
N GLY E 184 -6.44 -16.24 18.01
CA GLY E 184 -7.21 -15.19 17.35
C GLY E 184 -7.57 -15.54 15.93
N LEU E 185 -7.41 -16.81 15.56
CA LEU E 185 -7.74 -17.26 14.20
C LEU E 185 -9.24 -17.25 13.97
N VAL E 186 -9.99 -17.54 15.03
CA VAL E 186 -11.46 -17.58 14.97
C VAL E 186 -12.03 -16.88 16.20
N ALA E 187 -13.28 -16.42 16.09
CA ALA E 187 -13.92 -15.70 17.18
C ALA E 187 -14.33 -16.53 18.40
N LEU E 188 -14.87 -17.72 18.17
CA LEU E 188 -15.33 -18.54 19.28
C LEU E 188 -15.05 -20.03 19.18
N ALA E 189 -14.80 -20.65 20.33
CA ALA E 189 -14.56 -22.09 20.41
C ALA E 189 -15.50 -22.59 21.50
N VAL E 190 -16.46 -23.42 21.14
CA VAL E 190 -17.43 -23.95 22.11
C VAL E 190 -17.39 -25.46 22.15
N GLU E 191 -18.16 -26.05 23.06
CA GLU E 191 -18.22 -27.51 23.17
C GLU E 191 -18.61 -28.01 21.79
N ASP E 192 -17.96 -29.07 21.34
CA ASP E 192 -18.22 -29.62 20.01
C ASP E 192 -19.69 -29.81 19.64
N GLU E 193 -20.49 -30.28 20.60
CA GLU E 193 -21.91 -30.52 20.36
C GLU E 193 -22.74 -29.26 20.22
N LYS E 194 -22.18 -28.11 20.58
CA LYS E 194 -22.92 -26.85 20.51
C LYS E 194 -22.42 -25.88 19.43
N VAL E 195 -21.57 -26.37 18.55
CA VAL E 195 -21.03 -25.53 17.47
C VAL E 195 -22.14 -24.98 16.58
N TYR E 196 -22.98 -25.86 16.03
CA TYR E 196 -24.06 -25.39 15.17
C TYR E 196 -25.01 -24.48 15.94
N GLU E 197 -25.34 -24.87 17.16
CA GLU E 197 -26.23 -24.10 18.01
C GLU E 197 -25.77 -22.65 18.20
N LYS E 198 -24.50 -22.48 18.59
CA LYS E 198 -23.96 -21.15 18.82
C LYS E 198 -23.83 -20.35 17.53
N ALA E 199 -23.42 -21.03 16.45
CA ALA E 199 -23.28 -20.36 15.16
C ALA E 199 -24.62 -19.82 14.69
N LEU E 200 -25.69 -20.57 14.92
CA LEU E 200 -27.02 -20.13 14.51
C LEU E 200 -27.41 -18.92 15.37
N GLU E 201 -27.08 -18.99 16.65
CA GLU E 201 -27.38 -17.89 17.57
C GLU E 201 -26.71 -16.62 17.09
N VAL E 202 -25.45 -16.75 16.69
CA VAL E 202 -24.68 -15.61 16.19
C VAL E 202 -25.31 -15.07 14.91
N ALA E 203 -25.64 -15.98 13.98
CA ALA E 203 -26.25 -15.60 12.72
C ALA E 203 -27.58 -14.88 12.94
N GLU E 204 -28.39 -15.42 13.85
CA GLU E 204 -29.68 -14.80 14.14
C GLU E 204 -29.48 -13.40 14.69
N ARG E 205 -28.48 -13.22 15.54
CA ARG E 205 -28.19 -11.93 16.13
C ARG E 205 -27.77 -10.91 15.07
N LEU E 206 -27.02 -11.37 14.07
CA LEU E 206 -26.60 -10.47 13.01
C LEU E 206 -27.80 -10.10 12.16
N ALA E 207 -28.74 -11.04 12.01
CA ALA E 207 -29.94 -10.80 11.22
C ALA E 207 -30.82 -9.78 11.93
N GLN E 208 -30.63 -9.65 13.23
CA GLN E 208 -31.41 -8.70 14.01
C GLN E 208 -30.76 -7.32 14.02
N GLY E 209 -29.51 -7.27 13.58
CA GLY E 209 -28.79 -6.01 13.55
C GLY E 209 -29.20 -5.12 12.38
N PRO E 210 -28.62 -3.91 12.30
CA PRO E 210 -28.88 -2.90 11.27
C PRO E 210 -28.23 -3.32 9.95
N LYS E 211 -29.06 -3.72 9.00
CA LYS E 211 -28.59 -4.19 7.70
C LYS E 211 -27.58 -3.30 7.00
N GLU E 212 -27.93 -2.02 6.81
CA GLU E 212 -27.02 -1.10 6.13
C GLU E 212 -25.73 -0.84 6.91
N ALA E 213 -25.84 -0.63 8.21
CA ALA E 213 -24.66 -0.38 9.02
C ALA E 213 -23.75 -1.61 9.05
N LEU E 214 -24.34 -2.80 9.06
CA LEU E 214 -23.54 -4.02 9.07
C LEU E 214 -22.80 -4.17 7.74
N HIS E 215 -23.49 -3.93 6.63
CA HIS E 215 -22.89 -4.04 5.31
C HIS E 215 -21.70 -3.07 5.22
N HIS E 216 -21.93 -1.82 5.58
CA HIS E 216 -20.87 -0.84 5.51
C HIS E 216 -19.67 -1.17 6.41
N THR E 217 -19.93 -1.67 7.60
CA THR E 217 -18.86 -2.00 8.53
C THR E 217 -18.04 -3.17 8.01
N LYS E 218 -18.73 -4.22 7.55
CA LYS E 218 -18.04 -5.38 6.99
C LYS E 218 -17.20 -4.94 5.79
N HIS E 219 -17.81 -4.16 4.92
CA HIS E 219 -17.14 -3.67 3.72
C HIS E 219 -15.89 -2.85 4.03
N ALA E 220 -15.99 -1.95 5.00
CA ALA E 220 -14.84 -1.12 5.34
C ALA E 220 -13.74 -1.95 5.95
N LEU E 221 -14.08 -2.83 6.89
CA LEU E 221 -13.06 -3.69 7.49
C LEU E 221 -12.39 -4.55 6.43
N ASN E 222 -13.17 -5.11 5.51
CA ASN E 222 -12.60 -5.98 4.49
C ASN E 222 -11.61 -5.33 3.54
N HIS E 223 -11.54 -4.00 3.54
CA HIS E 223 -10.58 -3.33 2.69
C HIS E 223 -9.18 -3.67 3.21
N TRP E 224 -9.08 -4.09 4.47
CA TRP E 224 -7.78 -4.47 5.00
C TRP E 224 -7.28 -5.68 4.22
N TYR E 225 -8.18 -6.62 3.94
CA TYR E 225 -7.80 -7.80 3.18
C TYR E 225 -7.60 -7.44 1.71
N ARG E 226 -8.51 -6.64 1.16
CA ARG E 226 -8.41 -6.26 -0.24
C ARG E 226 -7.08 -5.60 -0.58
N SER E 227 -6.53 -4.85 0.36
CA SER E 227 -5.25 -4.17 0.12
C SER E 227 -4.12 -5.17 -0.13
N PHE E 228 -4.31 -6.43 0.28
CA PHE E 228 -3.29 -7.47 0.11
C PHE E 228 -3.73 -8.57 -0.86
N LEU E 229 -4.65 -8.23 -1.75
CA LEU E 229 -5.11 -9.21 -2.72
C LEU E 229 -4.00 -9.69 -3.64
N PRO E 230 -3.12 -8.78 -4.10
CA PRO E 230 -2.04 -9.23 -4.97
C PRO E 230 -1.18 -10.27 -4.24
N HIS E 231 -0.93 -10.03 -2.95
CA HIS E 231 -0.16 -10.95 -2.13
C HIS E 231 -0.81 -12.33 -2.16
N PHE E 232 -2.13 -12.34 -2.02
CA PHE E 232 -2.89 -13.58 -2.02
C PHE E 232 -2.86 -14.27 -3.38
N GLU E 233 -3.19 -13.53 -4.43
CA GLU E 233 -3.21 -14.13 -5.76
C GLU E 233 -1.85 -14.64 -6.19
N LEU E 234 -0.79 -13.98 -5.75
CA LEU E 234 0.55 -14.44 -6.08
C LEU E 234 0.79 -15.80 -5.40
N SER E 235 0.34 -15.94 -4.16
CA SER E 235 0.53 -17.20 -3.45
C SER E 235 -0.27 -18.30 -4.14
N LEU E 236 -1.44 -17.94 -4.65
CA LEU E 236 -2.30 -18.90 -5.34
C LEU E 236 -1.64 -19.31 -6.65
N ALA E 237 -1.11 -18.34 -7.39
CA ALA E 237 -0.46 -18.63 -8.66
C ALA E 237 0.77 -19.52 -8.45
N LEU E 238 1.54 -19.23 -7.40
CA LEU E 238 2.72 -20.03 -7.09
C LEU E 238 2.31 -21.46 -6.74
N GLU E 239 1.22 -21.60 -5.99
CA GLU E 239 0.74 -22.92 -5.61
C GLU E 239 0.37 -23.71 -6.87
N PHE E 240 -0.33 -23.07 -7.78
CA PHE E 240 -0.75 -23.73 -9.02
C PHE E 240 0.41 -24.05 -9.95
N LEU E 241 1.49 -23.26 -9.86
CA LEU E 241 2.64 -23.56 -10.70
C LEU E 241 3.24 -24.86 -10.18
N GLY E 242 3.06 -25.12 -8.88
CA GLY E 242 3.59 -26.34 -8.30
C GLY E 242 2.86 -27.60 -8.70
N PHE E 243 1.70 -27.46 -9.34
CA PHE E 243 0.92 -28.63 -9.74
C PHE E 243 1.57 -29.48 -10.82
N SER E 244 2.57 -28.93 -11.49
CA SER E 244 3.29 -29.67 -12.53
C SER E 244 4.64 -30.09 -12.00
N GLY E 245 4.87 -29.87 -10.70
CA GLY E 245 6.14 -30.23 -10.11
C GLY E 245 6.14 -31.62 -9.50
N LYS E 246 7.34 -32.12 -9.22
CA LYS E 246 7.47 -33.45 -8.64
C LYS E 246 7.12 -33.53 -7.17
N GLU E 247 7.06 -32.38 -6.49
CA GLU E 247 6.74 -32.40 -5.09
C GLU E 247 5.29 -32.80 -4.88
N LEU E 248 4.40 -32.31 -5.74
CA LEU E 248 2.99 -32.63 -5.64
C LEU E 248 2.81 -34.11 -5.99
N GLU E 249 3.58 -34.57 -6.97
CA GLU E 249 3.51 -35.97 -7.37
C GLU E 249 3.85 -36.89 -6.20
N GLU E 250 4.94 -36.58 -5.52
CA GLU E 250 5.37 -37.38 -4.37
C GLU E 250 4.39 -37.23 -3.20
N GLY E 251 3.84 -36.03 -3.05
CA GLY E 251 2.90 -35.77 -1.98
C GLY E 251 1.63 -36.58 -2.11
N LEU E 252 1.10 -36.68 -3.33
CA LEU E 252 -0.11 -37.45 -3.58
C LEU E 252 0.22 -38.94 -3.46
N LYS E 253 1.29 -39.35 -4.13
CA LYS E 253 1.72 -40.74 -4.11
C LYS E 253 1.90 -41.23 -2.67
N ALA E 254 2.55 -40.40 -1.86
CA ALA E 254 2.79 -40.73 -0.47
C ALA E 254 1.48 -40.88 0.30
N LEU E 255 0.56 -39.96 0.04
CA LEU E 255 -0.74 -39.96 0.71
C LEU E 255 -1.54 -41.21 0.35
N LYS E 256 -1.40 -41.65 -0.89
CA LYS E 256 -2.10 -42.85 -1.36
C LYS E 256 -1.48 -44.12 -0.79
N GLU E 257 -0.15 -44.13 -0.67
CA GLU E 257 0.56 -45.29 -0.17
C GLU E 257 0.69 -45.31 1.35
N LYS E 258 0.04 -44.35 2.01
CA LYS E 258 0.07 -44.25 3.46
C LYS E 258 1.48 -44.27 4.04
N ARG E 259 2.40 -43.62 3.35
CA ARG E 259 3.78 -43.57 3.79
C ARG E 259 4.23 -42.11 3.85
N PRO E 260 5.17 -41.78 4.75
CA PRO E 260 5.61 -40.40 4.83
C PRO E 260 6.25 -40.01 3.49
N PRO E 261 6.05 -38.76 3.05
CA PRO E 261 6.63 -38.33 1.78
C PRO E 261 8.14 -38.20 1.80
N GLU E 262 8.77 -38.52 0.67
CA GLU E 262 10.22 -38.41 0.53
C GLU E 262 10.42 -37.34 -0.55
N PHE E 263 10.30 -36.07 -0.15
CA PHE E 263 10.45 -34.97 -1.10
C PHE E 263 11.87 -34.89 -1.65
N PRO E 264 12.00 -34.62 -2.96
CA PRO E 264 13.30 -34.52 -3.63
C PRO E 264 14.13 -33.29 -3.26
N LEU F 2 -3.02 25.14 29.76
CA LEU F 2 -3.39 25.65 31.09
C LEU F 2 -4.18 26.95 31.02
N ALA F 3 -3.51 28.06 31.28
CA ALA F 3 -4.15 29.38 31.27
C ALA F 3 -5.02 29.59 30.04
N SER F 4 -4.40 29.96 28.92
CA SER F 4 -5.12 30.20 27.68
C SER F 4 -5.87 28.97 27.20
N LEU F 5 -5.30 27.80 27.44
CA LEU F 5 -5.91 26.55 27.00
C LEU F 5 -7.25 26.27 27.68
N GLU F 6 -7.28 26.32 29.01
CA GLU F 6 -8.53 26.06 29.71
C GLU F 6 -9.59 27.08 29.30
N ALA F 7 -9.14 28.28 28.94
CA ALA F 7 -10.06 29.33 28.53
C ALA F 7 -10.69 29.00 27.19
N ARG F 8 -9.89 28.42 26.30
CA ARG F 8 -10.37 28.08 24.97
C ARG F 8 -10.99 26.70 24.90
N TYR F 9 -10.66 25.85 25.87
CA TYR F 9 -11.19 24.50 25.89
C TYR F 9 -12.05 24.18 27.09
N PRO F 10 -13.29 24.71 27.09
CA PRO F 10 -14.19 24.44 28.22
C PRO F 10 -14.41 22.93 28.29
N GLY F 11 -14.24 22.37 29.48
CA GLY F 11 -14.42 20.94 29.63
C GLY F 11 -13.08 20.24 29.84
N LEU F 12 -11.99 20.94 29.55
CA LEU F 12 -10.67 20.37 29.73
C LEU F 12 -9.90 21.07 30.84
N ALA F 13 -9.27 20.26 31.70
CA ALA F 13 -8.48 20.78 32.81
C ALA F 13 -7.04 20.31 32.57
N PHE F 14 -6.08 21.20 32.79
CA PHE F 14 -4.68 20.85 32.57
C PHE F 14 -3.86 20.92 33.85
N ALA F 15 -2.93 19.97 33.99
CA ALA F 15 -2.07 19.92 35.17
C ALA F 15 -0.81 19.10 34.91
N TRP F 16 0.18 19.27 35.77
CA TRP F 16 1.45 18.55 35.65
C TRP F 16 1.62 17.68 36.91
N PRO F 17 0.90 16.55 37.00
CA PRO F 17 1.01 15.68 38.18
C PRO F 17 2.42 15.19 38.45
N ARG F 18 3.20 15.06 37.38
CA ARG F 18 4.58 14.60 37.47
C ARG F 18 5.41 15.43 36.49
N PRO F 19 6.73 15.49 36.70
CA PRO F 19 7.61 16.26 35.81
C PRO F 19 7.50 15.84 34.34
N GLY F 20 7.20 16.82 33.48
CA GLY F 20 7.08 16.53 32.06
C GLY F 20 5.81 15.84 31.64
N VAL F 21 4.94 15.53 32.60
CA VAL F 21 3.68 14.87 32.28
C VAL F 21 2.51 15.85 32.28
N LEU F 22 2.00 16.17 31.10
CA LEU F 22 0.87 17.07 30.98
C LEU F 22 -0.40 16.24 31.04
N GLU F 23 -1.19 16.45 32.09
CA GLU F 23 -2.41 15.71 32.29
C GLU F 23 -3.64 16.50 31.86
N ILE F 24 -4.45 15.89 30.99
CA ILE F 24 -5.67 16.51 30.51
C ILE F 24 -6.84 15.74 31.10
N THR F 25 -7.61 16.40 31.96
CA THR F 25 -8.78 15.80 32.57
C THR F 25 -9.99 16.42 31.90
N PHE F 26 -10.80 15.60 31.23
CA PHE F 26 -11.97 16.11 30.53
C PHE F 26 -13.28 15.79 31.24
N ARG F 27 -14.21 16.73 31.17
CA ARG F 27 -15.50 16.60 31.82
C ARG F 27 -16.67 16.75 30.84
N GLY F 28 -17.50 15.72 30.75
CA GLY F 28 -18.65 15.77 29.88
C GLY F 28 -19.90 15.70 30.73
N GLU F 29 -20.90 14.94 30.29
CA GLU F 29 -22.13 14.76 31.04
C GLU F 29 -21.98 13.45 31.81
N LYS F 30 -23.09 12.81 32.15
CA LYS F 30 -23.03 11.54 32.88
C LYS F 30 -22.06 10.59 32.17
N LEU F 31 -21.17 9.97 32.95
CA LEU F 31 -20.18 9.04 32.42
C LEU F 31 -19.34 9.75 31.35
N ASN F 32 -19.26 11.07 31.50
CA ASN F 32 -18.52 11.92 30.59
C ASN F 32 -18.92 11.80 29.12
N ALA F 33 -20.21 11.59 28.87
CA ALA F 33 -20.71 11.53 27.50
C ALA F 33 -20.30 12.88 26.93
N MET F 34 -19.88 12.92 25.68
CA MET F 34 -19.40 14.16 25.06
C MET F 34 -20.37 15.07 24.33
N PRO F 35 -20.63 16.26 24.88
CA PRO F 35 -21.53 17.18 24.18
C PRO F 35 -20.71 17.73 23.02
N PRO F 36 -21.34 18.47 22.10
CA PRO F 36 -20.62 19.03 20.95
C PRO F 36 -19.29 19.74 21.26
N ALA F 37 -19.30 20.61 22.26
CA ALA F 37 -18.10 21.37 22.63
C ALA F 37 -16.94 20.52 23.13
N LEU F 38 -17.24 19.45 23.86
CA LEU F 38 -16.20 18.57 24.38
C LEU F 38 -15.63 17.72 23.26
N HIS F 39 -16.49 17.24 22.37
CA HIS F 39 -16.04 16.44 21.25
C HIS F 39 -15.07 17.25 20.39
N ARG F 40 -15.45 18.49 20.11
CA ARG F 40 -14.61 19.36 19.29
C ARG F 40 -13.33 19.69 20.04
N GLY F 41 -13.44 19.94 21.34
CA GLY F 41 -12.28 20.27 22.14
C GLY F 41 -11.25 19.15 22.21
N LEU F 42 -11.71 17.93 22.45
CA LEU F 42 -10.79 16.80 22.53
C LEU F 42 -10.12 16.52 21.19
N ALA F 43 -10.82 16.87 20.11
CA ALA F 43 -10.29 16.66 18.77
C ALA F 43 -9.28 17.72 18.34
N ARG F 44 -9.54 18.98 18.70
CA ARG F 44 -8.68 20.09 18.30
C ARG F 44 -7.55 20.46 19.26
N VAL F 45 -7.64 20.06 20.52
CA VAL F 45 -6.61 20.41 21.49
C VAL F 45 -5.18 19.98 21.09
N TRP F 46 -5.07 18.86 20.40
CA TRP F 46 -3.77 18.36 19.98
C TRP F 46 -2.95 19.36 19.16
N ARG F 47 -3.64 20.19 18.39
CA ARG F 47 -2.96 21.18 17.57
C ARG F 47 -2.28 22.24 18.44
N ASP F 48 -2.95 22.66 19.51
CA ASP F 48 -2.40 23.68 20.40
C ASP F 48 -1.40 23.14 21.41
N LEU F 49 -1.47 21.84 21.72
CA LEU F 49 -0.54 21.25 22.67
C LEU F 49 0.88 21.28 22.15
N GLU F 50 1.04 21.34 20.83
CA GLU F 50 2.34 21.37 20.20
C GLU F 50 3.17 22.57 20.68
N ALA F 51 2.48 23.66 21.01
CA ALA F 51 3.15 24.88 21.47
C ALA F 51 3.45 24.88 22.97
N VAL F 52 2.99 23.86 23.69
CA VAL F 52 3.24 23.79 25.12
C VAL F 52 4.63 23.23 25.40
N GLU F 53 5.49 24.09 25.92
CA GLU F 53 6.86 23.73 26.25
C GLU F 53 6.93 22.80 27.46
N GLY F 54 7.90 21.89 27.45
CA GLY F 54 8.09 20.97 28.56
C GLY F 54 7.31 19.67 28.54
N VAL F 55 6.40 19.51 27.59
CA VAL F 55 5.63 18.28 27.51
C VAL F 55 6.48 17.13 27.00
N ARG F 56 6.57 16.06 27.78
CA ARG F 56 7.33 14.88 27.38
C ARG F 56 6.37 13.69 27.28
N ALA F 57 5.17 13.87 27.83
CA ALA F 57 4.14 12.84 27.77
C ALA F 57 2.79 13.44 28.14
N VAL F 58 1.72 12.92 27.56
CA VAL F 58 0.39 13.40 27.85
C VAL F 58 -0.40 12.28 28.50
N LEU F 59 -1.13 12.63 29.56
CA LEU F 59 -1.96 11.68 30.28
C LEU F 59 -3.40 12.13 30.15
N LEU F 60 -4.25 11.23 29.65
CA LEU F 60 -5.67 11.53 29.47
C LEU F 60 -6.49 10.83 30.54
N ARG F 61 -7.37 11.58 31.18
CA ARG F 61 -8.23 11.00 32.21
C ARG F 61 -9.60 11.66 32.19
N GLY F 62 -10.64 10.87 32.43
CA GLY F 62 -11.98 11.40 32.47
C GLY F 62 -12.25 11.84 33.89
N GLU F 63 -12.96 12.95 34.07
CA GLU F 63 -13.24 13.44 35.40
C GLU F 63 -14.26 12.53 36.09
N GLY F 64 -14.16 12.44 37.41
CA GLY F 64 -15.11 11.63 38.16
C GLY F 64 -14.92 10.12 38.15
N GLY F 65 -13.70 9.65 37.94
CA GLY F 65 -13.43 8.23 37.93
C GLY F 65 -13.98 7.41 36.77
N VAL F 66 -14.23 8.05 35.63
CA VAL F 66 -14.72 7.33 34.47
C VAL F 66 -14.17 8.03 33.23
N PHE F 67 -13.86 7.26 32.19
CA PHE F 67 -13.30 7.82 30.97
C PHE F 67 -14.42 8.47 30.13
N SER F 68 -15.08 7.70 29.27
CA SER F 68 -16.17 8.27 28.47
C SER F 68 -17.08 7.28 27.77
N ALA F 69 -18.38 7.53 27.83
CA ALA F 69 -19.37 6.68 27.19
C ALA F 69 -19.55 7.11 25.73
N GLY F 70 -18.71 8.03 25.28
CA GLY F 70 -18.80 8.49 23.90
C GLY F 70 -19.68 9.72 23.68
N GLY F 71 -20.09 9.93 22.43
CA GLY F 71 -20.91 11.07 22.10
C GLY F 71 -22.26 11.08 22.77
N SER F 72 -22.69 12.25 23.21
CA SER F 72 -23.98 12.41 23.89
C SER F 72 -25.13 12.42 22.87
N PHE F 73 -26.35 12.26 23.36
CA PHE F 73 -27.52 12.28 22.49
C PHE F 73 -27.59 13.63 21.79
N GLY F 74 -27.20 14.68 22.51
CA GLY F 74 -27.23 16.02 21.96
C GLY F 74 -26.33 16.17 20.75
N LEU F 75 -25.15 15.58 20.81
CA LEU F 75 -24.22 15.65 19.69
C LEU F 75 -24.77 14.89 18.50
N ILE F 76 -25.31 13.69 18.75
CA ILE F 76 -25.87 12.89 17.68
C ILE F 76 -27.04 13.63 17.02
N GLU F 77 -27.82 14.32 17.83
CA GLU F 77 -28.96 15.07 17.32
C GLU F 77 -28.53 16.29 16.53
N GLU F 78 -27.45 16.94 16.97
CA GLU F 78 -26.93 18.11 16.28
C GLU F 78 -26.41 17.71 14.90
N MET F 79 -25.84 16.51 14.80
CA MET F 79 -25.27 16.02 13.55
C MET F 79 -26.35 15.69 12.51
N ARG F 80 -27.35 14.93 12.94
CA ARG F 80 -28.41 14.47 12.07
C ARG F 80 -29.36 15.59 11.66
N ALA F 81 -29.17 16.77 12.27
CA ALA F 81 -30.12 17.86 12.06
C ALA F 81 -29.71 18.83 10.95
N SER F 82 -28.41 18.80 10.60
CA SER F 82 -27.94 19.73 9.58
C SER F 82 -26.66 19.26 8.89
N HIS F 83 -26.61 19.51 7.56
CA HIS F 83 -25.43 19.15 6.77
C HIS F 83 -24.15 19.78 7.34
N GLU F 84 -24.24 21.10 7.59
CA GLU F 84 -23.06 21.81 8.08
C GLU F 84 -22.56 21.23 9.41
N ALA F 85 -23.45 20.81 10.30
CA ALA F 85 -23.04 20.25 11.57
C ALA F 85 -22.45 18.85 11.37
N LEU F 86 -23.09 18.08 10.50
CA LEU F 86 -22.63 16.73 10.22
C LEU F 86 -21.17 16.73 9.74
N LEU F 87 -20.87 17.56 8.75
CA LEU F 87 -19.51 17.63 8.21
C LEU F 87 -18.51 18.25 9.18
N ARG F 88 -18.97 19.14 10.04
CA ARG F 88 -18.08 19.74 11.02
C ARG F 88 -17.64 18.60 11.96
N VAL F 89 -18.62 17.80 12.38
CA VAL F 89 -18.33 16.69 13.28
C VAL F 89 -17.49 15.62 12.59
N PHE F 90 -17.63 15.50 11.27
CA PHE F 90 -16.86 14.52 10.50
C PHE F 90 -15.36 14.77 10.66
N TRP F 91 -14.94 16.02 10.46
CA TRP F 91 -13.53 16.33 10.59
C TRP F 91 -13.07 16.24 12.03
N GLU F 92 -13.97 16.53 12.96
CA GLU F 92 -13.68 16.43 14.38
C GLU F 92 -13.42 14.97 14.75
N ALA F 93 -14.27 14.07 14.26
CA ALA F 93 -14.14 12.64 14.53
C ALA F 93 -12.81 12.14 13.98
N ARG F 94 -12.43 12.66 12.82
CA ARG F 94 -11.17 12.29 12.20
C ARG F 94 -10.01 12.74 13.08
N ASP F 95 -10.05 14.00 13.53
CA ASP F 95 -8.98 14.53 14.37
C ASP F 95 -8.92 13.95 15.78
N LEU F 96 -10.04 13.41 16.27
CA LEU F 96 -10.06 12.82 17.61
C LEU F 96 -9.10 11.64 17.65
N VAL F 97 -8.96 10.96 16.52
CA VAL F 97 -8.07 9.81 16.43
C VAL F 97 -6.69 10.19 15.90
N LEU F 98 -6.68 10.98 14.83
CA LEU F 98 -5.45 11.42 14.19
C LEU F 98 -4.64 12.37 15.08
N GLY F 99 -5.35 13.16 15.89
CA GLY F 99 -4.69 14.11 16.77
C GLY F 99 -3.63 13.47 17.66
N PRO F 100 -4.02 12.48 18.48
CA PRO F 100 -3.07 11.82 19.37
C PRO F 100 -1.97 11.12 18.56
N LEU F 101 -2.36 10.45 17.47
CA LEU F 101 -1.40 9.74 16.63
C LEU F 101 -0.30 10.65 16.06
N ASN F 102 -0.67 11.85 15.66
CA ASN F 102 0.31 12.76 15.10
C ASN F 102 0.95 13.69 16.13
N PHE F 103 0.52 13.60 17.39
CA PHE F 103 1.13 14.40 18.44
C PHE F 103 2.52 13.76 18.61
N PRO F 104 3.57 14.58 18.66
CA PRO F 104 4.95 14.10 18.80
C PRO F 104 5.28 13.27 20.04
N ARG F 105 4.71 13.65 21.17
CA ARG F 105 4.97 12.96 22.44
C ARG F 105 4.05 11.77 22.69
N PRO F 106 4.49 10.84 23.55
CA PRO F 106 3.70 9.66 23.89
C PRO F 106 2.45 10.09 24.64
N VAL F 107 1.34 9.41 24.38
CA VAL F 107 0.07 9.71 25.03
C VAL F 107 -0.40 8.48 25.78
N VAL F 108 -0.73 8.65 27.05
CA VAL F 108 -1.21 7.56 27.89
C VAL F 108 -2.67 7.84 28.28
N ALA F 109 -3.50 6.80 28.25
CA ALA F 109 -4.89 6.95 28.62
C ALA F 109 -5.19 6.12 29.86
N ALA F 110 -5.78 6.77 30.87
CA ALA F 110 -6.16 6.08 32.10
C ALA F 110 -7.64 5.80 31.90
N VAL F 111 -7.93 4.63 31.35
CA VAL F 111 -9.30 4.22 31.03
C VAL F 111 -10.05 3.58 32.19
N GLU F 112 -10.76 4.40 32.93
CA GLU F 112 -11.52 3.95 34.09
C GLU F 112 -12.98 3.64 33.79
N LYS F 113 -13.42 2.50 34.29
CA LYS F 113 -14.80 2.03 34.19
C LYS F 113 -15.44 1.78 32.83
N VAL F 114 -15.41 2.75 31.94
CA VAL F 114 -16.02 2.56 30.63
C VAL F 114 -15.43 3.42 29.51
N ALA F 115 -15.38 2.82 28.33
CA ALA F 115 -14.87 3.51 27.15
C ALA F 115 -15.74 3.00 26.00
N VAL F 116 -16.63 3.85 25.51
CA VAL F 116 -17.55 3.47 24.43
C VAL F 116 -17.57 4.52 23.34
N GLY F 117 -17.76 4.09 22.10
CA GLY F 117 -17.82 5.02 20.99
C GLY F 117 -16.61 5.94 20.92
N ALA F 118 -16.84 7.24 20.79
CA ALA F 118 -15.75 8.20 20.73
C ALA F 118 -14.85 8.03 21.95
N GLY F 119 -15.41 7.52 23.04
CA GLY F 119 -14.62 7.32 24.24
C GLY F 119 -13.57 6.24 24.00
N LEU F 120 -13.96 5.19 23.28
CA LEU F 120 -13.04 4.11 22.97
C LEU F 120 -12.06 4.58 21.91
N ALA F 121 -12.54 5.39 20.97
CA ALA F 121 -11.69 5.90 19.90
C ALA F 121 -10.51 6.65 20.50
N LEU F 122 -10.79 7.54 21.45
CA LEU F 122 -9.76 8.33 22.09
C LEU F 122 -8.81 7.45 22.91
N ALA F 123 -9.38 6.51 23.64
CA ALA F 123 -8.58 5.60 24.47
C ALA F 123 -7.63 4.75 23.63
N LEU F 124 -8.10 4.28 22.49
CA LEU F 124 -7.27 3.45 21.64
C LEU F 124 -6.35 4.24 20.72
N ALA F 125 -6.60 5.54 20.58
CA ALA F 125 -5.76 6.39 19.75
C ALA F 125 -4.49 6.69 20.54
N ALA F 126 -4.61 6.63 21.86
CA ALA F 126 -3.48 6.88 22.73
C ALA F 126 -2.42 5.81 22.48
N ASP F 127 -1.16 6.13 22.74
CA ASP F 127 -0.09 5.16 22.53
C ASP F 127 -0.16 4.00 23.50
N ILE F 128 -0.46 4.30 24.76
CA ILE F 128 -0.57 3.27 25.78
C ILE F 128 -1.84 3.50 26.59
N ALA F 129 -2.70 2.49 26.63
CA ALA F 129 -3.93 2.59 27.40
C ALA F 129 -3.87 1.65 28.59
N VAL F 130 -4.20 2.17 29.75
CA VAL F 130 -4.22 1.36 30.95
C VAL F 130 -5.70 1.25 31.32
N VAL F 131 -6.19 0.02 31.39
CA VAL F 131 -7.59 -0.19 31.72
C VAL F 131 -7.70 -0.95 33.03
N GLY F 132 -8.89 -0.94 33.61
CA GLY F 132 -9.11 -1.68 34.84
C GLY F 132 -9.57 -3.06 34.40
N LYS F 133 -9.33 -4.07 35.22
CA LYS F 133 -9.75 -5.42 34.83
C LYS F 133 -11.25 -5.48 34.58
N GLY F 134 -12.00 -4.60 35.24
CA GLY F 134 -13.44 -4.58 35.07
C GLY F 134 -13.96 -3.48 34.15
N THR F 135 -13.06 -2.73 33.55
CA THR F 135 -13.45 -1.65 32.63
C THR F 135 -14.27 -2.24 31.49
N ARG F 136 -15.30 -1.52 31.05
CA ARG F 136 -16.12 -1.99 29.94
C ARG F 136 -15.71 -1.28 28.67
N LEU F 137 -15.31 -2.06 27.66
CA LEU F 137 -14.88 -1.51 26.38
C LEU F 137 -15.83 -1.97 25.28
N LEU F 138 -16.42 -1.01 24.59
CA LEU F 138 -17.38 -1.31 23.54
C LEU F 138 -17.44 -0.24 22.46
N ASP F 139 -17.43 -0.67 21.20
CA ASP F 139 -17.52 0.27 20.08
C ASP F 139 -18.95 0.80 20.14
N GLY F 140 -19.92 -0.12 20.09
CA GLY F 140 -21.32 0.22 20.20
C GLY F 140 -22.07 0.93 19.09
N HIS F 141 -21.43 1.14 17.95
CA HIS F 141 -22.07 1.83 16.82
C HIS F 141 -23.22 1.02 16.23
N LEU F 142 -23.02 -0.29 16.09
CA LEU F 142 -24.03 -1.16 15.50
C LEU F 142 -25.31 -1.18 16.30
N ARG F 143 -25.19 -1.01 17.61
CA ARG F 143 -26.37 -1.00 18.47
C ARG F 143 -27.13 0.31 18.24
N LEU F 144 -26.38 1.37 17.93
CA LEU F 144 -26.96 2.68 17.66
C LEU F 144 -27.61 2.72 16.28
N GLY F 145 -27.13 1.88 15.38
CA GLY F 145 -27.70 1.83 14.04
C GLY F 145 -26.85 2.44 12.94
N VAL F 146 -25.56 2.63 13.20
CA VAL F 146 -24.66 3.20 12.19
C VAL F 146 -23.36 2.40 12.13
N ALA F 147 -22.62 2.56 11.05
CA ALA F 147 -21.37 1.81 10.87
C ALA F 147 -20.34 2.22 11.93
N ALA F 148 -19.44 1.29 12.25
CA ALA F 148 -18.37 1.56 13.22
C ALA F 148 -17.30 2.35 12.48
N GLY F 149 -17.50 3.64 12.33
CA GLY F 149 -16.54 4.44 11.60
C GLY F 149 -15.74 5.49 12.35
N ASP F 150 -15.83 5.54 13.68
CA ASP F 150 -15.06 6.56 14.38
C ASP F 150 -13.67 6.16 14.87
N HIS F 151 -13.24 4.94 14.56
CA HIS F 151 -11.90 4.47 14.93
C HIS F 151 -11.63 3.01 14.63
N ALA F 152 -12.65 2.18 14.84
CA ALA F 152 -12.50 0.73 14.70
C ALA F 152 -11.78 0.23 13.46
N VAL F 153 -12.07 0.81 12.31
CA VAL F 153 -11.44 0.37 11.07
C VAL F 153 -9.97 0.79 10.96
N LEU F 154 -9.59 1.85 11.65
CA LEU F 154 -8.20 2.28 11.60
C LEU F 154 -7.36 1.52 12.61
N LEU F 155 -7.93 1.24 13.78
CA LEU F 155 -7.17 0.64 14.86
C LEU F 155 -7.27 -0.84 15.22
N TRP F 156 -8.50 -1.36 15.28
CA TRP F 156 -8.71 -2.74 15.68
C TRP F 156 -7.98 -3.85 14.90
N PRO F 157 -7.96 -3.79 13.55
CA PRO F 157 -7.25 -4.89 12.88
C PRO F 157 -5.80 -5.11 13.34
N LEU F 158 -5.04 -4.02 13.48
CA LEU F 158 -3.65 -4.12 13.92
C LEU F 158 -3.52 -4.24 15.43
N LEU F 159 -4.64 -4.34 16.14
CA LEU F 159 -4.58 -4.49 17.58
C LEU F 159 -4.94 -5.91 18.00
N VAL F 160 -6.07 -6.41 17.49
CA VAL F 160 -6.53 -7.75 17.87
C VAL F 160 -6.75 -8.74 16.74
N GLY F 161 -6.51 -8.32 15.50
CA GLY F 161 -6.72 -9.24 14.39
C GLY F 161 -8.14 -9.09 13.85
N MET F 162 -8.37 -9.53 12.63
CA MET F 162 -9.69 -9.37 12.02
C MET F 162 -10.82 -10.22 12.60
N ALA F 163 -10.51 -11.42 13.08
CA ALA F 163 -11.56 -12.28 13.65
C ALA F 163 -12.19 -11.66 14.90
N LYS F 164 -11.34 -11.26 15.85
CA LYS F 164 -11.85 -10.65 17.06
C LYS F 164 -12.46 -9.28 16.75
N ALA F 165 -11.88 -8.58 15.78
CA ALA F 165 -12.41 -7.28 15.40
C ALA F 165 -13.85 -7.45 14.90
N LYS F 166 -14.02 -8.28 13.89
CA LYS F 166 -15.35 -8.52 13.34
C LYS F 166 -16.35 -9.00 14.38
N TYR F 167 -15.90 -9.90 15.25
CA TYR F 167 -16.80 -10.44 16.27
C TYR F 167 -17.33 -9.38 17.23
N HIS F 168 -16.43 -8.59 17.79
CA HIS F 168 -16.83 -7.57 18.74
C HIS F 168 -17.48 -6.33 18.12
N LEU F 169 -17.07 -5.98 16.90
CA LEU F 169 -17.62 -4.80 16.23
C LEU F 169 -18.96 -5.04 15.54
N LEU F 170 -19.15 -6.21 14.94
CA LEU F 170 -20.39 -6.50 14.26
C LEU F 170 -21.53 -6.88 15.22
N LEU F 171 -21.18 -7.52 16.33
CA LEU F 171 -22.17 -7.94 17.32
C LEU F 171 -22.31 -7.03 18.52
N ASN F 172 -21.46 -6.01 18.61
CA ASN F 172 -21.52 -5.11 19.75
C ASN F 172 -21.36 -5.96 21.01
N GLU F 173 -20.32 -6.78 21.03
CA GLU F 173 -20.03 -7.62 22.20
C GLU F 173 -19.03 -6.84 23.04
N PRO F 174 -19.41 -6.47 24.27
CA PRO F 174 -18.49 -5.72 25.12
C PRO F 174 -17.30 -6.56 25.54
N LEU F 175 -16.22 -5.88 25.91
CA LEU F 175 -15.01 -6.53 26.37
C LEU F 175 -14.66 -5.94 27.73
N THR F 176 -14.25 -6.78 28.66
CA THR F 176 -13.84 -6.26 29.95
C THR F 176 -12.37 -5.88 29.75
N GLY F 177 -11.83 -5.07 30.66
CA GLY F 177 -10.44 -4.66 30.53
C GLY F 177 -9.52 -5.86 30.49
N GLU F 178 -9.78 -6.83 31.36
CA GLU F 178 -8.98 -8.04 31.42
C GLU F 178 -8.98 -8.78 30.09
N GLU F 179 -10.16 -8.92 29.48
CA GLU F 179 -10.27 -9.62 28.20
C GLU F 179 -9.62 -8.84 27.08
N ALA F 180 -9.72 -7.52 27.14
CA ALA F 180 -9.13 -6.66 26.12
C ALA F 180 -7.60 -6.74 26.13
N GLU F 181 -7.01 -6.85 27.31
CA GLU F 181 -5.55 -6.92 27.37
C GLU F 181 -5.07 -8.26 26.81
N ARG F 182 -5.80 -9.33 27.13
CA ARG F 182 -5.44 -10.66 26.66
C ARG F 182 -5.53 -10.77 25.14
N LEU F 183 -6.45 -10.00 24.54
CA LEU F 183 -6.59 -10.01 23.08
C LEU F 183 -5.54 -9.12 22.43
N GLY F 184 -4.98 -8.20 23.19
CA GLY F 184 -3.97 -7.30 22.66
C GLY F 184 -4.51 -5.93 22.28
N LEU F 185 -5.75 -5.64 22.69
CA LEU F 185 -6.37 -4.35 22.38
C LEU F 185 -5.73 -3.21 23.17
N VAL F 186 -5.32 -3.52 24.40
CA VAL F 186 -4.68 -2.54 25.27
C VAL F 186 -3.47 -3.19 25.92
N ALA F 187 -2.54 -2.36 26.38
CA ALA F 187 -1.29 -2.85 26.97
C ALA F 187 -1.40 -3.47 28.34
N LEU F 188 -2.11 -2.80 29.25
CA LEU F 188 -2.23 -3.26 30.63
C LEU F 188 -3.65 -3.20 31.20
N ALA F 189 -3.97 -4.16 32.04
CA ALA F 189 -5.26 -4.24 32.73
C ALA F 189 -4.92 -4.45 34.19
N VAL F 190 -5.14 -3.43 35.01
CA VAL F 190 -4.82 -3.53 36.42
C VAL F 190 -6.07 -3.46 37.27
N GLU F 191 -5.91 -3.57 38.59
CA GLU F 191 -7.05 -3.49 39.48
C GLU F 191 -7.73 -2.15 39.25
N ASP F 192 -9.06 -2.17 39.22
CA ASP F 192 -9.84 -0.97 38.97
C ASP F 192 -9.40 0.28 39.73
N GLU F 193 -9.16 0.18 41.03
CA GLU F 193 -8.76 1.37 41.77
C GLU F 193 -7.32 1.79 41.54
N LYS F 194 -6.57 1.01 40.76
CA LYS F 194 -5.17 1.32 40.47
C LYS F 194 -4.93 1.85 39.06
N VAL F 195 -5.99 1.99 38.26
CA VAL F 195 -5.84 2.46 36.88
C VAL F 195 -5.12 3.81 36.74
N TYR F 196 -5.63 4.83 37.42
CA TYR F 196 -4.98 6.14 37.33
C TYR F 196 -3.54 6.07 37.81
N GLU F 197 -3.34 5.46 38.99
CA GLU F 197 -2.01 5.31 39.58
C GLU F 197 -1.00 4.72 38.60
N LYS F 198 -1.38 3.61 37.96
CA LYS F 198 -0.50 2.94 37.01
C LYS F 198 -0.30 3.80 35.76
N ALA F 199 -1.39 4.34 35.24
CA ALA F 199 -1.32 5.20 34.07
C ALA F 199 -0.33 6.33 34.31
N LEU F 200 -0.39 6.91 35.51
CA LEU F 200 0.51 8.01 35.87
C LEU F 200 1.95 7.50 35.91
N GLU F 201 2.14 6.30 36.44
CA GLU F 201 3.46 5.71 36.53
C GLU F 201 4.05 5.55 35.13
N VAL F 202 3.23 5.05 34.21
CA VAL F 202 3.65 4.84 32.83
C VAL F 202 4.00 6.19 32.18
N ALA F 203 3.14 7.17 32.37
CA ALA F 203 3.39 8.49 31.81
C ALA F 203 4.70 9.07 32.33
N GLU F 204 4.94 8.93 33.63
CA GLU F 204 6.17 9.46 34.21
C GLU F 204 7.39 8.75 33.65
N ARG F 205 7.29 7.44 33.44
CA ARG F 205 8.39 6.67 32.88
C ARG F 205 8.73 7.19 31.49
N LEU F 206 7.69 7.43 30.69
CA LEU F 206 7.88 7.94 29.34
C LEU F 206 8.51 9.33 29.38
N ALA F 207 8.10 10.14 30.35
CA ALA F 207 8.64 11.49 30.49
C ALA F 207 10.12 11.45 30.87
N GLN F 208 10.54 10.35 31.51
CA GLN F 208 11.94 10.19 31.91
C GLN F 208 12.74 9.54 30.79
N GLY F 209 12.06 9.22 29.69
CA GLY F 209 12.73 8.59 28.57
C GLY F 209 13.32 9.61 27.63
N PRO F 210 14.03 9.15 26.58
CA PRO F 210 14.64 10.06 25.59
C PRO F 210 13.61 10.66 24.63
N LYS F 211 13.41 11.97 24.75
CA LYS F 211 12.44 12.72 23.96
C LYS F 211 12.49 12.52 22.43
N GLU F 212 13.64 12.78 21.82
CA GLU F 212 13.76 12.62 20.38
C GLU F 212 13.53 11.19 19.93
N ALA F 213 14.17 10.26 20.63
CA ALA F 213 14.04 8.83 20.29
C ALA F 213 12.59 8.35 20.40
N LEU F 214 11.89 8.80 21.45
CA LEU F 214 10.50 8.41 21.65
C LEU F 214 9.63 8.98 20.55
N HIS F 215 9.88 10.24 20.18
CA HIS F 215 9.13 10.91 19.12
C HIS F 215 9.29 10.15 17.82
N HIS F 216 10.53 9.85 17.45
CA HIS F 216 10.82 9.14 16.21
C HIS F 216 10.28 7.72 16.18
N THR F 217 10.32 7.02 17.30
CA THR F 217 9.83 5.65 17.33
C THR F 217 8.31 5.66 17.20
N LYS F 218 7.65 6.57 17.94
CA LYS F 218 6.20 6.67 17.86
C LYS F 218 5.81 7.05 16.44
N HIS F 219 6.51 8.04 15.89
CA HIS F 219 6.21 8.49 14.54
C HIS F 219 6.35 7.37 13.52
N ALA F 220 7.46 6.62 13.61
CA ALA F 220 7.71 5.53 12.68
C ALA F 220 6.69 4.42 12.81
N LEU F 221 6.36 4.06 14.04
CA LEU F 221 5.37 3.02 14.26
C LEU F 221 4.00 3.43 13.73
N ASN F 222 3.63 4.70 13.95
CA ASN F 222 2.33 5.18 13.51
C ASN F 222 2.11 5.22 12.00
N HIS F 223 3.18 5.09 11.21
CA HIS F 223 3.03 5.06 9.77
C HIS F 223 2.24 3.81 9.38
N TRP F 224 2.23 2.83 10.27
CA TRP F 224 1.46 1.61 10.02
C TRP F 224 0.00 2.00 9.96
N TYR F 225 -0.41 2.84 10.90
CA TYR F 225 -1.80 3.29 10.93
C TYR F 225 -2.07 4.24 9.77
N ARG F 226 -1.16 5.17 9.53
CA ARG F 226 -1.34 6.13 8.44
C ARG F 226 -1.49 5.48 7.07
N SER F 227 -0.91 4.30 6.89
CA SER F 227 -1.03 3.62 5.59
C SER F 227 -2.47 3.18 5.32
N PHE F 228 -3.26 3.13 6.38
CA PHE F 228 -4.66 2.74 6.26
C PHE F 228 -5.61 3.90 6.54
N LEU F 229 -5.13 5.12 6.38
CA LEU F 229 -5.98 6.29 6.62
C LEU F 229 -7.18 6.32 5.68
N PRO F 230 -6.99 6.01 4.39
CA PRO F 230 -8.14 6.04 3.49
C PRO F 230 -9.19 5.01 3.96
N HIS F 231 -8.73 3.87 4.46
CA HIS F 231 -9.63 2.83 4.95
C HIS F 231 -10.49 3.40 6.07
N PHE F 232 -9.82 4.12 6.97
CA PHE F 232 -10.47 4.73 8.11
C PHE F 232 -11.47 5.81 7.72
N GLU F 233 -11.03 6.75 6.89
CA GLU F 233 -11.92 7.82 6.48
C GLU F 233 -13.13 7.33 5.70
N LEU F 234 -12.97 6.25 4.92
CA LEU F 234 -14.09 5.70 4.19
C LEU F 234 -15.10 5.16 5.20
N SER F 235 -14.63 4.45 6.22
CA SER F 235 -15.56 3.90 7.20
C SER F 235 -16.33 5.04 7.87
N LEU F 236 -15.62 6.13 8.17
CA LEU F 236 -16.23 7.30 8.82
C LEU F 236 -17.26 7.93 7.90
N ALA F 237 -16.92 8.07 6.62
CA ALA F 237 -17.83 8.66 5.65
C ALA F 237 -19.06 7.79 5.51
N LEU F 238 -18.87 6.47 5.49
CA LEU F 238 -20.01 5.55 5.38
C LEU F 238 -20.90 5.66 6.61
N GLU F 239 -20.29 5.81 7.78
CA GLU F 239 -21.05 5.94 9.02
C GLU F 239 -21.93 7.19 8.94
N PHE F 240 -21.30 8.31 8.59
CA PHE F 240 -22.02 9.57 8.48
C PHE F 240 -23.11 9.56 7.41
N LEU F 241 -22.92 8.80 6.35
CA LEU F 241 -23.95 8.71 5.33
C LEU F 241 -25.16 7.98 5.95
N GLY F 242 -24.89 7.18 6.98
CA GLY F 242 -25.96 6.45 7.63
C GLY F 242 -26.78 7.30 8.59
N PHE F 243 -26.31 8.50 8.91
CA PHE F 243 -27.03 9.37 9.83
C PHE F 243 -28.37 9.82 9.29
N SER F 244 -28.56 9.73 7.97
CA SER F 244 -29.82 10.14 7.35
C SER F 244 -30.72 8.93 7.10
N GLY F 245 -30.32 7.76 7.59
CA GLY F 245 -31.10 6.55 7.38
C GLY F 245 -32.07 6.21 8.51
N LYS F 246 -32.95 5.26 8.24
CA LYS F 246 -33.95 4.83 9.20
C LYS F 246 -33.36 3.98 10.31
N GLU F 247 -32.20 3.36 10.06
CA GLU F 247 -31.58 2.52 11.07
C GLU F 247 -31.13 3.35 12.27
N LEU F 248 -30.50 4.49 12.02
CA LEU F 248 -30.06 5.35 13.13
C LEU F 248 -31.27 5.89 13.88
N GLU F 249 -32.34 6.15 13.13
CA GLU F 249 -33.57 6.66 13.74
C GLU F 249 -34.10 5.65 14.76
N GLU F 250 -34.11 4.38 14.36
CA GLU F 250 -34.59 3.31 15.23
C GLU F 250 -33.63 3.06 16.42
N GLY F 251 -32.33 3.09 16.14
CA GLY F 251 -31.37 2.86 17.19
C GLY F 251 -31.42 3.95 18.24
N LEU F 252 -31.43 5.19 17.77
CA LEU F 252 -31.47 6.36 18.62
C LEU F 252 -32.74 6.36 19.46
N LYS F 253 -33.86 6.01 18.83
CA LYS F 253 -35.15 5.96 19.50
C LYS F 253 -35.16 4.86 20.57
N ALA F 254 -34.66 3.69 20.20
CA ALA F 254 -34.60 2.56 21.12
C ALA F 254 -33.74 2.85 22.35
N LEU F 255 -32.60 3.50 22.12
CA LEU F 255 -31.68 3.83 23.21
C LEU F 255 -32.32 4.76 24.23
N LYS F 256 -32.78 5.92 23.77
CA LYS F 256 -33.42 6.91 24.65
C LYS F 256 -34.66 6.35 25.30
N GLU F 257 -35.24 5.36 24.65
CA GLU F 257 -36.47 4.73 25.09
C GLU F 257 -36.18 3.45 25.89
N LYS F 258 -34.89 3.20 26.16
CA LYS F 258 -34.45 2.04 26.92
C LYS F 258 -35.10 0.72 26.48
N ARG F 259 -34.98 0.39 25.20
CA ARG F 259 -35.55 -0.85 24.67
C ARG F 259 -34.69 -1.40 23.55
N PRO F 260 -34.79 -2.71 23.26
CA PRO F 260 -34.00 -3.30 22.18
C PRO F 260 -34.43 -2.72 20.83
N PRO F 261 -33.47 -2.44 19.95
CA PRO F 261 -33.81 -1.88 18.63
C PRO F 261 -34.48 -2.89 17.71
N GLU F 262 -35.43 -2.42 16.93
CA GLU F 262 -36.16 -3.25 15.98
C GLU F 262 -35.85 -2.69 14.60
N PHE F 263 -34.68 -3.07 14.07
CA PHE F 263 -34.23 -2.59 12.78
C PHE F 263 -35.06 -3.06 11.60
N PRO F 264 -35.27 -2.18 10.62
CA PRO F 264 -36.05 -2.47 9.40
C PRO F 264 -35.40 -3.46 8.45
C1 MPD G . 11.26 -15.50 -19.38
C2 MPD G . 11.59 -14.76 -20.68
O2 MPD G . 11.34 -13.35 -20.51
CM MPD G . 13.05 -14.95 -21.04
C3 MPD G . 10.72 -15.28 -21.86
C4 MPD G . 9.22 -15.15 -21.58
O4 MPD G . 8.86 -13.79 -21.29
C5 MPD G . 8.42 -15.65 -22.81
C1 MPD H . 3.12 9.07 -16.65
C2 MPD H . 1.99 9.87 -15.97
O2 MPD H . 2.51 11.09 -15.45
CM MPD H . 0.90 10.17 -16.99
C3 MPD H . 1.36 9.02 -14.83
C4 MPD H . 2.37 8.67 -13.73
O4 MPD H . 2.91 9.86 -13.16
C5 MPD H . 1.70 7.83 -12.64
C1 MPD I . 16.30 21.30 3.94
C2 MPD I . 16.46 22.29 2.78
O2 MPD I . 15.56 21.92 1.71
CM MPD I . 16.12 23.69 3.23
C3 MPD I . 17.91 22.28 2.24
C4 MPD I . 18.36 20.89 1.77
O4 MPD I . 17.48 20.36 0.77
C5 MPD I . 19.80 20.98 1.23
C1 MPD J . -23.82 9.21 -9.22
C2 MPD J . -23.80 9.94 -10.57
O2 MPD J . -22.50 9.85 -11.15
CM MPD J . -24.81 9.28 -11.53
C3 MPD J . -24.18 11.43 -10.42
C4 MPD J . -23.25 12.18 -9.45
O4 MPD J . -21.89 12.08 -9.87
C5 MPD J . -23.66 13.65 -9.36
C1 MPD K . 23.05 -0.93 14.14
C2 MPD K . 23.08 -1.80 15.41
O2 MPD K . 21.85 -2.54 15.49
CM MPD K . 24.24 -2.78 15.34
C3 MPD K . 23.22 -0.95 16.68
C4 MPD K . 22.11 0.10 16.84
O4 MPD K . 20.81 -0.51 16.82
C5 MPD K . 22.31 0.88 18.13
C1 MPD L . -1.01 -10.00 16.30
C2 MPD L . -2.47 -9.56 16.04
O2 MPD L . -3.22 -10.67 15.55
CM MPD L . -3.07 -9.06 17.34
C3 MPD L . -2.50 -8.39 15.01
C4 MPD L . -1.92 -8.80 13.65
O4 MPD L . -2.68 -9.87 13.10
C5 MPD L . -1.97 -7.61 12.68
C1 MPD M . -7.63 -25.56 -5.34
C2 MPD M . -7.98 -26.45 -4.14
O2 MPD M . -7.99 -25.64 -2.95
CM MPD M . -9.36 -27.05 -4.34
C3 MPD M . -6.96 -27.60 -3.97
C4 MPD M . -5.51 -27.12 -3.76
O4 MPD M . -5.41 -26.26 -2.62
C5 MPD M . -4.59 -28.33 -3.58
C1 MPD N . -19.27 11.33 15.47
C2 MPD N . -19.34 10.75 16.89
O2 MPD N . -18.30 9.77 17.06
CM MPD N . -19.13 11.87 17.92
C3 MPD N . -20.70 10.09 17.16
C4 MPD N . -21.00 8.96 16.16
O4 MPD N . -19.98 7.97 16.17
C5 MPD N . -22.36 8.33 16.51
#